data_4ASW
#
_entry.id   4ASW
#
_cell.length_a   1.000
_cell.length_b   1.000
_cell.length_c   1.000
_cell.angle_alpha   90.00
_cell.angle_beta   90.00
_cell.angle_gamma   90.00
#
_symmetry.space_group_name_H-M   'P 1'
#
loop_
_entity.id
_entity.type
_entity.pdbx_description
1 polymer 'SMALL GLUTAMINE-RICH TETRATRICOPEPTIDE REPEAT-CONTAINING PROTEIN 2'
2 polymer 'UBIQUITIN-LIKE PROTEIN MDY2'
#
loop_
_entity_poly.entity_id
_entity_poly.type
_entity_poly.pdbx_seq_one_letter_code
_entity_poly.pdbx_strand_id
1 'polypeptide(L)'
;MAHHHHHHVDDDDMMSASKEEIAALIVNYFSSIVEKKEISEDGADSLNVAMDCISEAFGFEREAVSGILGKSEFKGQHLA
DILNSASRVPES
;
A,B
2 'polypeptide(L)'
;DNAAVHLTLKKIQAPKFSIEHDFSPSDTILQIKQHLISEEKASHISEIKLLLKGKVLHDNLFLSDLKVTPANSTITVMIK
PNP
;
C
#
# COMPACT_ATOMS: atom_id res chain seq x y z
N MET A 14 2.93 -7.32 -21.58
CA MET A 14 4.07 -7.28 -22.54
C MET A 14 4.91 -8.56 -22.45
N MET A 15 5.87 -8.59 -21.53
CA MET A 15 6.73 -9.75 -21.37
C MET A 15 6.01 -10.88 -20.63
N SER A 16 5.84 -10.74 -19.33
CA SER A 16 5.15 -11.76 -18.55
C SER A 16 4.28 -11.16 -17.47
N ALA A 17 4.48 -9.88 -17.18
CA ALA A 17 3.72 -9.18 -16.16
C ALA A 17 3.91 -9.83 -14.80
N SER A 18 5.16 -10.10 -14.47
CA SER A 18 5.49 -10.72 -13.20
C SER A 18 5.27 -9.72 -12.06
N LYS A 19 5.38 -10.20 -10.84
CA LYS A 19 5.18 -9.38 -9.66
C LYS A 19 6.06 -8.14 -9.68
N GLU A 20 7.32 -8.30 -10.07
CA GLU A 20 8.25 -7.19 -10.13
C GLU A 20 7.88 -6.21 -11.25
N GLU A 21 7.37 -6.74 -12.35
CA GLU A 21 6.97 -5.92 -13.49
C GLU A 21 5.81 -5.01 -13.12
N ILE A 22 4.81 -5.61 -12.47
CA ILE A 22 3.63 -4.87 -12.04
C ILE A 22 3.95 -3.91 -10.91
N ALA A 23 4.73 -4.38 -9.94
CA ALA A 23 5.12 -3.58 -8.78
C ALA A 23 5.76 -2.25 -9.19
N ALA A 24 6.64 -2.32 -10.17
CA ALA A 24 7.33 -1.13 -10.67
C ALA A 24 6.34 -0.10 -11.18
N LEU A 25 5.34 -0.56 -11.91
CA LEU A 25 4.32 0.31 -12.47
C LEU A 25 3.43 0.90 -11.38
N ILE A 26 3.17 0.09 -10.35
CA ILE A 26 2.34 0.52 -9.23
C ILE A 26 3.02 1.65 -8.47
N VAL A 27 4.26 1.43 -8.07
CA VAL A 27 5.02 2.45 -7.33
C VAL A 27 5.27 3.67 -8.20
N ASN A 28 5.42 3.45 -9.50
CA ASN A 28 5.65 4.54 -10.45
C ASN A 28 4.40 5.41 -10.53
N TYR A 29 3.23 4.78 -10.53
CA TYR A 29 1.97 5.49 -10.58
C TYR A 29 1.83 6.40 -9.37
N PHE A 30 2.14 5.85 -8.19
CA PHE A 30 2.06 6.61 -6.95
C PHE A 30 3.04 7.79 -6.99
N SER A 31 4.22 7.55 -7.55
CA SER A 31 5.23 8.58 -7.68
C SER A 31 4.74 9.70 -8.61
N SER A 32 4.00 9.32 -9.64
CA SER A 32 3.46 10.28 -10.59
C SER A 32 2.40 11.15 -9.93
N ILE A 33 1.56 10.53 -9.10
CA ILE A 33 0.49 11.23 -8.40
C ILE A 33 1.04 12.32 -7.49
N VAL A 34 2.03 11.97 -6.69
CA VAL A 34 2.63 12.92 -5.76
C VAL A 34 3.51 13.95 -6.48
N GLU A 35 4.05 13.58 -7.63
CA GLU A 35 4.91 14.49 -8.39
C GLU A 35 4.14 15.72 -8.85
N LYS A 36 3.02 15.50 -9.53
CA LYS A 36 2.19 16.60 -10.03
C LYS A 36 1.17 17.02 -8.98
N LYS A 37 1.32 16.46 -7.78
CA LYS A 37 0.43 16.75 -6.65
C LYS A 37 -1.04 16.57 -7.01
N GLU A 38 -1.43 15.32 -7.23
CA GLU A 38 -2.81 15.00 -7.56
C GLU A 38 -3.55 14.47 -6.33
N ILE A 39 -2.88 14.49 -5.20
CA ILE A 39 -3.44 14.01 -3.96
C ILE A 39 -3.03 14.93 -2.80
N SER A 40 -3.88 15.05 -1.80
CA SER A 40 -3.62 15.88 -0.65
C SER A 40 -2.57 15.25 0.25
N GLU A 41 -1.92 16.07 1.07
CA GLU A 41 -0.89 15.60 2.00
C GLU A 41 -1.41 14.50 2.93
N ASP A 42 -2.72 14.48 3.14
CA ASP A 42 -3.36 13.48 4.00
C ASP A 42 -3.09 12.07 3.46
N GLY A 43 -3.43 11.87 2.20
CA GLY A 43 -3.23 10.56 1.58
C GLY A 43 -1.84 10.41 1.01
N ALA A 44 -1.15 11.53 0.83
CA ALA A 44 0.20 11.52 0.29
C ALA A 44 1.15 10.70 1.16
N ASP A 45 1.09 10.90 2.46
CA ASP A 45 1.95 10.16 3.38
C ASP A 45 1.54 8.69 3.45
N SER A 46 0.26 8.42 3.23
CA SER A 46 -0.25 7.06 3.23
C SER A 46 0.39 6.26 2.09
N LEU A 47 0.40 6.85 0.90
CA LEU A 47 0.99 6.20 -0.27
C LEU A 47 2.51 6.18 -0.12
N ASN A 48 3.03 7.19 0.56
CA ASN A 48 4.47 7.32 0.80
C ASN A 48 5.00 6.08 1.53
N VAL A 49 4.31 5.67 2.59
CA VAL A 49 4.71 4.51 3.36
C VAL A 49 4.30 3.21 2.65
N ALA A 50 3.13 3.22 2.03
CA ALA A 50 2.63 2.05 1.31
C ALA A 50 3.59 1.62 0.21
N MET A 51 4.15 2.62 -0.48
CA MET A 51 5.11 2.37 -1.56
C MET A 51 6.30 1.55 -1.05
N ASP A 52 6.75 1.89 0.15
CA ASP A 52 7.89 1.21 0.76
C ASP A 52 7.51 -0.21 1.15
N CYS A 53 6.31 -0.37 1.70
CA CYS A 53 5.83 -1.69 2.11
C CYS A 53 5.78 -2.62 0.90
N ILE A 54 5.32 -2.08 -0.23
CA ILE A 54 5.24 -2.85 -1.46
C ILE A 54 6.63 -3.25 -1.92
N SER A 55 7.57 -2.31 -1.81
CA SER A 55 8.95 -2.55 -2.21
C SER A 55 9.57 -3.69 -1.41
N GLU A 56 9.35 -3.69 -0.10
CA GLU A 56 9.89 -4.72 0.78
C GLU A 56 9.21 -6.08 0.54
N ALA A 57 7.91 -6.05 0.29
CA ALA A 57 7.13 -7.27 0.06
C ALA A 57 7.63 -8.06 -1.14
N PHE A 58 7.94 -7.37 -2.23
CA PHE A 58 8.40 -8.04 -3.45
C PHE A 58 9.92 -8.21 -3.47
N GLY A 59 10.61 -7.46 -2.62
CA GLY A 59 12.05 -7.56 -2.54
C GLY A 59 12.80 -6.66 -3.50
N PHE A 60 12.56 -5.36 -3.39
CA PHE A 60 13.25 -4.39 -4.23
C PHE A 60 13.35 -3.06 -3.51
N GLU A 61 14.33 -2.26 -3.89
CA GLU A 61 14.54 -0.96 -3.26
C GLU A 61 13.60 0.10 -3.83
N ARG A 62 13.14 0.97 -2.95
CA ARG A 62 12.21 2.05 -3.33
C ARG A 62 12.79 2.93 -4.43
N GLU A 63 14.07 3.25 -4.31
CA GLU A 63 14.76 4.10 -5.27
C GLU A 63 15.36 3.29 -6.42
N ALA A 64 15.01 2.02 -6.51
CA ALA A 64 15.53 1.16 -7.58
C ALA A 64 14.51 1.00 -8.69
N VAL A 65 13.40 1.73 -8.58
CA VAL A 65 12.33 1.68 -9.58
C VAL A 65 12.85 2.12 -10.96
N SER A 66 13.80 3.03 -10.96
CA SER A 66 14.39 3.55 -12.19
C SER A 66 15.09 2.44 -12.96
N GLY A 67 15.69 1.50 -12.23
CA GLY A 67 16.37 0.41 -12.87
C GLY A 67 15.41 -0.66 -13.35
N ILE A 68 14.37 -0.91 -12.56
CA ILE A 68 13.36 -1.91 -12.91
C ILE A 68 12.65 -1.53 -14.21
N LEU A 69 12.31 -0.25 -14.33
CA LEU A 69 11.63 0.25 -15.52
C LEU A 69 12.56 0.21 -16.73
N GLY A 70 13.86 0.21 -16.45
CA GLY A 70 14.85 0.17 -17.52
C GLY A 70 15.08 -1.24 -18.03
N LYS A 71 15.33 -2.17 -17.12
CA LYS A 71 15.58 -3.56 -17.48
C LYS A 71 14.33 -4.22 -18.08
N SER A 72 13.15 -3.74 -17.69
CA SER A 72 11.90 -4.27 -18.21
C SER A 72 11.44 -3.41 -19.39
N GLU A 73 10.54 -3.92 -20.21
CA GLU A 73 10.05 -3.17 -21.36
C GLU A 73 8.85 -2.32 -20.99
N PHE A 74 9.02 -1.47 -19.99
CA PHE A 74 7.95 -0.58 -19.53
C PHE A 74 8.49 0.84 -19.35
N LYS A 75 9.63 1.10 -19.98
CA LYS A 75 10.26 2.42 -19.91
C LYS A 75 9.42 3.45 -20.65
N GLY A 76 9.15 4.57 -20.00
CA GLY A 76 8.36 5.61 -20.63
C GLY A 76 6.87 5.31 -20.56
N GLN A 77 6.50 4.38 -19.69
CA GLN A 77 5.11 4.00 -19.53
C GLN A 77 4.74 3.94 -18.05
N HIS A 78 3.63 4.57 -17.71
CA HIS A 78 3.14 4.59 -16.34
C HIS A 78 1.89 3.73 -16.26
N LEU A 79 1.56 3.26 -15.05
CA LEU A 79 0.39 2.42 -14.85
C LEU A 79 -0.88 3.09 -15.39
N ALA A 80 -0.91 4.41 -15.29
CA ALA A 80 -2.04 5.20 -15.77
C ALA A 80 -2.18 5.10 -17.29
N ASP A 81 -1.12 5.48 -18.02
CA ASP A 81 -1.13 5.44 -19.48
C ASP A 81 -1.36 4.04 -20.01
N ILE A 82 -0.82 3.04 -19.31
CA ILE A 82 -0.99 1.65 -19.72
C ILE A 82 -2.46 1.24 -19.63
N LEU A 83 -3.08 1.48 -18.49
CA LEU A 83 -4.50 1.15 -18.29
C LEU A 83 -5.37 1.99 -19.21
N ASN A 84 -4.91 3.20 -19.49
CA ASN A 84 -5.63 4.12 -20.36
C ASN A 84 -5.68 3.59 -21.79
N SER A 85 -4.74 2.72 -22.13
CA SER A 85 -4.68 2.14 -23.46
C SER A 85 -5.42 0.80 -23.51
N ALA A 86 -5.99 0.39 -22.39
CA ALA A 86 -6.70 -0.88 -22.31
C ALA A 86 -8.19 -0.68 -22.56
N SER A 87 -8.61 -0.96 -23.79
CA SER A 87 -10.01 -0.81 -24.16
C SER A 87 -10.79 -2.10 -23.89
N ARG A 88 -10.91 -2.46 -22.63
CA ARG A 88 -11.64 -3.66 -22.24
C ARG A 88 -13.13 -3.43 -22.43
N VAL A 89 -13.76 -4.26 -23.27
CA VAL A 89 -15.19 -4.14 -23.52
C VAL A 89 -15.95 -5.25 -22.80
N PRO A 90 -16.82 -4.88 -21.85
CA PRO A 90 -17.61 -5.84 -21.09
C PRO A 90 -18.76 -6.41 -21.92
N GLU A 91 -18.58 -7.63 -22.40
CA GLU A 91 -19.59 -8.29 -23.22
C GLU A 91 -20.48 -9.15 -22.33
N SER A 92 -21.06 -8.52 -21.32
CA SER A 92 -21.94 -9.19 -20.38
C SER A 92 -23.29 -9.52 -21.02
N MET B 14 -11.27 1.38 -20.99
CA MET B 14 -11.77 2.02 -22.22
C MET B 14 -12.23 3.45 -21.91
N MET B 15 -12.99 3.62 -20.84
CA MET B 15 -13.47 4.94 -20.44
C MET B 15 -12.40 5.67 -19.64
N SER B 16 -11.24 5.86 -20.27
CA SER B 16 -10.09 6.51 -19.65
C SER B 16 -9.54 5.68 -18.48
N ALA B 17 -8.73 6.30 -17.66
CA ALA B 17 -8.15 5.60 -16.51
C ALA B 17 -8.39 6.39 -15.24
N SER B 18 -9.56 6.23 -14.65
CA SER B 18 -9.90 6.92 -13.42
C SER B 18 -9.08 6.38 -12.25
N LYS B 19 -8.66 7.27 -11.37
CA LYS B 19 -7.85 6.92 -10.21
C LYS B 19 -8.46 5.80 -9.38
N GLU B 20 -9.75 5.89 -9.11
CA GLU B 20 -10.43 4.87 -8.31
C GLU B 20 -10.47 3.53 -9.04
N GLU B 21 -10.57 3.58 -10.36
CA GLU B 21 -10.62 2.37 -11.17
C GLU B 21 -9.25 1.68 -11.16
N ILE B 22 -8.19 2.48 -11.22
CA ILE B 22 -6.85 1.95 -11.19
C ILE B 22 -6.55 1.37 -9.81
N ALA B 23 -6.93 2.13 -8.78
CA ALA B 23 -6.72 1.71 -7.40
C ALA B 23 -7.45 0.40 -7.11
N ALA B 24 -8.63 0.25 -7.69
CA ALA B 24 -9.42 -0.97 -7.50
C ALA B 24 -8.67 -2.18 -8.03
N LEU B 25 -7.99 -2.01 -9.16
CA LEU B 25 -7.23 -3.09 -9.77
C LEU B 25 -5.98 -3.39 -8.94
N ILE B 26 -5.41 -2.35 -8.35
CA ILE B 26 -4.21 -2.49 -7.53
C ILE B 26 -4.52 -3.35 -6.30
N VAL B 27 -5.58 -2.99 -5.58
CA VAL B 27 -5.96 -3.73 -4.38
C VAL B 27 -6.44 -5.14 -4.76
N ASN B 28 -7.10 -5.25 -5.91
CA ASN B 28 -7.58 -6.54 -6.40
C ASN B 28 -6.39 -7.46 -6.67
N TYR B 29 -5.33 -6.88 -7.23
CA TYR B 29 -4.13 -7.63 -7.53
C TYR B 29 -3.55 -8.23 -6.26
N PHE B 30 -3.41 -7.42 -5.22
CA PHE B 30 -2.87 -7.89 -3.94
C PHE B 30 -3.79 -8.94 -3.34
N SER B 31 -5.10 -8.73 -3.48
CA SER B 31 -6.09 -9.67 -2.97
C SER B 31 -5.96 -11.02 -3.68
N SER B 32 -5.65 -10.97 -4.96
CA SER B 32 -5.48 -12.18 -5.77
C SER B 32 -4.21 -12.94 -5.37
N ILE B 33 -3.34 -12.27 -4.64
CA ILE B 33 -2.10 -12.86 -4.18
C ILE B 33 -2.32 -13.54 -2.82
N VAL B 34 -2.99 -12.83 -1.92
CA VAL B 34 -3.25 -13.35 -0.58
C VAL B 34 -4.33 -14.44 -0.57
N GLU B 35 -5.21 -14.43 -1.56
CA GLU B 35 -6.29 -15.41 -1.65
C GLU B 35 -5.75 -16.83 -1.85
N LYS B 36 -4.55 -16.95 -2.39
CA LYS B 36 -3.95 -18.25 -2.63
C LYS B 36 -2.57 -18.35 -1.97
N LYS B 37 -2.29 -17.41 -1.06
CA LYS B 37 -1.02 -17.36 -0.34
C LYS B 37 0.18 -17.42 -1.28
N GLU B 38 0.22 -16.51 -2.24
CA GLU B 38 1.31 -16.45 -3.20
C GLU B 38 2.47 -15.66 -2.60
N ILE B 39 2.17 -14.92 -1.54
CA ILE B 39 3.15 -14.11 -0.84
C ILE B 39 3.42 -14.71 0.53
N SER B 40 4.55 -14.35 1.13
CA SER B 40 4.93 -14.86 2.45
C SER B 40 4.02 -14.31 3.55
N GLU B 41 4.10 -14.92 4.73
CA GLU B 41 3.30 -14.51 5.89
C GLU B 41 3.48 -13.02 6.21
N ASP B 42 4.70 -12.54 6.06
CA ASP B 42 5.01 -11.13 6.32
C ASP B 42 4.46 -10.26 5.21
N GLY B 43 4.68 -10.69 3.98
CA GLY B 43 4.18 -9.96 2.82
C GLY B 43 2.68 -9.82 2.85
N ALA B 44 1.99 -10.88 3.26
CA ALA B 44 0.53 -10.88 3.33
C ALA B 44 0.04 -9.79 4.27
N ASP B 45 0.69 -9.70 5.44
CA ASP B 45 0.34 -8.69 6.43
C ASP B 45 0.61 -7.30 5.89
N SER B 46 1.76 -7.17 5.23
CA SER B 46 2.17 -5.90 4.64
C SER B 46 1.19 -5.45 3.55
N LEU B 47 0.79 -6.38 2.68
CA LEU B 47 -0.13 -6.09 1.60
C LEU B 47 -1.50 -5.72 2.14
N ASN B 48 -1.89 -6.36 3.24
CA ASN B 48 -3.18 -6.10 3.87
C ASN B 48 -3.32 -4.64 4.27
N VAL B 49 -2.33 -4.14 5.02
CA VAL B 49 -2.34 -2.75 5.46
C VAL B 49 -2.11 -1.79 4.29
N ALA B 50 -1.31 -2.22 3.32
CA ALA B 50 -1.03 -1.40 2.15
C ALA B 50 -2.33 -1.11 1.39
N MET B 51 -3.16 -2.13 1.25
CA MET B 51 -4.44 -1.99 0.58
C MET B 51 -5.34 -1.03 1.34
N ASP B 52 -5.26 -1.08 2.67
CA ASP B 52 -6.05 -0.21 3.53
C ASP B 52 -5.67 1.25 3.31
N CYS B 53 -4.36 1.48 3.20
CA CYS B 53 -3.84 2.83 2.97
C CYS B 53 -4.33 3.38 1.64
N ILE B 54 -4.31 2.54 0.62
CA ILE B 54 -4.76 2.94 -0.71
C ILE B 54 -6.25 3.30 -0.67
N SER B 55 -7.01 2.47 0.03
CA SER B 55 -8.46 2.67 0.13
C SER B 55 -8.81 4.02 0.78
N GLU B 56 -8.22 4.30 1.93
CA GLU B 56 -8.50 5.54 2.65
C GLU B 56 -7.96 6.78 1.93
N ALA B 57 -6.87 6.60 1.19
CA ALA B 57 -6.25 7.71 0.46
C ALA B 57 -7.06 8.11 -0.76
N PHE B 58 -7.62 7.14 -1.45
CA PHE B 58 -8.42 7.41 -2.65
C PHE B 58 -9.86 7.76 -2.30
N GLY B 59 -10.36 7.22 -1.20
CA GLY B 59 -11.72 7.49 -0.79
C GLY B 59 -12.67 6.35 -1.07
N PHE B 60 -12.27 5.15 -0.70
CA PHE B 60 -13.09 3.97 -0.89
C PHE B 60 -12.74 2.90 0.14
N GLU B 61 -13.43 1.78 0.13
CA GLU B 61 -13.16 0.71 1.06
C GLU B 61 -12.73 -0.55 0.33
N ARG B 62 -11.85 -1.32 0.95
CA ARG B 62 -11.36 -2.55 0.37
C ARG B 62 -12.51 -3.56 0.24
N GLU B 63 -13.45 -3.48 1.16
CA GLU B 63 -14.61 -4.36 1.15
C GLU B 63 -15.63 -3.92 0.10
N ALA B 64 -15.31 -2.85 -0.61
CA ALA B 64 -16.19 -2.32 -1.64
C ALA B 64 -15.53 -2.40 -3.02
N VAL B 65 -14.43 -3.16 -3.09
CA VAL B 65 -13.70 -3.32 -4.34
C VAL B 65 -14.56 -4.01 -5.40
N SER B 66 -15.41 -4.93 -4.95
CA SER B 66 -16.31 -5.66 -5.84
C SER B 66 -17.30 -4.71 -6.49
N GLY B 67 -17.71 -3.70 -5.74
CA GLY B 67 -18.67 -2.73 -6.24
C GLY B 67 -18.05 -1.81 -7.27
N ILE B 68 -16.78 -1.48 -7.09
CA ILE B 68 -16.09 -0.61 -8.02
C ILE B 68 -15.84 -1.36 -9.33
N LEU B 69 -15.27 -2.55 -9.21
CA LEU B 69 -14.98 -3.37 -10.39
C LEU B 69 -16.25 -3.75 -11.12
N GLY B 70 -17.36 -3.84 -10.37
CA GLY B 70 -18.64 -4.19 -10.96
C GLY B 70 -19.15 -3.10 -11.89
N LYS B 71 -18.74 -1.86 -11.63
CA LYS B 71 -19.16 -0.74 -12.45
C LYS B 71 -18.15 -0.51 -13.56
N SER B 72 -16.87 -0.55 -13.19
CA SER B 72 -15.78 -0.35 -14.14
C SER B 72 -15.76 -1.44 -15.21
N GLU B 73 -15.06 -1.16 -16.30
CA GLU B 73 -14.94 -2.09 -17.41
C GLU B 73 -13.85 -3.13 -17.13
N PHE B 74 -13.52 -3.28 -15.85
CA PHE B 74 -12.49 -4.23 -15.44
C PHE B 74 -13.11 -5.40 -14.70
N LYS B 75 -14.42 -5.50 -14.76
CA LYS B 75 -15.13 -6.58 -14.11
C LYS B 75 -14.76 -7.92 -14.73
N GLY B 76 -14.21 -8.81 -13.93
CA GLY B 76 -13.81 -10.11 -14.42
C GLY B 76 -12.37 -10.10 -14.90
N GLN B 77 -11.67 -9.00 -14.62
CA GLN B 77 -10.28 -8.85 -15.02
C GLN B 77 -9.43 -8.47 -13.81
N HIS B 78 -8.12 -8.56 -13.96
CA HIS B 78 -7.20 -8.23 -12.88
C HIS B 78 -6.06 -7.38 -13.44
N LEU B 79 -5.32 -6.75 -12.55
CA LEU B 79 -4.19 -5.92 -12.94
C LEU B 79 -3.12 -6.74 -13.67
N ALA B 80 -3.03 -8.02 -13.30
CA ALA B 80 -2.05 -8.93 -13.90
C ALA B 80 -2.35 -9.22 -15.36
N ASP B 81 -3.53 -9.74 -15.64
CA ASP B 81 -3.92 -10.08 -17.02
C ASP B 81 -3.94 -8.87 -17.94
N ILE B 82 -4.41 -7.74 -17.43
CA ILE B 82 -4.46 -6.52 -18.23
C ILE B 82 -3.05 -6.05 -18.60
N LEU B 83 -2.15 -6.05 -17.64
CA LEU B 83 -0.78 -5.63 -17.87
C LEU B 83 -0.04 -6.63 -18.75
N ASN B 84 -0.46 -7.88 -18.67
CA ASN B 84 0.15 -8.94 -19.47
C ASN B 84 -0.20 -8.76 -20.93
N SER B 85 -1.48 -8.49 -21.20
CA SER B 85 -1.95 -8.30 -22.57
C SER B 85 -1.42 -6.98 -23.13
N ALA B 86 -1.41 -5.94 -22.29
CA ALA B 86 -0.91 -4.64 -22.70
C ALA B 86 0.57 -4.75 -23.06
N SER B 87 0.88 -4.52 -24.33
CA SER B 87 2.24 -4.63 -24.79
C SER B 87 2.65 -3.41 -25.60
N ARG B 88 3.78 -2.81 -25.21
CA ARG B 88 4.31 -1.66 -25.91
C ARG B 88 5.74 -1.98 -26.31
N VAL B 89 6.15 -1.53 -27.49
CA VAL B 89 7.49 -1.79 -27.97
C VAL B 89 8.30 -0.49 -28.05
N PRO B 90 9.24 -0.30 -27.12
CA PRO B 90 10.10 0.88 -27.07
C PRO B 90 11.03 0.97 -28.28
N GLU B 91 10.75 1.92 -29.16
CA GLU B 91 11.57 2.12 -30.35
C GLU B 91 12.78 2.96 -30.00
N SER B 92 13.75 2.35 -29.33
CA SER B 92 14.97 3.03 -28.93
C SER B 92 16.12 2.03 -28.79
N ASN C 2 -11.79 5.39 30.31
CA ASN C 2 -10.81 5.72 31.38
C ASN C 2 -9.47 6.10 30.76
N ALA C 3 -8.42 6.01 31.56
CA ALA C 3 -7.07 6.35 31.08
C ALA C 3 -6.40 5.15 30.45
N ALA C 4 -6.93 3.97 30.75
CA ALA C 4 -6.41 2.70 30.25
C ALA C 4 -6.57 2.56 28.73
N VAL C 5 -5.55 2.97 27.97
CA VAL C 5 -5.58 2.85 26.53
C VAL C 5 -4.83 1.59 26.12
N HIS C 6 -5.58 0.51 25.88
CA HIS C 6 -4.98 -0.76 25.50
C HIS C 6 -4.66 -0.79 24.01
N LEU C 7 -3.38 -0.91 23.69
CA LEU C 7 -2.96 -0.95 22.30
C LEU C 7 -2.14 -2.21 22.00
N THR C 8 -2.25 -2.69 20.78
CA THR C 8 -1.51 -3.87 20.33
C THR C 8 -0.52 -3.47 19.26
N LEU C 9 0.76 -3.72 19.51
CA LEU C 9 1.80 -3.37 18.55
C LEU C 9 2.22 -4.60 17.76
N LYS C 10 1.98 -4.57 16.46
CA LYS C 10 2.32 -5.69 15.59
C LYS C 10 3.10 -5.22 14.35
N LYS C 11 4.18 -5.91 14.05
CA LYS C 11 5.00 -5.58 12.90
C LYS C 11 4.60 -6.48 11.73
N ILE C 12 4.29 -5.88 10.59
CA ILE C 12 3.89 -6.63 9.41
C ILE C 12 5.06 -7.27 8.68
N GLN C 13 6.24 -6.66 8.78
CA GLN C 13 7.42 -7.19 8.12
C GLN C 13 8.19 -8.10 9.09
N ALA C 14 8.61 -9.25 8.60
CA ALA C 14 9.36 -10.21 9.42
C ALA C 14 10.63 -9.57 9.99
N PRO C 15 10.95 -9.86 11.27
CA PRO C 15 10.13 -10.73 12.12
C PRO C 15 8.85 -10.04 12.60
N LYS C 16 7.73 -10.73 12.47
CA LYS C 16 6.45 -10.19 12.87
C LYS C 16 6.19 -10.38 14.37
N PHE C 17 6.56 -9.38 15.15
CA PHE C 17 6.35 -9.45 16.59
C PHE C 17 4.99 -8.84 16.95
N SER C 18 4.48 -9.19 18.11
CA SER C 18 3.19 -8.69 18.57
C SER C 18 3.19 -8.55 20.09
N ILE C 19 3.07 -7.31 20.57
CA ILE C 19 3.06 -7.04 21.99
C ILE C 19 1.89 -6.12 22.35
N GLU C 20 1.31 -6.36 23.52
CA GLU C 20 0.18 -5.55 23.98
C GLU C 20 0.54 -4.82 25.26
N HIS C 21 0.13 -3.57 25.37
CA HIS C 21 0.40 -2.77 26.54
C HIS C 21 -0.66 -1.70 26.73
N ASP C 22 -0.71 -1.13 27.92
CA ASP C 22 -1.67 -0.08 28.23
C ASP C 22 -0.97 1.27 28.31
N PHE C 23 -1.47 2.23 27.57
CA PHE C 23 -0.90 3.57 27.55
C PHE C 23 -1.88 4.57 28.14
N SER C 24 -1.59 5.86 27.99
CA SER C 24 -2.44 6.91 28.51
C SER C 24 -2.96 7.79 27.37
N PRO C 25 -4.14 8.42 27.54
CA PRO C 25 -4.74 9.28 26.51
C PRO C 25 -3.93 10.56 26.32
N SER C 26 -3.11 10.88 27.32
CA SER C 26 -2.28 12.06 27.28
C SER C 26 -0.97 11.78 26.56
N ASP C 27 -0.76 10.53 26.18
CA ASP C 27 0.45 10.14 25.46
C ASP C 27 0.27 10.35 23.97
N THR C 28 1.37 10.54 23.27
CA THR C 28 1.35 10.74 21.84
C THR C 28 1.93 9.53 21.13
N ILE C 29 1.88 9.54 19.81
CA ILE C 29 2.43 8.43 19.01
C ILE C 29 3.92 8.29 19.28
N LEU C 30 4.56 9.39 19.65
CA LEU C 30 5.97 9.41 19.96
C LEU C 30 6.27 8.52 21.17
N GLN C 31 5.35 8.49 22.13
CA GLN C 31 5.51 7.67 23.33
C GLN C 31 5.55 6.19 22.98
N ILE C 32 4.75 5.80 22.00
CA ILE C 32 4.71 4.41 21.55
C ILE C 32 6.06 4.04 20.93
N LYS C 33 6.59 4.95 20.13
CA LYS C 33 7.88 4.75 19.48
C LYS C 33 8.98 4.60 20.53
N GLN C 34 8.94 5.47 21.53
CA GLN C 34 9.91 5.44 22.61
C GLN C 34 9.82 4.12 23.36
N HIS C 35 8.59 3.67 23.59
CA HIS C 35 8.35 2.41 24.27
C HIS C 35 8.89 1.25 23.46
N LEU C 36 8.68 1.29 22.15
CA LEU C 36 9.15 0.24 21.25
C LEU C 36 10.67 0.07 21.31
N ILE C 37 11.37 1.20 21.40
CA ILE C 37 12.82 1.17 21.50
C ILE C 37 13.24 0.58 22.83
N SER C 38 12.48 0.90 23.88
CA SER C 38 12.76 0.39 25.21
C SER C 38 12.61 -1.13 25.27
N GLU C 39 11.71 -1.66 24.45
CA GLU C 39 11.49 -3.11 24.39
C GLU C 39 12.45 -3.76 23.41
N GLU C 40 13.43 -2.99 22.95
CA GLU C 40 14.44 -3.46 22.00
C GLU C 40 13.83 -4.04 20.73
N LYS C 41 12.84 -3.36 20.19
CA LYS C 41 12.17 -3.80 18.97
C LYS C 41 12.40 -2.81 17.83
N ALA C 42 13.14 -1.74 18.13
CA ALA C 42 13.45 -0.71 17.15
C ALA C 42 14.73 0.00 17.54
N SER C 43 15.34 0.71 16.60
CA SER C 43 16.58 1.42 16.89
C SER C 43 16.35 2.93 17.02
N HIS C 44 15.84 3.55 15.98
CA HIS C 44 15.61 4.99 15.98
C HIS C 44 14.13 5.33 15.83
N ILE C 45 13.76 6.51 16.30
CA ILE C 45 12.38 6.99 16.23
C ILE C 45 11.96 7.21 14.78
N SER C 46 12.89 7.68 13.96
CA SER C 46 12.66 7.96 12.56
C SER C 46 12.39 6.69 11.75
N GLU C 47 12.71 5.54 12.31
CA GLU C 47 12.50 4.26 11.61
C GLU C 47 11.12 3.72 11.90
N ILE C 48 10.51 4.19 12.98
CA ILE C 48 9.20 3.73 13.39
C ILE C 48 8.07 4.56 12.82
N LYS C 49 7.35 3.98 11.89
CA LYS C 49 6.20 4.64 11.28
C LYS C 49 4.95 3.82 11.56
N LEU C 50 4.09 4.34 12.43
CA LEU C 50 2.87 3.64 12.80
C LEU C 50 1.69 4.02 11.91
N LEU C 51 0.79 3.07 11.72
CA LEU C 51 -0.39 3.29 10.89
C LEU C 51 -1.62 2.65 11.51
N LEU C 52 -2.78 3.21 11.23
CA LEU C 52 -4.04 2.71 11.74
C LEU C 52 -5.11 2.79 10.65
N LYS C 53 -5.54 1.63 10.14
CA LYS C 53 -6.55 1.54 9.09
C LYS C 53 -6.11 2.27 7.83
N GLY C 54 -4.80 2.34 7.62
CA GLY C 54 -4.26 3.01 6.45
C GLY C 54 -3.80 4.41 6.74
N LYS C 55 -4.33 5.00 7.81
CA LYS C 55 -3.96 6.35 8.18
C LYS C 55 -2.65 6.36 8.96
N VAL C 56 -1.67 7.11 8.46
CA VAL C 56 -0.38 7.21 9.12
C VAL C 56 -0.49 7.98 10.42
N LEU C 57 0.02 7.41 11.49
CA LEU C 57 -0.01 8.04 12.80
C LEU C 57 1.24 8.89 13.01
N HIS C 58 1.05 10.21 13.00
CA HIS C 58 2.16 11.13 13.17
C HIS C 58 2.48 11.33 14.65
N ASP C 59 3.72 11.72 14.93
CA ASP C 59 4.20 11.94 16.30
C ASP C 59 3.37 12.95 17.08
N ASN C 60 2.83 13.94 16.37
CA ASN C 60 2.02 14.98 17.03
C ASN C 60 0.61 14.51 17.35
N LEU C 61 0.28 13.31 16.94
CA LEU C 61 -1.05 12.76 17.21
C LEU C 61 -1.12 12.14 18.59
N PHE C 62 -2.18 12.45 19.31
CA PHE C 62 -2.38 11.92 20.65
C PHE C 62 -3.13 10.61 20.59
N LEU C 63 -2.90 9.75 21.57
CA LEU C 63 -3.56 8.45 21.64
C LEU C 63 -5.06 8.60 21.90
N SER C 64 -5.46 9.79 22.32
CA SER C 64 -6.85 10.08 22.60
C SER C 64 -7.65 10.25 21.31
N ASP C 65 -6.93 10.52 20.22
CA ASP C 65 -7.57 10.72 18.92
C ASP C 65 -7.53 9.45 18.09
N LEU C 66 -6.96 8.40 18.65
CA LEU C 66 -6.87 7.12 17.95
C LEU C 66 -8.23 6.44 17.87
N LYS C 67 -8.67 6.17 16.66
CA LYS C 67 -9.96 5.52 16.43
C LYS C 67 -9.82 4.02 16.61
N VAL C 68 -9.37 3.62 17.79
CA VAL C 68 -9.16 2.20 18.08
C VAL C 68 -10.34 1.60 18.85
N THR C 69 -10.84 0.50 18.33
CA THR C 69 -11.95 -0.23 18.93
C THR C 69 -11.51 -1.67 19.15
N PRO C 70 -12.32 -2.51 19.80
CA PRO C 70 -11.98 -3.93 20.04
C PRO C 70 -11.63 -4.68 18.75
N ALA C 71 -12.06 -4.15 17.61
CA ALA C 71 -11.79 -4.78 16.33
C ALA C 71 -10.44 -4.37 15.74
N ASN C 72 -10.14 -3.07 15.80
CA ASN C 72 -8.89 -2.55 15.26
C ASN C 72 -7.95 -2.04 16.35
N SER C 73 -7.78 -2.84 17.39
CA SER C 73 -6.91 -2.47 18.50
C SER C 73 -5.44 -2.74 18.17
N THR C 74 -5.18 -3.15 16.93
CA THR C 74 -3.84 -3.45 16.49
C THR C 74 -3.25 -2.31 15.67
N ILE C 75 -2.10 -1.82 16.12
CA ILE C 75 -1.41 -0.73 15.43
C ILE C 75 -0.35 -1.31 14.51
N THR C 76 -0.33 -0.82 13.27
CA THR C 76 0.63 -1.28 12.29
C THR C 76 2.00 -0.67 12.53
N VAL C 77 2.97 -1.50 12.87
CA VAL C 77 4.32 -1.03 13.14
C VAL C 77 5.23 -1.24 11.92
N MET C 78 5.59 -0.15 11.26
CA MET C 78 6.48 -0.22 10.11
C MET C 78 7.85 0.31 10.49
N ILE C 79 8.87 -0.51 10.31
CA ILE C 79 10.23 -0.12 10.65
C ILE C 79 11.13 -0.17 9.43
N LYS C 80 11.68 0.98 9.05
CA LYS C 80 12.57 1.08 7.90
C LYS C 80 13.57 2.21 8.07
N PRO C 81 14.82 2.01 7.61
CA PRO C 81 15.89 3.01 7.71
C PRO C 81 15.72 4.14 6.70
N ASN C 82 14.58 4.84 6.78
CA ASN C 82 14.26 5.96 5.90
C ASN C 82 13.92 5.51 4.48
N MET A 14 3.43 -6.54 -20.51
CA MET A 14 3.94 -6.52 -21.90
C MET A 14 4.63 -7.83 -22.24
N MET A 15 5.60 -8.22 -21.41
CA MET A 15 6.34 -9.46 -21.64
C MET A 15 5.48 -10.65 -21.26
N SER A 16 5.22 -10.80 -19.97
CA SER A 16 4.42 -11.92 -19.48
C SER A 16 3.59 -11.47 -18.27
N ALA A 17 3.44 -10.15 -18.11
CA ALA A 17 2.69 -9.57 -16.99
C ALA A 17 3.35 -10.00 -15.68
N SER A 18 4.67 -10.04 -15.71
CA SER A 18 5.48 -10.43 -14.57
C SER A 18 5.27 -9.49 -13.39
N LYS A 19 5.55 -9.96 -12.19
CA LYS A 19 5.38 -9.17 -10.98
C LYS A 19 6.18 -7.87 -11.07
N GLU A 20 7.40 -7.95 -11.58
CA GLU A 20 8.25 -6.78 -11.74
C GLU A 20 7.67 -5.78 -12.74
N GLU A 21 7.04 -6.31 -13.80
CA GLU A 21 6.42 -5.46 -14.82
C GLU A 21 5.35 -4.58 -14.19
N ILE A 22 4.54 -5.19 -13.34
CA ILE A 22 3.46 -4.48 -12.68
C ILE A 22 3.98 -3.61 -11.53
N ALA A 23 4.88 -4.18 -10.72
CA ALA A 23 5.45 -3.47 -9.57
C ALA A 23 6.10 -2.16 -9.99
N ALA A 24 6.90 -2.20 -11.04
CA ALA A 24 7.58 -1.01 -11.54
C ALA A 24 6.58 0.08 -11.93
N LEU A 25 5.48 -0.33 -12.55
CA LEU A 25 4.46 0.61 -12.98
C LEU A 25 3.73 1.21 -11.80
N ILE A 26 3.50 0.40 -10.76
CA ILE A 26 2.81 0.85 -9.56
C ILE A 26 3.60 1.91 -8.82
N VAL A 27 4.85 1.60 -8.48
CA VAL A 27 5.70 2.54 -7.77
C VAL A 27 5.99 3.80 -8.60
N ASN A 28 6.13 3.62 -9.90
CA ASN A 28 6.39 4.74 -10.79
C ASN A 28 5.19 5.69 -10.81
N TYR A 29 3.99 5.10 -10.80
CA TYR A 29 2.76 5.88 -10.79
C TYR A 29 2.67 6.74 -9.54
N PHE A 30 2.92 6.13 -8.39
CA PHE A 30 2.89 6.85 -7.12
C PHE A 30 3.96 7.92 -7.07
N SER A 31 5.13 7.61 -7.62
CA SER A 31 6.24 8.56 -7.66
C SER A 31 5.87 9.77 -8.51
N SER A 32 5.11 9.54 -9.58
CA SER A 32 4.70 10.61 -10.46
C SER A 32 3.67 11.51 -9.76
N ILE A 33 2.89 10.90 -8.88
CA ILE A 33 1.87 11.62 -8.12
C ILE A 33 2.51 12.63 -7.19
N VAL A 34 3.50 12.19 -6.41
CA VAL A 34 4.17 13.06 -5.47
C VAL A 34 5.15 14.02 -6.18
N GLU A 35 5.53 13.65 -7.41
CA GLU A 35 6.44 14.45 -8.21
C GLU A 35 5.83 15.81 -8.55
N LYS A 36 4.65 15.79 -9.16
CA LYS A 36 3.97 17.02 -9.55
C LYS A 36 2.96 17.49 -8.50
N LYS A 37 3.06 16.90 -7.31
CA LYS A 37 2.18 17.24 -6.19
C LYS A 37 0.70 17.06 -6.55
N GLU A 38 0.33 15.83 -6.89
CA GLU A 38 -1.05 15.52 -7.24
C GLU A 38 -1.89 15.27 -5.99
N ILE A 39 -1.22 14.88 -4.91
CA ILE A 39 -1.89 14.60 -3.65
C ILE A 39 -1.36 15.51 -2.54
N SER A 40 -2.13 15.65 -1.47
CA SER A 40 -1.73 16.49 -0.34
C SER A 40 -0.64 15.81 0.48
N GLU A 41 0.05 16.59 1.31
CA GLU A 41 1.13 16.07 2.15
C GLU A 41 0.66 14.92 3.02
N ASP A 42 -0.59 15.00 3.45
CA ASP A 42 -1.21 13.97 4.29
C ASP A 42 -1.14 12.60 3.61
N GLY A 43 -1.31 12.59 2.31
CA GLY A 43 -1.25 11.35 1.55
C GLY A 43 0.17 11.04 1.11
N ALA A 44 0.96 12.08 0.94
CA ALA A 44 2.36 11.94 0.51
C ALA A 44 3.15 11.13 1.53
N ASP A 45 3.05 11.49 2.80
CA ASP A 45 3.78 10.78 3.86
C ASP A 45 3.31 9.33 3.94
N SER A 46 2.03 9.13 3.65
CA SER A 46 1.44 7.81 3.68
C SER A 46 2.03 6.95 2.54
N LEU A 47 2.16 7.54 1.36
CA LEU A 47 2.71 6.84 0.21
C LEU A 47 4.20 6.60 0.41
N ASN A 48 4.86 7.52 1.10
CA ASN A 48 6.28 7.44 1.39
C ASN A 48 6.62 6.14 2.11
N VAL A 49 5.88 5.85 3.17
CA VAL A 49 6.11 4.63 3.95
C VAL A 49 5.57 3.40 3.22
N ALA A 50 4.41 3.54 2.58
CA ALA A 50 3.79 2.44 1.85
C ALA A 50 4.67 1.93 0.71
N MET A 51 5.19 2.86 -0.09
CA MET A 51 6.04 2.49 -1.22
C MET A 51 7.27 1.72 -0.78
N ASP A 52 7.82 2.09 0.37
CA ASP A 52 9.00 1.42 0.90
C ASP A 52 8.70 -0.05 1.21
N CYS A 53 7.55 -0.27 1.85
CA CYS A 53 7.12 -1.62 2.20
C CYS A 53 6.79 -2.42 0.93
N ILE A 54 6.29 -1.74 -0.09
CA ILE A 54 5.95 -2.41 -1.35
C ILE A 54 7.23 -2.82 -2.08
N SER A 55 8.23 -1.94 -2.01
CA SER A 55 9.51 -2.20 -2.66
C SER A 55 10.20 -3.43 -2.07
N GLU A 56 10.23 -3.51 -0.75
CA GLU A 56 10.87 -4.63 -0.06
C GLU A 56 10.09 -5.93 -0.24
N ALA A 57 8.79 -5.81 -0.50
CA ALA A 57 7.95 -6.97 -0.69
C ALA A 57 8.27 -7.69 -2.00
N PHE A 58 8.65 -6.92 -3.02
CA PHE A 58 8.98 -7.48 -4.31
C PHE A 58 10.48 -7.74 -4.46
N GLY A 59 11.28 -7.01 -3.69
CA GLY A 59 12.72 -7.19 -3.74
C GLY A 59 13.42 -6.21 -4.65
N PHE A 60 13.05 -4.94 -4.54
CA PHE A 60 13.66 -3.89 -5.34
C PHE A 60 13.65 -2.57 -4.58
N GLU A 61 14.50 -1.64 -4.97
CA GLU A 61 14.57 -0.35 -4.31
C GLU A 61 13.75 0.68 -5.08
N ARG A 62 13.13 1.60 -4.34
CA ARG A 62 12.33 2.65 -4.94
C ARG A 62 13.20 3.53 -5.83
N GLU A 63 14.48 3.61 -5.50
CA GLU A 63 15.43 4.42 -6.26
C GLU A 63 15.95 3.67 -7.49
N ALA A 64 15.46 2.44 -7.69
CA ALA A 64 15.90 1.63 -8.81
C ALA A 64 14.76 1.42 -9.81
N VAL A 65 13.68 2.18 -9.65
CA VAL A 65 12.53 2.08 -10.55
C VAL A 65 12.94 2.40 -11.99
N SER A 66 13.79 3.41 -12.17
CA SER A 66 14.25 3.82 -13.48
C SER A 66 15.06 2.69 -14.14
N GLY A 67 15.76 1.91 -13.32
CA GLY A 67 16.55 0.82 -13.82
C GLY A 67 15.68 -0.32 -14.32
N ILE A 68 14.64 -0.63 -13.57
CA ILE A 68 13.71 -1.68 -13.93
C ILE A 68 12.97 -1.32 -15.22
N LEU A 69 12.55 -0.08 -15.31
CA LEU A 69 11.83 0.40 -16.49
C LEU A 69 12.74 0.41 -17.71
N GLY A 70 14.04 0.56 -17.49
CA GLY A 70 15.00 0.60 -18.58
C GLY A 70 15.23 -0.77 -19.21
N LYS A 71 15.02 -1.81 -18.41
CA LYS A 71 15.20 -3.17 -18.89
C LYS A 71 13.87 -3.77 -19.35
N SER A 72 12.77 -3.15 -18.95
CA SER A 72 11.45 -3.61 -19.32
C SER A 72 10.94 -2.85 -20.53
N GLU A 73 9.91 -3.40 -21.16
CA GLU A 73 9.32 -2.77 -22.35
C GLU A 73 8.25 -1.76 -21.94
N PHE A 74 8.60 -0.87 -21.04
CA PHE A 74 7.70 0.16 -20.55
C PHE A 74 8.40 1.51 -20.55
N LYS A 75 9.24 1.71 -21.56
CA LYS A 75 10.01 2.94 -21.70
C LYS A 75 9.12 4.17 -21.79
N GLY A 76 9.11 4.95 -20.70
CA GLY A 76 8.31 6.17 -20.66
C GLY A 76 6.82 5.91 -20.54
N GLN A 77 6.46 4.70 -20.17
CA GLN A 77 5.05 4.34 -20.03
C GLN A 77 4.65 4.28 -18.57
N HIS A 78 3.41 4.69 -18.28
CA HIS A 78 2.90 4.68 -16.92
C HIS A 78 1.68 3.77 -16.82
N LEU A 79 1.45 3.25 -15.62
CA LEU A 79 0.32 2.36 -15.38
C LEU A 79 -1.01 2.97 -15.82
N ALA A 80 -1.16 4.27 -15.60
CA ALA A 80 -2.39 4.98 -15.98
C ALA A 80 -2.65 4.93 -17.48
N ASP A 81 -1.71 5.44 -18.27
CA ASP A 81 -1.85 5.47 -19.72
C ASP A 81 -1.95 4.07 -20.32
N ILE A 82 -1.19 3.13 -19.79
CA ILE A 82 -1.21 1.75 -20.28
C ILE A 82 -2.59 1.13 -20.08
N LEU A 83 -3.10 1.23 -18.86
CA LEU A 83 -4.42 0.68 -18.52
C LEU A 83 -5.51 1.36 -19.33
N ASN A 84 -5.35 2.66 -19.54
CA ASN A 84 -6.32 3.46 -20.29
C ASN A 84 -6.33 3.04 -21.76
N SER A 85 -5.23 2.49 -22.23
CA SER A 85 -5.11 2.06 -23.62
C SER A 85 -5.48 0.59 -23.79
N ALA A 86 -5.90 -0.03 -22.70
CA ALA A 86 -6.29 -1.44 -22.73
C ALA A 86 -7.80 -1.58 -22.65
N SER A 87 -8.46 -1.49 -23.81
CA SER A 87 -9.90 -1.60 -23.88
C SER A 87 -10.37 -2.97 -23.42
N ARG A 88 -11.32 -2.99 -22.51
CA ARG A 88 -11.89 -4.21 -21.96
C ARG A 88 -13.41 -4.17 -22.05
N VAL A 89 -13.95 -4.76 -23.10
CA VAL A 89 -15.39 -4.78 -23.28
C VAL A 89 -16.05 -5.97 -22.58
N PRO A 90 -16.97 -5.70 -21.65
CA PRO A 90 -17.67 -6.75 -20.91
C PRO A 90 -18.75 -7.42 -21.75
N GLU A 91 -18.51 -8.66 -22.12
CA GLU A 91 -19.47 -9.42 -22.92
C GLU A 91 -20.36 -10.25 -22.01
N SER A 92 -21.50 -9.69 -21.65
CA SER A 92 -22.46 -10.37 -20.79
C SER A 92 -23.16 -11.50 -21.54
N MET B 14 -12.73 1.24 -18.04
CA MET B 14 -12.37 1.48 -19.45
C MET B 14 -12.76 2.88 -19.91
N MET B 15 -13.90 3.38 -19.40
CA MET B 15 -14.38 4.71 -19.77
C MET B 15 -13.55 5.77 -19.04
N SER B 16 -12.38 6.06 -19.59
CA SER B 16 -11.45 7.03 -19.00
C SER B 16 -10.88 6.48 -17.71
N ALA B 17 -9.67 5.93 -17.79
CA ALA B 17 -8.99 5.34 -16.63
C ALA B 17 -8.99 6.28 -15.43
N SER B 18 -9.97 6.09 -14.56
CA SER B 18 -10.10 6.90 -13.37
C SER B 18 -9.44 6.20 -12.18
N LYS B 19 -9.14 6.98 -11.15
CA LYS B 19 -8.48 6.45 -9.95
C LYS B 19 -9.25 5.27 -9.36
N GLU B 20 -10.57 5.36 -9.32
CA GLU B 20 -11.41 4.29 -8.78
C GLU B 20 -11.24 2.99 -9.57
N GLU B 21 -11.25 3.10 -10.90
CA GLU B 21 -11.10 1.92 -11.76
C GLU B 21 -9.74 1.26 -11.54
N ILE B 22 -8.70 2.09 -11.45
CA ILE B 22 -7.35 1.59 -11.24
C ILE B 22 -7.18 1.00 -9.83
N ALA B 23 -7.66 1.73 -8.83
CA ALA B 23 -7.57 1.31 -7.43
C ALA B 23 -8.20 -0.06 -7.22
N ALA B 24 -9.36 -0.27 -7.84
CA ALA B 24 -10.07 -1.54 -7.72
C ALA B 24 -9.20 -2.70 -8.20
N LEU B 25 -8.47 -2.47 -9.28
CA LEU B 25 -7.60 -3.50 -9.84
C LEU B 25 -6.35 -3.69 -8.97
N ILE B 26 -5.84 -2.60 -8.41
CA ILE B 26 -4.66 -2.65 -7.56
C ILE B 26 -4.94 -3.48 -6.31
N VAL B 27 -6.02 -3.17 -5.61
CA VAL B 27 -6.36 -3.90 -4.39
C VAL B 27 -6.75 -5.35 -4.72
N ASN B 28 -7.37 -5.54 -5.88
CA ASN B 28 -7.78 -6.87 -6.32
C ASN B 28 -6.55 -7.73 -6.59
N TYR B 29 -5.56 -7.16 -7.25
CA TYR B 29 -4.33 -7.85 -7.56
C TYR B 29 -3.67 -8.36 -6.30
N PHE B 30 -3.53 -7.48 -5.31
CA PHE B 30 -2.92 -7.85 -4.03
C PHE B 30 -3.72 -8.95 -3.35
N SER B 31 -5.05 -8.84 -3.43
CA SER B 31 -5.94 -9.81 -2.82
C SER B 31 -5.76 -11.18 -3.50
N SER B 32 -5.68 -11.17 -4.82
CA SER B 32 -5.51 -12.40 -5.59
C SER B 32 -4.15 -13.04 -5.31
N ILE B 33 -3.22 -12.24 -4.79
CA ILE B 33 -1.89 -12.73 -4.46
C ILE B 33 -1.92 -13.42 -3.09
N VAL B 34 -2.52 -12.75 -2.10
CA VAL B 34 -2.59 -13.27 -0.75
C VAL B 34 -3.60 -14.41 -0.60
N GLU B 35 -4.70 -14.34 -1.34
CA GLU B 35 -5.74 -15.37 -1.25
C GLU B 35 -5.24 -16.74 -1.73
N LYS B 36 -4.29 -16.73 -2.65
CA LYS B 36 -3.74 -17.98 -3.16
C LYS B 36 -2.37 -18.25 -2.53
N LYS B 37 -2.01 -17.43 -1.55
CA LYS B 37 -0.73 -17.54 -0.84
C LYS B 37 0.46 -17.56 -1.78
N GLU B 38 0.47 -16.63 -2.73
CA GLU B 38 1.55 -16.53 -3.68
C GLU B 38 2.81 -16.02 -2.99
N ILE B 39 2.67 -14.94 -2.23
CA ILE B 39 3.79 -14.36 -1.51
C ILE B 39 3.77 -14.83 -0.05
N SER B 40 4.93 -14.86 0.58
CA SER B 40 5.04 -15.28 1.97
C SER B 40 4.40 -14.25 2.89
N GLU B 41 3.93 -14.71 4.05
CA GLU B 41 3.28 -13.85 5.04
C GLU B 41 4.16 -12.66 5.44
N ASP B 42 5.48 -12.86 5.40
CA ASP B 42 6.42 -11.81 5.75
C ASP B 42 6.22 -10.59 4.83
N GLY B 43 6.01 -10.86 3.56
CA GLY B 43 5.82 -9.78 2.60
C GLY B 43 4.35 -9.45 2.41
N ALA B 44 3.48 -10.45 2.62
CA ALA B 44 2.04 -10.26 2.49
C ALA B 44 1.53 -9.25 3.51
N ASP B 45 2.17 -9.24 4.67
CA ASP B 45 1.81 -8.33 5.75
C ASP B 45 1.94 -6.89 5.27
N SER B 46 3.08 -6.59 4.65
CA SER B 46 3.35 -5.26 4.13
C SER B 46 2.35 -4.89 3.03
N LEU B 47 2.02 -5.85 2.18
CA LEU B 47 1.07 -5.62 1.11
C LEU B 47 -0.32 -5.33 1.66
N ASN B 48 -0.67 -6.01 2.74
CA ASN B 48 -1.97 -5.83 3.38
C ASN B 48 -2.13 -4.43 3.95
N VAL B 49 -1.12 -3.98 4.68
CA VAL B 49 -1.17 -2.65 5.29
C VAL B 49 -1.07 -1.54 4.25
N ALA B 50 -0.27 -1.77 3.21
CA ALA B 50 -0.13 -0.79 2.14
C ALA B 50 -1.44 -0.66 1.38
N MET B 51 -2.14 -1.79 1.27
CA MET B 51 -3.42 -1.83 0.59
C MET B 51 -4.43 -0.95 1.32
N ASP B 52 -4.32 -0.91 2.64
CA ASP B 52 -5.20 -0.10 3.47
C ASP B 52 -5.00 1.38 3.15
N CYS B 53 -3.73 1.78 3.06
CA CYS B 53 -3.38 3.16 2.74
C CYS B 53 -3.99 3.58 1.41
N ILE B 54 -3.90 2.70 0.42
CA ILE B 54 -4.45 2.96 -0.90
C ILE B 54 -5.96 3.15 -0.82
N SER B 55 -6.61 2.25 -0.10
CA SER B 55 -8.06 2.28 0.08
C SER B 55 -8.50 3.56 0.79
N GLU B 56 -7.81 3.91 1.87
CA GLU B 56 -8.14 5.10 2.65
C GLU B 56 -7.89 6.38 1.85
N ALA B 57 -6.79 6.43 1.12
CA ALA B 57 -6.43 7.61 0.33
C ALA B 57 -7.44 7.88 -0.79
N PHE B 58 -7.98 6.84 -1.39
CA PHE B 58 -8.94 6.99 -2.47
C PHE B 58 -10.37 7.11 -1.95
N GLY B 59 -10.59 6.70 -0.71
CA GLY B 59 -11.92 6.78 -0.12
C GLY B 59 -12.80 5.59 -0.44
N PHE B 60 -12.30 4.39 -0.16
CA PHE B 60 -13.06 3.16 -0.41
C PHE B 60 -12.49 2.02 0.44
N GLU B 61 -13.25 0.95 0.58
CA GLU B 61 -12.79 -0.20 1.34
C GLU B 61 -12.74 -1.44 0.47
N ARG B 62 -12.11 -2.49 0.99
CA ARG B 62 -11.96 -3.74 0.25
C ARG B 62 -13.31 -4.39 -0.05
N GLU B 63 -14.27 -4.20 0.85
CA GLU B 63 -15.59 -4.79 0.66
C GLU B 63 -16.37 -4.08 -0.45
N ALA B 64 -15.85 -2.98 -0.94
CA ALA B 64 -16.49 -2.22 -1.99
C ALA B 64 -15.95 -2.60 -3.36
N VAL B 65 -14.87 -3.36 -3.39
CA VAL B 65 -14.25 -3.77 -4.66
C VAL B 65 -15.20 -4.57 -5.54
N SER B 66 -16.02 -5.41 -4.91
CA SER B 66 -16.98 -6.24 -5.63
C SER B 66 -18.01 -5.38 -6.35
N GLY B 67 -18.36 -4.25 -5.74
CA GLY B 67 -19.32 -3.35 -6.34
C GLY B 67 -18.68 -2.45 -7.37
N ILE B 68 -17.44 -2.04 -7.12
CA ILE B 68 -16.72 -1.17 -8.04
C ILE B 68 -16.44 -1.90 -9.34
N LEU B 69 -15.94 -3.13 -9.23
CA LEU B 69 -15.64 -3.94 -10.41
C LEU B 69 -16.89 -4.19 -11.26
N GLY B 70 -18.05 -4.16 -10.61
CA GLY B 70 -19.30 -4.36 -11.32
C GLY B 70 -19.67 -3.14 -12.13
N LYS B 71 -19.46 -1.97 -11.54
CA LYS B 71 -19.78 -0.70 -12.22
C LYS B 71 -18.74 -0.42 -13.30
N SER B 72 -17.48 -0.60 -12.94
CA SER B 72 -16.38 -0.38 -13.85
C SER B 72 -16.34 -1.47 -14.91
N GLU B 73 -15.70 -1.17 -16.04
CA GLU B 73 -15.62 -2.14 -17.12
C GLU B 73 -14.39 -3.04 -16.99
N PHE B 74 -14.25 -3.63 -15.82
CA PHE B 74 -13.13 -4.54 -15.55
C PHE B 74 -13.65 -5.80 -14.87
N LYS B 75 -14.95 -6.00 -14.94
CA LYS B 75 -15.60 -7.16 -14.35
C LYS B 75 -15.17 -8.44 -15.06
N GLY B 76 -14.72 -9.42 -14.27
CA GLY B 76 -14.28 -10.68 -14.83
C GLY B 76 -12.84 -10.61 -15.28
N GLN B 77 -12.17 -9.51 -14.94
CA GLN B 77 -10.78 -9.32 -15.32
C GLN B 77 -9.98 -8.86 -14.11
N HIS B 78 -8.70 -9.20 -14.10
CA HIS B 78 -7.81 -8.80 -13.01
C HIS B 78 -6.73 -7.88 -13.57
N LEU B 79 -6.03 -7.17 -12.69
CA LEU B 79 -4.97 -6.26 -13.11
C LEU B 79 -3.92 -6.95 -13.97
N ALA B 80 -3.55 -8.17 -13.58
CA ALA B 80 -2.55 -8.94 -14.31
C ALA B 80 -3.03 -9.29 -15.71
N ASP B 81 -4.30 -9.63 -15.84
CA ASP B 81 -4.87 -10.01 -17.13
C ASP B 81 -4.78 -8.87 -18.12
N ILE B 82 -5.26 -7.71 -17.71
CA ILE B 82 -5.26 -6.52 -18.55
C ILE B 82 -3.83 -6.13 -18.95
N LEU B 83 -2.92 -6.15 -17.99
CA LEU B 83 -1.53 -5.79 -18.25
C LEU B 83 -0.82 -6.86 -19.09
N ASN B 84 -1.40 -8.05 -19.12
CA ASN B 84 -0.84 -9.14 -19.89
C ASN B 84 -1.17 -8.95 -21.36
N SER B 85 -2.43 -8.61 -21.63
CA SER B 85 -2.88 -8.37 -23.00
C SER B 85 -2.23 -7.12 -23.57
N ALA B 86 -1.87 -6.19 -22.70
CA ALA B 86 -1.23 -4.95 -23.11
C ALA B 86 0.21 -5.20 -23.51
N SER B 87 0.42 -5.48 -24.79
CA SER B 87 1.75 -5.75 -25.30
C SER B 87 2.19 -4.65 -26.27
N ARG B 88 2.14 -3.41 -25.81
CA ARG B 88 2.55 -2.28 -26.64
C ARG B 88 4.07 -2.23 -26.70
N VAL B 89 4.62 -2.03 -27.89
CA VAL B 89 6.05 -1.98 -28.07
C VAL B 89 6.55 -0.54 -28.07
N PRO B 90 7.28 -0.15 -27.01
CA PRO B 90 7.82 1.21 -26.89
C PRO B 90 9.03 1.41 -27.79
N GLU B 91 9.04 2.51 -28.53
CA GLU B 91 10.14 2.79 -29.43
C GLU B 91 11.27 3.48 -28.70
N SER B 92 12.46 2.93 -28.82
CA SER B 92 13.64 3.49 -28.20
C SER B 92 14.71 3.73 -29.25
N ASN C 2 -13.25 5.04 32.80
CA ASN C 2 -12.52 6.29 32.51
C ASN C 2 -11.49 6.04 31.40
N ALA C 3 -10.23 5.89 31.80
CA ALA C 3 -9.15 5.66 30.86
C ALA C 3 -8.94 4.16 30.65
N ALA C 4 -7.91 3.82 29.89
CA ALA C 4 -7.61 2.42 29.62
C ALA C 4 -7.56 2.16 28.12
N VAL C 5 -6.57 2.74 27.45
CA VAL C 5 -6.42 2.57 26.02
C VAL C 5 -5.62 1.29 25.71
N HIS C 6 -6.34 0.20 25.53
CA HIS C 6 -5.73 -1.08 25.22
C HIS C 6 -5.37 -1.17 23.74
N LEU C 7 -4.09 -1.04 23.43
CA LEU C 7 -3.64 -1.10 22.04
C LEU C 7 -2.77 -2.32 21.78
N THR C 8 -2.87 -2.83 20.56
CA THR C 8 -2.09 -3.98 20.13
C THR C 8 -1.01 -3.52 19.15
N LEU C 9 0.25 -3.66 19.52
CA LEU C 9 1.35 -3.26 18.67
C LEU C 9 1.95 -4.46 17.94
N LYS C 10 1.83 -4.46 16.62
CA LYS C 10 2.35 -5.56 15.82
C LYS C 10 3.21 -5.07 14.65
N LYS C 11 4.38 -5.68 14.49
CA LYS C 11 5.29 -5.32 13.40
C LYS C 11 5.01 -6.19 12.19
N ILE C 12 5.04 -5.59 11.01
CA ILE C 12 4.78 -6.32 9.78
C ILE C 12 5.97 -7.15 9.31
N GLN C 13 7.17 -6.59 9.38
CA GLN C 13 8.36 -7.30 8.94
C GLN C 13 8.89 -8.23 10.04
N ALA C 14 9.29 -9.44 9.63
CA ALA C 14 9.82 -10.42 10.57
C ALA C 14 11.15 -9.97 11.15
N PRO C 15 11.43 -10.30 12.43
CA PRO C 15 10.51 -11.08 13.28
C PRO C 15 9.28 -10.26 13.66
N LYS C 16 8.13 -10.89 13.61
CA LYS C 16 6.89 -10.22 13.94
C LYS C 16 6.57 -10.40 15.42
N PHE C 17 5.92 -9.42 16.00
CA PHE C 17 5.56 -9.47 17.40
C PHE C 17 4.25 -8.74 17.62
N SER C 18 3.49 -9.17 18.62
CA SER C 18 2.23 -8.54 18.94
C SER C 18 2.12 -8.31 20.45
N ILE C 19 2.57 -7.15 20.88
CA ILE C 19 2.53 -6.80 22.30
C ILE C 19 1.40 -5.83 22.58
N GLU C 20 0.77 -5.96 23.74
CA GLU C 20 -0.33 -5.10 24.11
C GLU C 20 -0.02 -4.34 25.38
N HIS C 21 -0.69 -3.20 25.56
CA HIS C 21 -0.51 -2.38 26.74
C HIS C 21 -1.63 -1.35 26.84
N ASP C 22 -2.03 -1.04 28.06
CA ASP C 22 -3.08 -0.07 28.30
C ASP C 22 -2.47 1.30 28.60
N PHE C 23 -2.70 2.26 27.72
CA PHE C 23 -2.17 3.60 27.89
C PHE C 23 -3.28 4.58 28.28
N SER C 24 -2.94 5.86 28.34
CA SER C 24 -3.89 6.89 28.68
C SER C 24 -4.20 7.76 27.45
N PRO C 25 -5.41 8.33 27.37
CA PRO C 25 -5.81 9.17 26.23
C PRO C 25 -5.00 10.47 26.17
N SER C 26 -4.37 10.80 27.28
CA SER C 26 -3.55 12.00 27.36
C SER C 26 -2.15 11.76 26.78
N ASP C 27 -1.87 10.50 26.48
CA ASP C 27 -0.58 10.14 25.91
C ASP C 27 -0.60 10.35 24.40
N THR C 28 0.57 10.51 23.82
CA THR C 28 0.69 10.70 22.38
C THR C 28 1.35 9.49 21.74
N ILE C 29 1.41 9.48 20.42
CA ILE C 29 2.04 8.39 19.68
C ILE C 29 3.51 8.24 20.09
N LEU C 30 4.10 9.35 20.54
CA LEU C 30 5.49 9.35 20.98
C LEU C 30 5.68 8.40 22.16
N GLN C 31 4.69 8.32 23.04
CA GLN C 31 4.75 7.44 24.20
C GLN C 31 4.78 5.99 23.77
N ILE C 32 4.03 5.68 22.71
CA ILE C 32 3.99 4.34 22.18
C ILE C 32 5.35 3.96 21.63
N LYS C 33 5.97 4.88 20.90
CA LYS C 33 7.29 4.66 20.32
C LYS C 33 8.30 4.43 21.43
N GLN C 34 8.22 5.26 22.47
CA GLN C 34 9.11 5.13 23.62
C GLN C 34 8.94 3.77 24.27
N HIS C 35 7.68 3.34 24.38
CA HIS C 35 7.36 2.06 24.97
C HIS C 35 8.01 0.92 24.18
N LEU C 36 7.97 1.03 22.86
CA LEU C 36 8.56 0.03 21.98
C LEU C 36 10.06 -0.06 22.20
N ILE C 37 10.69 1.08 22.47
CA ILE C 37 12.12 1.13 22.72
C ILE C 37 12.46 0.48 24.04
N SER C 38 11.65 0.75 25.08
CA SER C 38 11.89 0.16 26.39
C SER C 38 11.65 -1.35 26.38
N GLU C 39 10.84 -1.81 25.43
CA GLU C 39 10.55 -3.23 25.30
C GLU C 39 11.60 -3.90 24.41
N GLU C 40 12.65 -3.15 24.08
CA GLU C 40 13.74 -3.65 23.24
C GLU C 40 13.25 -4.11 21.88
N LYS C 41 12.33 -3.36 21.31
CA LYS C 41 11.78 -3.68 19.99
C LYS C 41 12.28 -2.69 18.96
N ALA C 42 12.82 -1.56 19.43
CA ALA C 42 13.34 -0.53 18.55
C ALA C 42 14.46 0.24 19.26
N SER C 43 15.10 1.15 18.55
CA SER C 43 16.18 1.93 19.14
C SER C 43 15.90 3.44 19.09
N HIS C 44 15.62 3.97 17.90
CA HIS C 44 15.35 5.39 17.74
C HIS C 44 13.87 5.65 17.46
N ILE C 45 13.43 6.87 17.73
CA ILE C 45 12.04 7.27 17.53
C ILE C 45 11.69 7.38 16.05
N SER C 46 12.62 7.92 15.26
CA SER C 46 12.40 8.11 13.84
C SER C 46 12.36 6.80 13.06
N GLU C 47 12.88 5.72 13.67
CA GLU C 47 12.89 4.42 13.02
C GLU C 47 11.50 3.79 13.04
N ILE C 48 10.70 4.19 14.01
CA ILE C 48 9.36 3.66 14.17
C ILE C 48 8.30 4.54 13.51
N LYS C 49 7.61 3.98 12.54
CA LYS C 49 6.54 4.68 11.86
C LYS C 49 5.25 3.88 12.05
N LEU C 50 4.36 4.38 12.90
CA LEU C 50 3.12 3.68 13.18
C LEU C 50 2.04 4.01 12.16
N LEU C 51 1.18 3.04 11.89
CA LEU C 51 0.10 3.22 10.94
C LEU C 51 -1.19 2.62 11.49
N LEU C 52 -2.32 3.26 11.20
CA LEU C 52 -3.61 2.77 11.66
C LEU C 52 -4.66 2.97 10.57
N LYS C 53 -5.16 1.86 10.04
CA LYS C 53 -6.17 1.89 8.98
C LYS C 53 -5.69 2.68 7.76
N GLY C 54 -4.41 2.51 7.45
CA GLY C 54 -3.82 3.19 6.31
C GLY C 54 -3.28 4.56 6.66
N LYS C 55 -3.83 5.16 7.71
CA LYS C 55 -3.41 6.50 8.14
C LYS C 55 -2.16 6.42 9.01
N VAL C 56 -1.10 7.06 8.55
CA VAL C 56 0.16 7.08 9.30
C VAL C 56 -0.01 7.90 10.58
N LEU C 57 0.40 7.33 11.69
CA LEU C 57 0.29 7.99 12.98
C LEU C 57 1.56 8.78 13.27
N HIS C 58 1.39 10.06 13.57
CA HIS C 58 2.52 10.93 13.85
C HIS C 58 2.68 11.16 15.36
N ASP C 59 3.88 11.52 15.77
CA ASP C 59 4.19 11.75 17.18
C ASP C 59 3.28 12.80 17.81
N ASN C 60 2.86 13.78 17.00
CA ASN C 60 2.00 14.86 17.48
C ASN C 60 0.52 14.50 17.44
N LEU C 61 0.23 13.23 17.62
CA LEU C 61 -1.16 12.75 17.63
C LEU C 61 -1.48 12.11 18.97
N PHE C 62 -2.63 12.45 19.51
CA PHE C 62 -3.07 11.91 20.80
C PHE C 62 -3.77 10.57 20.60
N LEU C 63 -3.75 9.73 21.63
CA LEU C 63 -4.37 8.42 21.56
C LEU C 63 -5.88 8.50 21.41
N SER C 64 -6.46 9.60 21.85
CA SER C 64 -7.90 9.80 21.74
C SER C 64 -8.32 10.02 20.29
N ASP C 65 -7.35 10.35 19.44
CA ASP C 65 -7.61 10.59 18.03
C ASP C 65 -7.53 9.30 17.24
N LEU C 66 -7.01 8.26 17.87
CA LEU C 66 -6.87 6.96 17.24
C LEU C 66 -8.23 6.31 17.00
N LYS C 67 -8.49 5.93 15.76
CA LYS C 67 -9.75 5.29 15.40
C LYS C 67 -9.69 3.81 15.74
N VAL C 68 -9.62 3.51 17.03
CA VAL C 68 -9.54 2.14 17.49
C VAL C 68 -10.89 1.64 18.01
N THR C 69 -11.34 0.54 17.46
CA THR C 69 -12.61 -0.06 17.84
C THR C 69 -12.32 -1.48 18.37
N PRO C 70 -13.34 -2.17 18.92
CA PRO C 70 -13.16 -3.54 19.41
C PRO C 70 -12.67 -4.46 18.29
N ALA C 71 -12.94 -4.05 17.05
CA ALA C 71 -12.52 -4.80 15.88
C ALA C 71 -11.10 -4.45 15.48
N ASN C 72 -10.85 -3.17 15.22
CA ASN C 72 -9.53 -2.72 14.81
C ASN C 72 -8.83 -1.91 15.90
N SER C 73 -8.15 -2.61 16.80
CA SER C 73 -7.41 -1.97 17.89
C SER C 73 -5.91 -2.23 17.74
N THR C 74 -5.54 -2.79 16.59
CA THR C 74 -4.16 -3.13 16.31
C THR C 74 -3.47 -1.99 15.56
N ILE C 75 -2.28 -1.63 16.02
CA ILE C 75 -1.49 -0.58 15.40
C ILE C 75 -0.35 -1.20 14.61
N THR C 76 -0.17 -0.73 13.37
CA THR C 76 0.88 -1.25 12.52
C THR C 76 2.22 -0.64 12.89
N VAL C 77 3.15 -1.49 13.31
CA VAL C 77 4.48 -1.04 13.70
C VAL C 77 5.48 -1.30 12.58
N MET C 78 5.87 -0.25 11.88
CA MET C 78 6.84 -0.35 10.81
C MET C 78 8.15 0.25 11.28
N ILE C 79 9.20 -0.56 11.33
CA ILE C 79 10.50 -0.09 11.78
C ILE C 79 11.54 -0.23 10.67
N LYS C 80 12.24 0.86 10.38
CA LYS C 80 13.28 0.87 9.37
C LYS C 80 14.49 1.63 9.88
N PRO C 81 15.69 1.03 9.79
CA PRO C 81 16.92 1.67 10.25
C PRO C 81 17.24 2.92 9.43
N ASN C 82 17.77 3.94 10.12
CA ASN C 82 18.15 5.22 9.50
C ASN C 82 16.91 6.03 9.14
N MET A 14 3.92 -8.17 -22.30
CA MET A 14 4.38 -8.72 -23.59
C MET A 14 5.32 -9.90 -23.40
N MET A 15 6.40 -9.69 -22.65
CA MET A 15 7.37 -10.76 -22.43
C MET A 15 6.88 -11.71 -21.35
N SER A 16 6.70 -11.21 -20.14
CA SER A 16 6.24 -12.04 -19.02
C SER A 16 5.46 -11.22 -18.00
N ALA A 17 5.87 -9.97 -17.79
CA ALA A 17 5.23 -9.08 -16.81
C ALA A 17 5.24 -9.72 -15.43
N SER A 18 6.43 -9.90 -14.90
CA SER A 18 6.60 -10.53 -13.59
C SER A 18 6.01 -9.69 -12.45
N LYS A 19 5.95 -10.30 -11.27
CA LYS A 19 5.38 -9.65 -10.09
C LYS A 19 6.04 -8.30 -9.82
N GLU A 20 7.36 -8.25 -9.87
CA GLU A 20 8.10 -7.03 -9.61
C GLU A 20 7.87 -5.98 -10.69
N GLU A 21 7.71 -6.44 -11.93
CA GLU A 21 7.47 -5.53 -13.04
C GLU A 21 6.13 -4.82 -12.88
N ILE A 22 5.13 -5.59 -12.49
CA ILE A 22 3.80 -5.04 -12.26
C ILE A 22 3.80 -4.13 -11.04
N ALA A 23 4.46 -4.59 -9.97
CA ALA A 23 4.54 -3.83 -8.73
C ALA A 23 5.27 -2.50 -8.95
N ALA A 24 6.26 -2.52 -9.84
CA ALA A 24 7.03 -1.33 -10.16
C ALA A 24 6.12 -0.25 -10.73
N LEU A 25 5.19 -0.64 -11.59
CA LEU A 25 4.26 0.30 -12.18
C LEU A 25 3.26 0.81 -11.15
N ILE A 26 2.91 -0.06 -10.19
CA ILE A 26 1.98 0.29 -9.13
C ILE A 26 2.56 1.40 -8.26
N VAL A 27 3.78 1.18 -7.77
CA VAL A 27 4.44 2.17 -6.92
C VAL A 27 4.77 3.43 -7.73
N ASN A 28 5.08 3.24 -9.01
CA ASN A 28 5.40 4.36 -9.90
C ASN A 28 4.17 5.24 -10.07
N TYR A 29 3.00 4.60 -10.15
CA TYR A 29 1.74 5.30 -10.29
C TYR A 29 1.49 6.18 -9.07
N PHE A 30 1.59 5.58 -7.88
CA PHE A 30 1.39 6.29 -6.63
C PHE A 30 2.35 7.48 -6.52
N SER A 31 3.60 7.24 -6.90
CA SER A 31 4.62 8.28 -6.86
C SER A 31 4.26 9.43 -7.80
N SER A 32 3.82 9.09 -9.00
CA SER A 32 3.44 10.09 -9.99
C SER A 32 2.27 10.94 -9.50
N ILE A 33 1.35 10.31 -8.77
CA ILE A 33 0.18 11.01 -8.24
C ILE A 33 0.59 12.10 -7.26
N VAL A 34 1.51 11.76 -6.35
CA VAL A 34 1.98 12.70 -5.35
C VAL A 34 2.90 13.77 -5.95
N GLU A 35 3.42 13.51 -7.13
CA GLU A 35 4.29 14.45 -7.81
C GLU A 35 3.49 15.64 -8.32
N LYS A 36 2.27 15.37 -8.77
CA LYS A 36 1.39 16.42 -9.29
C LYS A 36 0.30 16.76 -8.28
N LYS A 37 0.39 16.17 -7.10
CA LYS A 37 -0.58 16.39 -6.02
C LYS A 37 -2.01 16.15 -6.51
N GLU A 38 -2.20 15.04 -7.22
CA GLU A 38 -3.51 14.68 -7.76
C GLU A 38 -4.40 14.04 -6.70
N ILE A 39 -3.94 14.08 -5.46
CA ILE A 39 -4.68 13.52 -4.33
C ILE A 39 -4.40 14.34 -3.08
N SER A 40 -5.30 14.27 -2.11
CA SER A 40 -5.15 15.00 -0.86
C SER A 40 -3.93 14.50 -0.09
N GLU A 41 -3.31 15.38 0.70
CA GLU A 41 -2.15 15.03 1.49
C GLU A 41 -2.39 13.79 2.35
N ASP A 42 -3.57 13.73 2.95
CA ASP A 42 -3.92 12.59 3.80
C ASP A 42 -3.92 11.29 3.00
N GLY A 43 -4.40 11.36 1.76
CA GLY A 43 -4.42 10.20 0.90
C GLY A 43 -3.03 9.82 0.45
N ALA A 44 -2.25 10.84 0.07
CA ALA A 44 -0.88 10.62 -0.37
C ALA A 44 -0.06 9.99 0.75
N ASP A 45 -0.35 10.41 1.97
CA ASP A 45 0.32 9.89 3.16
C ASP A 45 0.09 8.38 3.26
N SER A 46 -1.17 7.97 3.12
CA SER A 46 -1.53 6.56 3.19
C SER A 46 -0.93 5.78 2.02
N LEU A 47 -0.90 6.39 0.85
CA LEU A 47 -0.34 5.75 -0.34
C LEU A 47 1.15 5.50 -0.17
N ASN A 48 1.83 6.44 0.47
CA ASN A 48 3.27 6.32 0.69
C ASN A 48 3.61 5.20 1.66
N VAL A 49 2.86 5.10 2.75
CA VAL A 49 3.11 4.06 3.74
C VAL A 49 2.84 2.67 3.16
N ALA A 50 1.82 2.58 2.31
CA ALA A 50 1.46 1.33 1.66
C ALA A 50 2.52 0.96 0.63
N MET A 51 3.01 1.98 -0.07
CA MET A 51 4.03 1.80 -1.08
C MET A 51 5.29 1.17 -0.47
N ASP A 52 5.66 1.65 0.71
CA ASP A 52 6.83 1.14 1.41
C ASP A 52 6.67 -0.34 1.74
N CYS A 53 5.46 -0.73 2.14
CA CYS A 53 5.16 -2.11 2.48
C CYS A 53 5.22 -3.02 1.24
N ILE A 54 4.86 -2.46 0.10
CA ILE A 54 4.87 -3.20 -1.16
C ILE A 54 6.29 -3.65 -1.51
N SER A 55 7.23 -2.73 -1.33
CA SER A 55 8.63 -3.01 -1.61
C SER A 55 9.14 -4.20 -0.78
N GLU A 56 8.79 -4.20 0.50
CA GLU A 56 9.20 -5.27 1.41
C GLU A 56 8.57 -6.59 1.02
N ALA A 57 7.31 -6.54 0.57
CA ALA A 57 6.59 -7.73 0.17
C ALA A 57 7.21 -8.42 -1.03
N PHE A 58 7.48 -7.67 -2.08
CA PHE A 58 8.08 -8.24 -3.30
C PHE A 58 9.59 -8.43 -3.17
N GLY A 59 10.17 -7.82 -2.15
CA GLY A 59 11.60 -7.96 -1.93
C GLY A 59 12.43 -7.09 -2.87
N PHE A 60 12.08 -5.82 -2.96
CA PHE A 60 12.80 -4.88 -3.80
C PHE A 60 12.80 -3.50 -3.16
N GLU A 61 13.82 -2.71 -3.45
CA GLU A 61 13.90 -1.38 -2.88
C GLU A 61 12.93 -0.43 -3.58
N ARG A 62 12.22 0.36 -2.78
CA ARG A 62 11.26 1.31 -3.29
C ARG A 62 11.91 2.30 -4.25
N GLU A 63 13.10 2.77 -3.88
CA GLU A 63 13.84 3.73 -4.69
C GLU A 63 14.60 3.04 -5.83
N ALA A 64 14.42 1.73 -5.96
CA ALA A 64 15.09 0.97 -7.00
C ALA A 64 14.13 0.67 -8.15
N VAL A 65 12.95 1.29 -8.08
CA VAL A 65 11.91 1.10 -9.10
C VAL A 65 12.42 1.51 -10.49
N SER A 66 13.17 2.59 -10.55
CA SER A 66 13.71 3.09 -11.82
C SER A 66 14.70 2.09 -12.41
N GLY A 67 15.47 1.44 -11.55
CA GLY A 67 16.44 0.45 -12.01
C GLY A 67 15.77 -0.73 -12.66
N ILE A 68 14.68 -1.18 -12.05
CA ILE A 68 13.92 -2.31 -12.58
C ILE A 68 13.20 -1.90 -13.87
N LEU A 69 12.45 -0.80 -13.81
CA LEU A 69 11.71 -0.30 -14.96
C LEU A 69 12.62 -0.04 -16.16
N GLY A 70 13.83 0.42 -15.88
CA GLY A 70 14.78 0.71 -16.94
C GLY A 70 15.09 -0.48 -17.82
N LYS A 71 15.00 -1.68 -17.26
CA LYS A 71 15.27 -2.90 -18.02
C LYS A 71 13.99 -3.67 -18.29
N SER A 72 12.86 -3.02 -18.06
CA SER A 72 11.56 -3.65 -18.27
C SER A 72 10.92 -3.15 -19.56
N GLU A 73 9.88 -3.84 -20.00
CA GLU A 73 9.18 -3.47 -21.23
C GLU A 73 8.31 -2.23 -21.00
N PHE A 74 7.97 -1.98 -19.74
CA PHE A 74 7.14 -0.84 -19.38
C PHE A 74 7.99 0.37 -19.00
N LYS A 75 9.12 0.52 -19.66
CA LYS A 75 10.01 1.63 -19.39
C LYS A 75 9.52 2.92 -20.05
N GLY A 76 9.56 4.01 -19.30
CA GLY A 76 9.12 5.28 -19.81
C GLY A 76 7.60 5.39 -19.90
N GLN A 77 6.92 4.50 -19.19
CA GLN A 77 5.45 4.49 -19.19
C GLN A 77 4.93 4.58 -17.76
N HIS A 78 3.63 4.78 -17.62
CA HIS A 78 3.00 4.86 -16.31
C HIS A 78 1.80 3.93 -16.27
N LEU A 79 1.42 3.48 -15.08
CA LEU A 79 0.29 2.59 -14.93
C LEU A 79 -1.00 3.23 -15.45
N ALA A 80 -1.05 4.57 -15.39
CA ALA A 80 -2.21 5.32 -15.85
C ALA A 80 -2.37 5.25 -17.37
N ASP A 81 -1.36 5.70 -18.10
CA ASP A 81 -1.42 5.71 -19.57
C ASP A 81 -1.57 4.30 -20.15
N ILE A 82 -0.85 3.34 -19.59
CA ILE A 82 -0.93 1.96 -20.07
C ILE A 82 -2.36 1.40 -19.93
N LEU A 83 -2.95 1.58 -18.75
CA LEU A 83 -4.29 1.09 -18.49
C LEU A 83 -5.35 1.88 -19.25
N ASN A 84 -5.05 3.14 -19.53
CA ASN A 84 -5.97 4.02 -20.25
C ASN A 84 -6.02 3.63 -21.72
N SER A 85 -4.90 3.17 -22.24
CA SER A 85 -4.80 2.76 -23.64
C SER A 85 -5.33 1.34 -23.84
N ALA A 86 -5.55 0.65 -22.72
CA ALA A 86 -6.07 -0.71 -22.76
C ALA A 86 -7.57 -0.70 -23.05
N SER A 87 -7.91 -0.83 -24.32
CA SER A 87 -9.30 -0.84 -24.75
C SER A 87 -9.99 -2.11 -24.30
N ARG A 88 -10.96 -1.97 -23.41
CA ARG A 88 -11.71 -3.10 -22.88
C ARG A 88 -13.19 -2.86 -23.08
N VAL A 89 -13.81 -3.66 -23.94
CA VAL A 89 -15.23 -3.53 -24.22
C VAL A 89 -16.03 -4.59 -23.47
N PRO A 90 -16.96 -4.17 -22.62
CA PRO A 90 -17.79 -5.09 -21.84
C PRO A 90 -18.79 -5.84 -22.72
N GLU A 91 -18.34 -6.97 -23.26
CA GLU A 91 -19.19 -7.78 -24.12
C GLU A 91 -20.13 -8.65 -23.28
N SER A 92 -21.14 -8.01 -22.70
CA SER A 92 -22.10 -8.71 -21.87
C SER A 92 -23.51 -8.46 -22.41
N MET B 14 -12.20 2.04 -18.49
CA MET B 14 -11.43 2.36 -19.72
C MET B 14 -11.66 3.81 -20.15
N MET B 15 -12.93 4.23 -20.14
CA MET B 15 -13.28 5.60 -20.50
C MET B 15 -12.62 6.59 -19.56
N SER B 16 -11.45 7.09 -19.95
CA SER B 16 -10.68 8.03 -19.14
C SER B 16 -10.31 7.39 -17.80
N ALA B 17 -9.31 6.49 -17.85
CA ALA B 17 -8.84 5.75 -16.68
C ALA B 17 -8.74 6.63 -15.44
N SER B 18 -9.75 6.52 -14.58
CA SER B 18 -9.80 7.29 -13.36
C SER B 18 -9.02 6.61 -12.24
N LYS B 19 -8.78 7.36 -11.16
CA LYS B 19 -8.04 6.84 -10.02
C LYS B 19 -8.73 5.61 -9.42
N GLU B 20 -10.05 5.67 -9.31
CA GLU B 20 -10.82 4.56 -8.76
C GLU B 20 -10.75 3.32 -9.65
N GLU B 21 -10.72 3.53 -10.96
CA GLU B 21 -10.65 2.43 -11.91
C GLU B 21 -9.35 1.65 -11.71
N ILE B 22 -8.25 2.39 -11.66
CA ILE B 22 -6.94 1.79 -11.48
C ILE B 22 -6.80 1.19 -10.08
N ALA B 23 -7.31 1.91 -9.07
CA ALA B 23 -7.25 1.46 -7.69
C ALA B 23 -7.95 0.12 -7.52
N ALA B 24 -9.10 -0.03 -8.17
CA ALA B 24 -9.87 -1.27 -8.10
C ALA B 24 -9.05 -2.43 -8.66
N LEU B 25 -8.34 -2.17 -9.74
CA LEU B 25 -7.52 -3.19 -10.38
C LEU B 25 -6.32 -3.54 -9.51
N ILE B 26 -5.80 -2.53 -8.81
CA ILE B 26 -4.66 -2.72 -7.92
C ILE B 26 -5.02 -3.65 -6.76
N VAL B 27 -6.11 -3.33 -6.07
CA VAL B 27 -6.55 -4.16 -4.95
C VAL B 27 -6.99 -5.53 -5.42
N ASN B 28 -7.56 -5.59 -6.63
CA ASN B 28 -7.99 -6.85 -7.21
C ASN B 28 -6.79 -7.74 -7.46
N TYR B 29 -5.71 -7.13 -7.95
CA TYR B 29 -4.48 -7.83 -8.23
C TYR B 29 -3.91 -8.45 -6.95
N PHE B 30 -3.82 -7.64 -5.90
CA PHE B 30 -3.30 -8.11 -4.62
C PHE B 30 -4.19 -9.20 -4.04
N SER B 31 -5.51 -9.02 -4.17
CA SER B 31 -6.47 -10.00 -3.67
C SER B 31 -6.30 -11.34 -4.40
N SER B 32 -5.99 -11.26 -5.69
CA SER B 32 -5.81 -12.46 -6.49
C SER B 32 -4.52 -13.20 -6.09
N ILE B 33 -3.57 -12.45 -5.54
CA ILE B 33 -2.32 -13.03 -5.10
C ILE B 33 -2.47 -13.73 -3.75
N VAL B 34 -3.17 -13.08 -2.82
CA VAL B 34 -3.37 -13.64 -1.49
C VAL B 34 -4.39 -14.79 -1.47
N GLU B 35 -5.38 -14.75 -2.35
CA GLU B 35 -6.41 -15.78 -2.39
C GLU B 35 -5.83 -17.17 -2.65
N LYS B 36 -4.83 -17.26 -3.52
CA LYS B 36 -4.21 -18.53 -3.83
C LYS B 36 -2.78 -18.60 -3.31
N LYS B 37 -2.50 -17.72 -2.34
CA LYS B 37 -1.19 -17.63 -1.69
C LYS B 37 0.00 -17.72 -2.67
N GLU B 38 0.18 -16.68 -3.46
CA GLU B 38 1.29 -16.64 -4.40
C GLU B 38 2.53 -16.08 -3.71
N ILE B 39 2.34 -15.57 -2.51
CA ILE B 39 3.42 -14.99 -1.73
C ILE B 39 3.31 -15.43 -0.27
N SER B 40 4.43 -15.49 0.42
CA SER B 40 4.46 -15.89 1.82
C SER B 40 3.76 -14.87 2.71
N GLU B 41 3.42 -15.26 3.94
CA GLU B 41 2.75 -14.37 4.89
C GLU B 41 3.57 -13.11 5.16
N ASP B 42 4.89 -13.22 5.06
CA ASP B 42 5.78 -12.08 5.28
C ASP B 42 5.44 -10.92 4.34
N GLY B 43 4.89 -11.26 3.18
CA GLY B 43 4.49 -10.25 2.22
C GLY B 43 2.98 -10.11 2.14
N ALA B 44 2.29 -11.25 2.19
CA ALA B 44 0.83 -11.27 2.10
C ALA B 44 0.17 -10.49 3.23
N ASP B 45 0.56 -10.79 4.46
CA ASP B 45 0.01 -10.12 5.64
C ASP B 45 0.25 -8.62 5.60
N SER B 46 1.36 -8.24 4.99
CA SER B 46 1.73 -6.83 4.87
C SER B 46 0.85 -6.12 3.84
N LEU B 47 0.27 -6.91 2.94
CA LEU B 47 -0.60 -6.36 1.90
C LEU B 47 -1.99 -6.10 2.45
N ASN B 48 -2.38 -6.86 3.46
CA ASN B 48 -3.70 -6.70 4.08
C ASN B 48 -3.89 -5.29 4.61
N VAL B 49 -2.87 -4.76 5.27
CA VAL B 49 -2.94 -3.41 5.81
C VAL B 49 -2.71 -2.36 4.72
N ALA B 50 -1.91 -2.74 3.71
CA ALA B 50 -1.60 -1.85 2.60
C ALA B 50 -2.86 -1.52 1.81
N MET B 51 -3.62 -2.56 1.47
CA MET B 51 -4.86 -2.40 0.70
C MET B 51 -5.85 -1.52 1.46
N ASP B 52 -5.87 -1.69 2.78
CA ASP B 52 -6.75 -0.91 3.65
C ASP B 52 -6.46 0.57 3.51
N CYS B 53 -5.17 0.91 3.60
CA CYS B 53 -4.73 2.29 3.48
C CYS B 53 -5.06 2.85 2.10
N ILE B 54 -4.89 2.03 1.06
CA ILE B 54 -5.17 2.44 -0.30
C ILE B 54 -6.66 2.75 -0.46
N SER B 55 -7.50 1.95 0.18
CA SER B 55 -8.94 2.13 0.11
C SER B 55 -9.35 3.50 0.64
N GLU B 56 -8.82 3.86 1.80
CA GLU B 56 -9.15 5.15 2.41
C GLU B 56 -8.46 6.30 1.67
N ALA B 57 -7.34 6.00 1.03
CA ALA B 57 -6.58 7.01 0.29
C ALA B 57 -7.35 7.55 -0.91
N PHE B 58 -7.99 6.65 -1.65
CA PHE B 58 -8.76 7.06 -2.83
C PHE B 58 -10.21 7.31 -2.47
N GLY B 59 -10.60 6.92 -1.27
CA GLY B 59 -11.95 7.12 -0.82
C GLY B 59 -12.92 6.10 -1.36
N PHE B 60 -12.58 4.82 -1.21
CA PHE B 60 -13.45 3.76 -1.68
C PHE B 60 -13.49 2.61 -0.67
N GLU B 61 -14.62 1.95 -0.59
CA GLU B 61 -14.79 0.83 0.33
C GLU B 61 -14.03 -0.39 -0.16
N ARG B 62 -13.34 -1.06 0.77
CA ARG B 62 -12.58 -2.26 0.43
C ARG B 62 -13.51 -3.38 0.01
N GLU B 63 -14.73 -3.35 0.53
CA GLU B 63 -15.72 -4.36 0.20
C GLU B 63 -16.53 -3.96 -1.03
N ALA B 64 -16.12 -2.87 -1.67
CA ALA B 64 -16.82 -2.38 -2.86
C ALA B 64 -15.96 -2.54 -4.10
N VAL B 65 -14.93 -3.38 -4.00
CA VAL B 65 -14.03 -3.63 -5.12
C VAL B 65 -14.77 -4.17 -6.35
N SER B 66 -15.63 -5.15 -6.13
CA SER B 66 -16.40 -5.75 -7.22
C SER B 66 -17.43 -4.75 -7.76
N GLY B 67 -17.82 -3.80 -6.91
CA GLY B 67 -18.78 -2.80 -7.30
C GLY B 67 -18.19 -1.85 -8.33
N ILE B 68 -16.93 -1.47 -8.13
CA ILE B 68 -16.25 -0.58 -9.06
C ILE B 68 -15.98 -1.30 -10.37
N LEU B 69 -15.48 -2.54 -10.26
CA LEU B 69 -15.19 -3.36 -11.43
C LEU B 69 -16.45 -3.65 -12.22
N GLY B 70 -17.58 -3.73 -11.51
CA GLY B 70 -18.85 -3.98 -12.16
C GLY B 70 -19.39 -2.73 -12.84
N LYS B 71 -18.92 -1.59 -12.39
CA LYS B 71 -19.35 -0.32 -12.97
C LYS B 71 -18.52 0.01 -14.21
N SER B 72 -17.21 0.12 -14.01
CA SER B 72 -16.31 0.44 -15.11
C SER B 72 -16.18 -0.76 -16.06
N GLU B 73 -15.61 -0.54 -17.22
CA GLU B 73 -15.42 -1.60 -18.21
C GLU B 73 -14.19 -2.45 -17.88
N PHE B 74 -14.04 -2.81 -16.62
CA PHE B 74 -12.92 -3.63 -16.19
C PHE B 74 -13.40 -4.93 -15.55
N LYS B 75 -14.67 -5.24 -15.76
CA LYS B 75 -15.25 -6.46 -15.21
C LYS B 75 -14.65 -7.69 -15.88
N GLY B 76 -14.20 -8.64 -15.06
CA GLY B 76 -13.61 -9.85 -15.59
C GLY B 76 -12.19 -9.64 -16.09
N GLN B 77 -11.57 -8.57 -15.61
CA GLN B 77 -10.20 -8.26 -16.01
C GLN B 77 -9.34 -7.94 -14.80
N HIS B 78 -8.17 -8.57 -14.73
CA HIS B 78 -7.26 -8.34 -13.63
C HIS B 78 -6.11 -7.47 -14.11
N LEU B 79 -5.43 -6.81 -13.17
CA LEU B 79 -4.31 -5.94 -13.51
C LEU B 79 -3.24 -6.67 -14.32
N ALA B 80 -2.96 -7.91 -13.93
CA ALA B 80 -1.95 -8.73 -14.61
C ALA B 80 -2.33 -8.98 -16.08
N ASP B 81 -3.60 -9.33 -16.29
CA ASP B 81 -4.09 -9.62 -17.65
C ASP B 81 -3.93 -8.40 -18.54
N ILE B 82 -4.51 -7.30 -18.09
CA ILE B 82 -4.48 -6.04 -18.82
C ILE B 82 -3.05 -5.59 -19.14
N LEU B 83 -2.21 -5.55 -18.12
CA LEU B 83 -0.82 -5.11 -18.26
C LEU B 83 -0.04 -5.95 -19.27
N ASN B 84 -0.23 -7.25 -19.24
CA ASN B 84 0.48 -8.14 -20.16
C ASN B 84 -0.03 -8.02 -21.59
N SER B 85 -1.32 -7.72 -21.74
CA SER B 85 -1.90 -7.57 -23.07
C SER B 85 -1.61 -6.20 -23.67
N ALA B 86 -1.66 -5.16 -22.84
CA ALA B 86 -1.40 -3.80 -23.32
C ALA B 86 0.03 -3.37 -23.04
N SER B 87 0.97 -3.98 -23.73
CA SER B 87 2.38 -3.65 -23.56
C SER B 87 2.89 -2.90 -24.79
N ARG B 88 3.78 -1.95 -24.58
CA ARG B 88 4.34 -1.17 -25.67
C ARG B 88 5.77 -1.59 -25.96
N VAL B 89 6.24 -1.32 -27.17
CA VAL B 89 7.60 -1.66 -27.56
C VAL B 89 8.52 -0.47 -27.27
N PRO B 90 9.54 -0.68 -26.42
CA PRO B 90 10.50 0.38 -26.06
C PRO B 90 11.50 0.66 -27.16
N GLU B 91 11.01 1.07 -28.32
CA GLU B 91 11.86 1.37 -29.46
C GLU B 91 12.73 2.58 -29.17
N SER B 92 14.00 2.33 -28.89
CA SER B 92 14.95 3.39 -28.58
C SER B 92 15.98 3.53 -29.70
N ASN C 2 -11.87 6.56 28.85
CA ASN C 2 -11.15 7.39 29.85
C ASN C 2 -9.66 7.44 29.52
N ALA C 3 -8.82 7.30 30.54
CA ALA C 3 -7.38 7.34 30.35
C ALA C 3 -6.84 6.03 29.79
N ALA C 4 -7.53 4.93 30.09
CA ALA C 4 -7.15 3.60 29.63
C ALA C 4 -7.26 3.41 28.12
N VAL C 5 -6.21 3.76 27.39
CA VAL C 5 -6.20 3.60 25.94
C VAL C 5 -5.51 2.29 25.56
N HIS C 6 -6.31 1.31 25.15
CA HIS C 6 -5.78 0.00 24.77
C HIS C 6 -5.42 -0.04 23.30
N LEU C 7 -4.14 -0.19 23.00
CA LEU C 7 -3.67 -0.24 21.62
C LEU C 7 -2.99 -1.57 21.31
N THR C 8 -3.02 -1.95 20.03
CA THR C 8 -2.41 -3.19 19.57
C THR C 8 -1.26 -2.86 18.62
N LEU C 9 -0.07 -3.34 18.93
CA LEU C 9 1.10 -3.07 18.12
C LEU C 9 1.47 -4.27 17.25
N LYS C 10 1.49 -4.06 15.93
CA LYS C 10 1.82 -5.10 14.98
C LYS C 10 2.93 -4.65 14.04
N LYS C 11 4.05 -5.34 14.08
CA LYS C 11 5.19 -4.99 13.22
C LYS C 11 5.13 -5.74 11.89
N ILE C 12 5.50 -5.05 10.82
CA ILE C 12 5.51 -5.64 9.49
C ILE C 12 6.83 -6.36 9.21
N GLN C 13 7.94 -5.69 9.50
CA GLN C 13 9.26 -6.27 9.29
C GLN C 13 9.49 -7.47 10.19
N ALA C 14 10.00 -8.55 9.61
CA ALA C 14 10.26 -9.78 10.34
C ALA C 14 11.40 -9.59 11.35
N PRO C 15 11.29 -10.20 12.53
CA PRO C 15 10.15 -11.04 12.91
C PRO C 15 8.94 -10.21 13.27
N LYS C 16 7.78 -10.60 12.78
CA LYS C 16 6.54 -9.89 13.05
C LYS C 16 6.06 -10.19 14.46
N PHE C 17 5.80 -9.14 15.22
CA PHE C 17 5.31 -9.29 16.58
C PHE C 17 3.98 -8.58 16.74
N SER C 18 3.19 -9.03 17.70
CA SER C 18 1.89 -8.42 17.96
C SER C 18 1.64 -8.38 19.46
N ILE C 19 1.79 -7.20 20.05
CA ILE C 19 1.59 -7.04 21.48
C ILE C 19 0.53 -5.98 21.75
N GLU C 20 -0.13 -6.09 22.89
CA GLU C 20 -1.15 -5.13 23.28
C GLU C 20 -0.79 -4.48 24.60
N HIS C 21 -1.00 -3.18 24.69
CA HIS C 21 -0.70 -2.45 25.91
C HIS C 21 -1.57 -1.21 26.04
N ASP C 22 -1.83 -0.81 27.28
CA ASP C 22 -2.64 0.35 27.57
C ASP C 22 -1.75 1.55 27.85
N PHE C 23 -2.10 2.67 27.25
CA PHE C 23 -1.36 3.92 27.43
C PHE C 23 -2.33 5.01 27.84
N SER C 24 -1.84 6.22 28.04
CA SER C 24 -2.69 7.33 28.43
C SER C 24 -2.86 8.31 27.26
N PRO C 25 -3.99 9.02 27.19
CA PRO C 25 -4.26 10.00 26.12
C PRO C 25 -3.32 11.18 26.22
N SER C 26 -2.72 11.34 27.39
CA SER C 26 -1.77 12.41 27.64
C SER C 26 -0.40 12.07 27.10
N ASP C 27 -0.17 10.79 26.80
CA ASP C 27 1.11 10.34 26.27
C ASP C 27 1.21 10.62 24.77
N THR C 28 2.42 10.56 24.25
CA THR C 28 2.65 10.81 22.83
C THR C 28 3.08 9.52 22.13
N ILE C 29 3.18 9.60 20.80
CA ILE C 29 3.60 8.46 20.00
C ILE C 29 5.04 8.05 20.37
N LEU C 30 5.79 9.04 20.84
CA LEU C 30 7.18 8.83 21.24
C LEU C 30 7.25 7.80 22.37
N GLN C 31 6.30 7.87 23.29
CA GLN C 31 6.25 6.94 24.43
C GLN C 31 6.09 5.50 23.96
N ILE C 32 5.28 5.31 22.92
CA ILE C 32 5.06 3.97 22.37
C ILE C 32 6.36 3.42 21.81
N LYS C 33 7.09 4.28 21.10
CA LYS C 33 8.37 3.90 20.51
C LYS C 33 9.36 3.55 21.61
N GLN C 34 9.39 4.38 22.65
CA GLN C 34 10.29 4.16 23.78
C GLN C 34 9.98 2.84 24.48
N HIS C 35 8.70 2.50 24.52
CA HIS C 35 8.24 1.28 25.15
C HIS C 35 8.61 0.05 24.32
N LEU C 36 8.68 0.23 23.01
CA LEU C 36 9.02 -0.87 22.11
C LEU C 36 10.45 -1.35 22.35
N ILE C 37 11.32 -0.43 22.70
CA ILE C 37 12.72 -0.76 22.97
C ILE C 37 12.83 -1.55 24.27
N SER C 38 12.02 -1.19 25.26
CA SER C 38 12.05 -1.89 26.55
C SER C 38 11.47 -3.30 26.42
N GLU C 39 10.69 -3.54 25.36
CA GLU C 39 10.09 -4.84 25.13
C GLU C 39 10.98 -5.67 24.22
N GLU C 40 12.17 -5.15 23.93
CA GLU C 40 13.14 -5.82 23.07
C GLU C 40 12.60 -6.03 21.66
N LYS C 41 11.85 -5.04 21.18
CA LYS C 41 11.28 -5.12 19.84
C LYS C 41 11.82 -4.01 18.95
N ALA C 42 12.80 -3.27 19.46
CA ALA C 42 13.40 -2.16 18.72
C ALA C 42 14.74 -1.78 19.33
N SER C 43 15.48 -0.90 18.65
CA SER C 43 16.78 -0.46 19.12
C SER C 43 16.80 1.06 19.28
N HIS C 44 16.67 1.78 18.17
CA HIS C 44 16.68 3.24 18.21
C HIS C 44 15.31 3.80 17.83
N ILE C 45 14.99 4.96 18.39
CA ILE C 45 13.71 5.63 18.14
C ILE C 45 13.56 6.03 16.68
N SER C 46 14.67 6.38 16.04
CA SER C 46 14.66 6.82 14.65
C SER C 46 14.35 5.67 13.69
N GLU C 47 14.41 4.44 14.19
CA GLU C 47 14.16 3.27 13.35
C GLU C 47 12.70 2.82 13.45
N ILE C 48 11.98 3.38 14.41
CA ILE C 48 10.60 3.00 14.63
C ILE C 48 9.61 3.92 13.90
N LYS C 49 9.04 3.41 12.82
CA LYS C 49 8.06 4.15 12.04
C LYS C 49 6.67 3.63 12.37
N LEU C 50 5.90 4.43 13.10
CA LEU C 50 4.55 4.02 13.49
C LEU C 50 3.52 4.60 12.54
N LEU C 51 2.55 3.78 12.12
CA LEU C 51 1.51 4.22 11.21
C LEU C 51 0.14 3.78 11.72
N LEU C 52 -0.89 4.53 11.35
CA LEU C 52 -2.26 4.21 11.73
C LEU C 52 -3.18 4.45 10.56
N LYS C 53 -3.66 3.36 9.95
CA LYS C 53 -4.56 3.43 8.80
C LYS C 53 -3.92 4.22 7.65
N GLY C 54 -2.61 4.13 7.55
CA GLY C 54 -1.89 4.82 6.50
C GLY C 54 -1.34 6.15 6.95
N LYS C 55 -1.71 6.59 8.15
CA LYS C 55 -1.25 7.85 8.68
C LYS C 55 0.06 7.70 9.44
N VAL C 56 1.06 8.50 9.05
CA VAL C 56 2.35 8.47 9.73
C VAL C 56 2.22 9.10 11.11
N LEU C 57 2.36 8.28 12.14
CA LEU C 57 2.25 8.76 13.50
C LEU C 57 3.46 9.58 13.90
N HIS C 58 3.23 10.89 14.02
CA HIS C 58 4.28 11.83 14.39
C HIS C 58 4.71 11.60 15.83
N ASP C 59 6.01 11.73 16.09
CA ASP C 59 6.57 11.53 17.41
C ASP C 59 5.93 12.41 18.47
N ASN C 60 5.63 13.65 18.10
CA ASN C 60 5.02 14.61 19.03
C ASN C 60 3.50 14.56 18.97
N LEU C 61 2.95 13.54 18.35
CA LEU C 61 1.50 13.38 18.25
C LEU C 61 0.97 12.73 19.51
N PHE C 62 -0.11 13.30 20.04
CA PHE C 62 -0.70 12.78 21.26
C PHE C 62 -1.67 11.63 20.94
N LEU C 63 -1.77 10.70 21.88
CA LEU C 63 -2.65 9.54 21.71
C LEU C 63 -4.12 9.93 21.73
N SER C 64 -4.39 11.14 22.20
CA SER C 64 -5.76 11.64 22.28
C SER C 64 -6.28 12.08 20.90
N ASP C 65 -5.38 12.09 19.92
CA ASP C 65 -5.76 12.49 18.56
C ASP C 65 -5.77 11.29 17.62
N LEU C 66 -5.45 10.12 18.17
CA LEU C 66 -5.41 8.90 17.37
C LEU C 66 -6.81 8.51 16.89
N LYS C 67 -6.93 8.31 15.59
CA LYS C 67 -8.20 7.94 14.99
C LYS C 67 -8.43 6.44 15.12
N VAL C 68 -8.56 5.97 16.35
CA VAL C 68 -8.77 4.56 16.61
C VAL C 68 -10.22 4.28 16.99
N THR C 69 -10.71 3.13 16.57
CA THR C 69 -12.08 2.71 16.84
C THR C 69 -12.05 1.28 17.35
N PRO C 70 -13.17 0.78 17.91
CA PRO C 70 -13.26 -0.60 18.42
C PRO C 70 -12.97 -1.62 17.31
N ALA C 71 -13.17 -1.21 16.06
CA ALA C 71 -12.94 -2.09 14.93
C ALA C 71 -11.47 -2.11 14.55
N ASN C 72 -10.80 -0.96 14.61
CA ASN C 72 -9.39 -0.88 14.27
C ASN C 72 -8.57 -0.12 15.32
N SER C 73 -7.88 -0.88 16.15
CA SER C 73 -7.03 -0.30 17.19
C SER C 73 -5.59 -0.81 17.00
N THR C 74 -5.34 -1.34 15.81
CA THR C 74 -4.04 -1.87 15.47
C THR C 74 -3.11 -0.80 14.91
N ILE C 75 -1.94 -0.68 15.52
CA ILE C 75 -0.94 0.28 15.10
C ILE C 75 0.08 -0.42 14.22
N THR C 76 0.35 0.17 13.06
CA THR C 76 1.31 -0.40 12.12
C THR C 76 2.73 -0.04 12.54
N VAL C 77 3.49 -1.03 12.94
CA VAL C 77 4.87 -0.82 13.37
C VAL C 77 5.85 -1.25 12.28
N MET C 78 6.58 -0.29 11.76
CA MET C 78 7.58 -0.57 10.73
C MET C 78 8.95 -0.14 11.21
N ILE C 79 9.87 -1.08 11.28
CA ILE C 79 11.22 -0.77 11.75
C ILE C 79 12.27 -1.05 10.69
N LYS C 80 12.98 0.01 10.31
CA LYS C 80 14.04 -0.08 9.33
C LYS C 80 15.31 0.56 9.86
N PRO C 81 16.48 -0.03 9.63
CA PRO C 81 17.74 0.50 10.11
C PRO C 81 18.16 1.77 9.38
N ASN C 82 18.48 2.80 10.15
CA ASN C 82 18.92 4.09 9.61
C ASN C 82 17.76 4.83 8.94
N MET A 14 4.25 -6.98 -20.40
CA MET A 14 4.79 -7.02 -21.78
C MET A 14 5.44 -8.37 -22.06
N MET A 15 6.55 -8.66 -21.37
CA MET A 15 7.26 -9.92 -21.56
C MET A 15 6.44 -11.08 -21.03
N SER A 16 5.96 -10.94 -19.80
CA SER A 16 5.13 -11.96 -19.17
C SER A 16 4.16 -11.33 -18.18
N ALA A 17 4.44 -10.07 -17.82
CA ALA A 17 3.63 -9.35 -16.86
C ALA A 17 3.69 -10.05 -15.51
N SER A 18 4.92 -10.42 -15.15
CA SER A 18 5.18 -11.10 -13.90
C SER A 18 5.02 -10.14 -12.73
N LYS A 19 5.18 -10.66 -11.52
CA LYS A 19 5.05 -9.85 -10.31
C LYS A 19 5.94 -8.61 -10.35
N GLU A 20 7.16 -8.77 -10.84
CA GLU A 20 8.09 -7.64 -10.92
C GLU A 20 7.69 -6.63 -11.99
N GLU A 21 7.15 -7.13 -13.12
CA GLU A 21 6.73 -6.26 -14.22
C GLU A 21 5.57 -5.36 -13.78
N ILE A 22 4.70 -5.89 -12.93
CA ILE A 22 3.55 -5.15 -12.45
C ILE A 22 3.88 -4.28 -11.25
N ALA A 23 4.62 -4.85 -10.29
CA ALA A 23 4.98 -4.13 -9.06
C ALA A 23 5.63 -2.78 -9.35
N ALA A 24 6.53 -2.76 -10.33
CA ALA A 24 7.22 -1.53 -10.70
C ALA A 24 6.24 -0.44 -11.13
N LEU A 25 5.23 -0.83 -11.90
CA LEU A 25 4.23 0.11 -12.38
C LEU A 25 3.28 0.54 -11.28
N ILE A 26 2.98 -0.37 -10.36
CA ILE A 26 2.09 -0.07 -9.24
C ILE A 26 2.65 1.04 -8.37
N VAL A 27 3.89 0.88 -7.92
CA VAL A 27 4.52 1.87 -7.07
C VAL A 27 4.79 3.17 -7.84
N ASN A 28 5.09 3.03 -9.13
CA ASN A 28 5.36 4.20 -9.97
C ASN A 28 4.08 5.00 -10.15
N TYR A 29 2.94 4.31 -10.20
CA TYR A 29 1.65 4.95 -10.35
C TYR A 29 1.39 5.88 -9.17
N PHE A 30 1.55 5.35 -7.97
CA PHE A 30 1.34 6.12 -6.75
C PHE A 30 2.33 7.29 -6.69
N SER A 31 3.56 7.02 -7.11
CA SER A 31 4.60 8.04 -7.10
C SER A 31 4.22 9.20 -8.03
N SER A 32 3.66 8.86 -9.19
CA SER A 32 3.25 9.86 -10.16
C SER A 32 2.15 10.75 -9.59
N ILE A 33 1.27 10.16 -8.79
CA ILE A 33 0.17 10.88 -8.18
C ILE A 33 0.66 11.84 -7.11
N VAL A 34 1.52 11.35 -6.22
CA VAL A 34 2.05 12.18 -5.14
C VAL A 34 3.01 13.27 -5.62
N GLU A 35 3.74 13.01 -6.69
CA GLU A 35 4.68 13.99 -7.23
C GLU A 35 3.99 15.27 -7.67
N LYS A 36 2.83 15.12 -8.30
CA LYS A 36 2.07 16.28 -8.76
C LYS A 36 0.99 16.67 -7.77
N LYS A 37 0.99 16.00 -6.61
CA LYS A 37 0.01 16.25 -5.56
C LYS A 37 -1.42 16.13 -6.09
N GLU A 38 -1.67 15.06 -6.84
CA GLU A 38 -2.99 14.82 -7.42
C GLU A 38 -3.90 14.16 -6.38
N ILE A 39 -3.31 13.86 -5.24
CA ILE A 39 -4.02 13.23 -4.15
C ILE A 39 -3.92 14.13 -2.90
N SER A 40 -4.86 14.00 -1.98
CA SER A 40 -4.84 14.79 -0.77
C SER A 40 -3.80 14.26 0.21
N GLU A 41 -3.33 15.12 1.10
CA GLU A 41 -2.33 14.73 2.10
C GLU A 41 -2.77 13.52 2.90
N ASP A 42 -4.08 13.41 3.11
CA ASP A 42 -4.64 12.27 3.86
C ASP A 42 -4.38 10.97 3.13
N GLY A 43 -4.58 10.98 1.82
CA GLY A 43 -4.35 9.79 1.01
C GLY A 43 -2.87 9.52 0.85
N ALA A 44 -2.09 10.57 0.66
CA ALA A 44 -0.64 10.44 0.50
C ALA A 44 -0.03 9.86 1.77
N ASP A 45 -0.62 10.22 2.90
CA ASP A 45 -0.17 9.73 4.20
C ASP A 45 -0.23 8.21 4.24
N SER A 46 -1.36 7.67 3.83
CA SER A 46 -1.56 6.23 3.82
C SER A 46 -0.70 5.56 2.74
N LEU A 47 -0.40 6.32 1.68
CA LEU A 47 0.42 5.79 0.58
C LEU A 47 1.86 5.53 1.02
N ASN A 48 2.34 6.30 1.99
CA ASN A 48 3.70 6.14 2.49
C ASN A 48 3.93 4.73 3.02
N VAL A 49 2.94 4.19 3.71
CA VAL A 49 3.04 2.84 4.26
C VAL A 49 2.59 1.80 3.24
N ALA A 50 1.63 2.18 2.41
CA ALA A 50 1.10 1.29 1.38
C ALA A 50 2.21 0.90 0.40
N MET A 51 2.93 1.89 -0.09
CA MET A 51 4.02 1.65 -1.04
C MET A 51 5.11 0.82 -0.38
N ASP A 52 5.35 1.08 0.91
CA ASP A 52 6.35 0.37 1.67
C ASP A 52 5.98 -1.10 1.81
N CYS A 53 4.70 -1.36 2.09
CA CYS A 53 4.21 -2.72 2.23
C CYS A 53 4.21 -3.48 0.91
N ILE A 54 3.98 -2.76 -0.19
CA ILE A 54 4.00 -3.38 -1.50
C ILE A 54 5.42 -3.82 -1.81
N SER A 55 6.37 -2.98 -1.42
CA SER A 55 7.78 -3.25 -1.64
C SER A 55 8.25 -4.46 -0.83
N GLU A 56 7.83 -4.53 0.44
CA GLU A 56 8.22 -5.64 1.31
C GLU A 56 7.60 -6.96 0.86
N ALA A 57 6.37 -6.88 0.34
CA ALA A 57 5.65 -8.07 -0.12
C ALA A 57 6.31 -8.67 -1.36
N PHE A 58 6.61 -7.84 -2.35
CA PHE A 58 7.23 -8.31 -3.58
C PHE A 58 8.73 -8.50 -3.42
N GLY A 59 9.26 -8.09 -2.27
CA GLY A 59 10.67 -8.24 -2.00
C GLY A 59 11.55 -7.35 -2.88
N PHE A 60 11.25 -6.06 -2.89
CA PHE A 60 12.02 -5.11 -3.67
C PHE A 60 12.04 -3.76 -2.99
N GLU A 61 13.05 -2.95 -3.29
CA GLU A 61 13.18 -1.63 -2.69
C GLU A 61 12.60 -0.57 -3.62
N ARG A 62 12.04 0.48 -3.03
CA ARG A 62 11.47 1.57 -3.81
C ARG A 62 12.54 2.27 -4.63
N GLU A 63 13.76 2.27 -4.08
CA GLU A 63 14.91 2.89 -4.73
C GLU A 63 15.43 2.03 -5.88
N ALA A 64 14.70 0.98 -6.22
CA ALA A 64 15.09 0.10 -7.30
C ALA A 64 14.07 0.09 -8.43
N VAL A 65 12.99 0.87 -8.26
CA VAL A 65 11.93 0.93 -9.28
C VAL A 65 12.48 1.42 -10.62
N SER A 66 13.45 2.32 -10.54
CA SER A 66 14.08 2.89 -11.73
C SER A 66 14.81 1.80 -12.52
N GLY A 67 15.40 0.86 -11.81
CA GLY A 67 16.11 -0.23 -12.45
C GLY A 67 15.16 -1.22 -13.08
N ILE A 68 14.10 -1.57 -12.36
CA ILE A 68 13.11 -2.53 -12.85
C ILE A 68 12.47 -2.03 -14.15
N LEU A 69 12.17 -0.74 -14.20
CA LEU A 69 11.57 -0.15 -15.39
C LEU A 69 12.56 -0.13 -16.55
N GLY A 70 13.84 -0.02 -16.21
CA GLY A 70 14.89 0.01 -17.21
C GLY A 70 15.17 -1.34 -17.81
N LYS A 71 15.00 -2.40 -17.02
CA LYS A 71 15.24 -3.75 -17.50
C LYS A 71 14.01 -4.32 -18.22
N SER A 72 12.84 -3.87 -17.81
CA SER A 72 11.59 -4.33 -18.40
C SER A 72 11.25 -3.48 -19.62
N GLU A 73 10.33 -3.96 -20.44
CA GLU A 73 9.93 -3.24 -21.64
C GLU A 73 8.78 -2.27 -21.33
N PHE A 74 8.93 -1.56 -20.22
CA PHE A 74 7.93 -0.58 -19.80
C PHE A 74 8.59 0.73 -19.43
N LYS A 75 9.82 0.92 -19.91
CA LYS A 75 10.58 2.13 -19.64
C LYS A 75 9.91 3.34 -20.29
N GLY A 76 9.55 4.30 -19.47
CA GLY A 76 8.90 5.50 -19.99
C GLY A 76 7.41 5.32 -20.14
N GLN A 77 6.88 4.26 -19.55
CA GLN A 77 5.47 3.98 -19.62
C GLN A 77 4.84 4.06 -18.23
N HIS A 78 3.62 4.57 -18.17
CA HIS A 78 2.91 4.70 -16.91
C HIS A 78 1.67 3.82 -16.90
N LEU A 79 1.26 3.36 -15.73
CA LEU A 79 0.09 2.51 -15.59
C LEU A 79 -1.15 3.16 -16.20
N ALA A 80 -1.27 4.46 -16.02
CA ALA A 80 -2.41 5.21 -16.55
C ALA A 80 -2.39 5.19 -18.09
N ASP A 81 -1.21 5.39 -18.66
CA ASP A 81 -1.06 5.41 -20.11
C ASP A 81 -1.41 4.06 -20.72
N ILE A 82 -0.94 2.99 -20.07
CA ILE A 82 -1.20 1.64 -20.53
C ILE A 82 -2.70 1.34 -20.50
N LEU A 83 -3.34 1.64 -19.39
CA LEU A 83 -4.77 1.39 -19.22
C LEU A 83 -5.60 2.28 -20.14
N ASN A 84 -5.07 3.46 -20.47
CA ASN A 84 -5.76 4.38 -21.35
C ASN A 84 -5.74 3.85 -22.77
N SER A 85 -4.57 3.39 -23.20
CA SER A 85 -4.41 2.85 -24.55
C SER A 85 -5.15 1.52 -24.69
N ALA A 86 -5.14 0.74 -23.61
CA ALA A 86 -5.82 -0.54 -23.60
C ALA A 86 -7.32 -0.35 -23.78
N SER A 87 -7.87 -0.90 -24.85
CA SER A 87 -9.28 -0.76 -25.13
C SER A 87 -10.00 -2.08 -24.90
N ARG A 88 -10.89 -2.09 -23.93
CA ARG A 88 -11.65 -3.29 -23.61
C ARG A 88 -13.13 -3.06 -23.86
N VAL A 89 -13.66 -3.71 -24.88
CA VAL A 89 -15.07 -3.58 -25.22
C VAL A 89 -15.85 -4.74 -24.64
N PRO A 90 -16.69 -4.47 -23.63
CA PRO A 90 -17.50 -5.50 -22.97
C PRO A 90 -18.65 -6.00 -23.84
N GLU A 91 -18.33 -6.83 -24.82
CA GLU A 91 -19.33 -7.39 -25.71
C GLU A 91 -20.09 -8.51 -25.01
N SER A 92 -20.93 -8.13 -24.07
CA SER A 92 -21.72 -9.09 -23.31
C SER A 92 -23.21 -8.78 -23.46
N MET B 14 -9.48 2.49 -21.89
CA MET B 14 -9.65 3.17 -23.20
C MET B 14 -10.20 4.59 -23.02
N MET B 15 -11.35 4.71 -22.37
CA MET B 15 -11.97 6.02 -22.17
C MET B 15 -11.52 6.71 -20.90
N SER B 16 -10.26 7.16 -20.89
CA SER B 16 -9.68 7.86 -19.76
C SER B 16 -9.85 7.11 -18.44
N ALA B 17 -8.90 6.25 -18.11
CA ALA B 17 -8.96 5.48 -16.88
C ALA B 17 -8.80 6.38 -15.66
N SER B 18 -9.83 6.45 -14.84
CA SER B 18 -9.83 7.27 -13.64
C SER B 18 -9.04 6.59 -12.53
N LYS B 19 -8.69 7.36 -11.50
CA LYS B 19 -7.92 6.84 -10.37
C LYS B 19 -8.64 5.67 -9.71
N GLU B 20 -9.93 5.86 -9.46
CA GLU B 20 -10.76 4.84 -8.81
C GLU B 20 -10.83 3.56 -9.65
N GLU B 21 -10.87 3.73 -10.98
CA GLU B 21 -10.95 2.60 -11.89
C GLU B 21 -9.63 1.83 -11.92
N ILE B 22 -8.53 2.56 -11.96
CA ILE B 22 -7.21 1.95 -11.98
C ILE B 22 -6.92 1.26 -10.66
N ALA B 23 -7.32 1.91 -9.56
CA ALA B 23 -7.12 1.37 -8.23
C ALA B 23 -7.86 0.05 -8.07
N ALA B 24 -9.02 -0.05 -8.73
CA ALA B 24 -9.82 -1.26 -8.68
C ALA B 24 -9.05 -2.43 -9.26
N LEU B 25 -8.30 -2.18 -10.32
CA LEU B 25 -7.51 -3.22 -10.96
C LEU B 25 -6.29 -3.56 -10.10
N ILE B 26 -5.78 -2.55 -9.40
CA ILE B 26 -4.63 -2.74 -8.51
C ILE B 26 -5.01 -3.68 -7.36
N VAL B 27 -6.13 -3.37 -6.71
CA VAL B 27 -6.60 -4.22 -5.61
C VAL B 27 -7.07 -5.57 -6.13
N ASN B 28 -7.56 -5.58 -7.37
CA ASN B 28 -8.00 -6.81 -8.02
C ASN B 28 -6.81 -7.75 -8.18
N TYR B 29 -5.68 -7.16 -8.56
CA TYR B 29 -4.44 -7.91 -8.73
C TYR B 29 -4.02 -8.51 -7.40
N PHE B 30 -4.08 -7.70 -6.35
CA PHE B 30 -3.71 -8.16 -5.01
C PHE B 30 -4.64 -9.28 -4.56
N SER B 31 -5.91 -9.16 -4.91
CA SER B 31 -6.90 -10.17 -4.57
C SER B 31 -6.58 -11.46 -5.32
N SER B 32 -6.15 -11.32 -6.58
CA SER B 32 -5.78 -12.46 -7.41
C SER B 32 -4.49 -13.09 -6.91
N ILE B 33 -3.86 -12.43 -5.95
CA ILE B 33 -2.62 -12.90 -5.36
C ILE B 33 -2.93 -13.76 -4.14
N VAL B 34 -3.75 -13.25 -3.25
CA VAL B 34 -4.10 -13.96 -2.02
C VAL B 34 -5.07 -15.11 -2.25
N GLU B 35 -5.81 -15.05 -3.35
CA GLU B 35 -6.78 -16.11 -3.67
C GLU B 35 -6.11 -17.39 -4.13
N LYS B 36 -4.90 -17.28 -4.67
CA LYS B 36 -4.19 -18.46 -5.16
C LYS B 36 -2.77 -18.54 -4.60
N LYS B 37 -2.54 -17.89 -3.46
CA LYS B 37 -1.23 -17.88 -2.82
C LYS B 37 -0.10 -17.53 -3.79
N GLU B 38 -0.24 -16.37 -4.43
CA GLU B 38 0.75 -15.88 -5.38
C GLU B 38 1.98 -15.39 -4.61
N ILE B 39 1.73 -14.98 -3.38
CA ILE B 39 2.78 -14.48 -2.51
C ILE B 39 2.74 -15.26 -1.19
N SER B 40 3.82 -15.20 -0.43
CA SER B 40 3.90 -15.90 0.84
C SER B 40 2.96 -15.28 1.88
N GLU B 41 2.72 -16.01 2.96
CA GLU B 41 1.84 -15.53 4.02
C GLU B 41 2.36 -14.23 4.61
N ASP B 42 3.67 -14.09 4.68
CA ASP B 42 4.30 -12.89 5.20
C ASP B 42 3.92 -11.67 4.37
N GLY B 43 3.95 -11.83 3.05
CA GLY B 43 3.60 -10.75 2.15
C GLY B 43 2.11 -10.42 2.23
N ALA B 44 1.30 -11.45 2.43
CA ALA B 44 -0.14 -11.28 2.54
C ALA B 44 -0.50 -10.50 3.81
N ASP B 45 0.33 -10.67 4.84
CA ASP B 45 0.13 -9.99 6.11
C ASP B 45 0.22 -8.48 5.91
N SER B 46 1.28 -8.05 5.24
CA SER B 46 1.48 -6.63 4.97
C SER B 46 0.46 -6.09 3.96
N LEU B 47 0.14 -6.91 2.97
CA LEU B 47 -0.81 -6.53 1.92
C LEU B 47 -2.20 -6.23 2.48
N ASN B 48 -2.53 -6.84 3.62
CA ASN B 48 -3.84 -6.64 4.25
C ASN B 48 -4.10 -5.16 4.54
N VAL B 49 -3.24 -4.56 5.35
CA VAL B 49 -3.40 -3.15 5.71
C VAL B 49 -3.08 -2.25 4.52
N ALA B 50 -2.18 -2.70 3.65
CA ALA B 50 -1.82 -1.93 2.46
C ALA B 50 -3.03 -1.70 1.57
N MET B 51 -3.81 -2.76 1.37
CA MET B 51 -5.00 -2.67 0.54
C MET B 51 -6.00 -1.70 1.16
N ASP B 52 -6.05 -1.69 2.49
CA ASP B 52 -6.95 -0.80 3.22
C ASP B 52 -6.55 0.65 2.98
N CYS B 53 -5.26 0.93 3.13
CA CYS B 53 -4.71 2.27 2.93
C CYS B 53 -5.01 2.78 1.52
N ILE B 54 -4.83 1.91 0.52
CA ILE B 54 -5.09 2.27 -0.87
C ILE B 54 -6.56 2.61 -1.07
N SER B 55 -7.44 1.81 -0.46
CA SER B 55 -8.88 2.02 -0.58
C SER B 55 -9.30 3.39 -0.04
N GLU B 56 -8.88 3.70 1.18
CA GLU B 56 -9.24 4.97 1.80
C GLU B 56 -8.56 6.16 1.11
N ALA B 57 -7.39 5.93 0.52
CA ALA B 57 -6.66 6.98 -0.17
C ALA B 57 -7.43 7.50 -1.38
N PHE B 58 -8.04 6.59 -2.12
CA PHE B 58 -8.83 6.97 -3.30
C PHE B 58 -10.28 7.23 -2.92
N GLY B 59 -10.62 6.95 -1.67
CA GLY B 59 -11.97 7.16 -1.19
C GLY B 59 -12.96 6.13 -1.71
N PHE B 60 -12.56 4.88 -1.74
CA PHE B 60 -13.44 3.82 -2.21
C PHE B 60 -13.37 2.62 -1.28
N GLU B 61 -14.44 1.83 -1.25
CA GLU B 61 -14.48 0.65 -0.39
C GLU B 61 -13.92 -0.57 -1.12
N ARG B 62 -13.08 -1.33 -0.42
CA ARG B 62 -12.47 -2.52 -0.97
C ARG B 62 -13.53 -3.53 -1.42
N GLU B 63 -14.61 -3.64 -0.65
CA GLU B 63 -15.70 -4.57 -0.96
C GLU B 63 -16.55 -4.10 -2.15
N ALA B 64 -16.19 -2.95 -2.73
CA ALA B 64 -16.93 -2.41 -3.86
C ALA B 64 -16.08 -2.43 -5.13
N VAL B 65 -15.02 -3.24 -5.11
CA VAL B 65 -14.12 -3.36 -6.25
C VAL B 65 -14.83 -3.78 -7.53
N SER B 66 -15.71 -4.77 -7.43
CA SER B 66 -16.44 -5.27 -8.58
C SER B 66 -17.43 -4.23 -9.10
N GLY B 67 -17.88 -3.34 -8.23
CA GLY B 67 -18.80 -2.31 -8.63
C GLY B 67 -18.19 -1.36 -9.64
N ILE B 68 -16.90 -1.09 -9.45
CA ILE B 68 -16.17 -0.19 -10.35
C ILE B 68 -15.89 -0.91 -11.67
N LEU B 69 -15.39 -2.15 -11.56
CA LEU B 69 -15.05 -2.95 -12.73
C LEU B 69 -16.29 -3.22 -13.59
N GLY B 70 -17.41 -3.47 -12.93
CA GLY B 70 -18.64 -3.74 -13.64
C GLY B 70 -19.20 -2.53 -14.36
N LYS B 71 -18.86 -1.35 -13.86
CA LYS B 71 -19.32 -0.11 -14.46
C LYS B 71 -18.40 0.29 -15.61
N SER B 72 -17.11 0.19 -15.37
CA SER B 72 -16.12 0.54 -16.37
C SER B 72 -15.96 -0.55 -17.43
N GLU B 73 -15.02 -0.32 -18.34
CA GLU B 73 -14.75 -1.25 -19.42
C GLU B 73 -13.83 -2.37 -18.95
N PHE B 74 -13.10 -2.11 -17.87
CA PHE B 74 -12.17 -3.08 -17.32
C PHE B 74 -12.90 -4.14 -16.49
N LYS B 75 -13.57 -5.05 -17.16
CA LYS B 75 -14.30 -6.11 -16.48
C LYS B 75 -13.85 -7.47 -17.02
N GLY B 76 -13.60 -8.40 -16.11
CA GLY B 76 -13.16 -9.72 -16.50
C GLY B 76 -11.73 -9.71 -17.01
N GLN B 77 -10.99 -8.67 -16.62
CA GLN B 77 -9.60 -8.52 -17.02
C GLN B 77 -8.79 -8.09 -15.81
N HIS B 78 -7.79 -8.89 -15.45
CA HIS B 78 -6.94 -8.56 -14.31
C HIS B 78 -5.84 -7.63 -14.76
N LEU B 79 -5.22 -6.94 -13.82
CA LEU B 79 -4.13 -6.02 -14.13
C LEU B 79 -2.98 -6.77 -14.80
N ALA B 80 -2.80 -8.02 -14.39
CA ALA B 80 -1.75 -8.87 -14.93
C ALA B 80 -2.04 -9.25 -16.38
N ASP B 81 -3.33 -9.32 -16.71
CA ASP B 81 -3.75 -9.68 -18.06
C ASP B 81 -3.55 -8.52 -19.00
N ILE B 82 -4.02 -7.34 -18.59
CA ILE B 82 -3.89 -6.14 -19.39
C ILE B 82 -2.43 -5.80 -19.66
N LEU B 83 -1.61 -5.89 -18.62
CA LEU B 83 -0.20 -5.59 -18.72
C LEU B 83 0.53 -6.63 -19.57
N ASN B 84 -0.07 -7.80 -19.71
CA ASN B 84 0.53 -8.86 -20.52
C ASN B 84 0.30 -8.60 -22.00
N SER B 85 -0.91 -8.18 -22.33
CA SER B 85 -1.27 -7.88 -23.70
C SER B 85 -0.54 -6.63 -24.19
N ALA B 86 -0.30 -5.70 -23.26
CA ALA B 86 0.39 -4.45 -23.59
C ALA B 86 1.83 -4.74 -24.04
N SER B 87 2.01 -4.78 -25.34
CA SER B 87 3.32 -5.06 -25.92
C SER B 87 3.91 -3.79 -26.52
N ARG B 88 4.84 -3.18 -25.80
CA ARG B 88 5.49 -1.98 -26.27
C ARG B 88 6.98 -2.22 -26.38
N VAL B 89 7.53 -1.91 -27.55
CA VAL B 89 8.95 -2.09 -27.79
C VAL B 89 9.67 -0.75 -27.69
N PRO B 90 10.60 -0.61 -26.74
CA PRO B 90 11.37 0.63 -26.56
C PRO B 90 12.23 0.93 -27.78
N GLU B 91 11.92 2.03 -28.46
CA GLU B 91 12.66 2.43 -29.65
C GLU B 91 13.99 3.09 -29.28
N SER B 92 14.81 2.36 -28.54
CA SER B 92 16.11 2.85 -28.11
C SER B 92 17.02 1.67 -27.77
N ASN C 2 -6.85 8.68 36.49
CA ASN C 2 -5.41 8.57 36.16
C ASN C 2 -5.24 8.23 34.69
N ALA C 3 -4.15 7.51 34.37
CA ALA C 3 -3.88 7.13 33.00
C ALA C 3 -4.36 5.71 32.73
N ALA C 4 -3.49 4.73 32.94
CA ALA C 4 -3.84 3.34 32.73
C ALA C 4 -4.13 3.05 31.26
N VAL C 5 -3.46 3.76 30.37
CA VAL C 5 -3.65 3.58 28.94
C VAL C 5 -2.84 2.39 28.45
N HIS C 6 -3.47 1.23 28.42
CA HIS C 6 -2.80 0.01 28.00
C HIS C 6 -2.80 -0.10 26.47
N LEU C 7 -1.62 0.06 25.88
CA LEU C 7 -1.50 -0.03 24.43
C LEU C 7 -0.79 -1.31 24.02
N THR C 8 -1.21 -1.87 22.90
CA THR C 8 -0.63 -3.09 22.38
C THR C 8 0.20 -2.79 21.14
N LEU C 9 1.48 -3.06 21.20
CA LEU C 9 2.37 -2.80 20.08
C LEU C 9 2.69 -4.09 19.33
N LYS C 10 2.31 -4.14 18.06
CA LYS C 10 2.53 -5.32 17.24
C LYS C 10 3.17 -4.97 15.90
N LYS C 11 4.31 -5.58 15.62
CA LYS C 11 5.02 -5.36 14.36
C LYS C 11 4.73 -6.53 13.43
N ILE C 12 4.09 -6.24 12.30
CA ILE C 12 3.75 -7.27 11.33
C ILE C 12 4.89 -7.65 10.41
N GLN C 13 5.99 -6.90 10.47
CA GLN C 13 7.15 -7.19 9.63
C GLN C 13 8.26 -7.73 10.50
N ALA C 14 9.15 -8.53 9.91
CA ALA C 14 10.25 -9.14 10.65
C ALA C 14 11.18 -8.08 11.24
N PRO C 15 11.55 -8.23 12.52
CA PRO C 15 11.08 -9.34 13.36
C PRO C 15 9.71 -9.02 13.97
N LYS C 16 8.79 -9.97 13.86
CA LYS C 16 7.44 -9.80 14.39
C LYS C 16 7.44 -9.95 15.92
N PHE C 17 7.22 -8.84 16.60
CA PHE C 17 7.15 -8.84 18.05
C PHE C 17 5.84 -8.25 18.54
N SER C 18 5.52 -8.50 19.80
CA SER C 18 4.30 -7.98 20.39
C SER C 18 4.50 -7.71 21.88
N ILE C 19 4.32 -6.45 22.27
CA ILE C 19 4.49 -6.05 23.66
C ILE C 19 3.38 -5.09 24.08
N GLU C 20 3.15 -5.00 25.38
CA GLU C 20 2.12 -4.12 25.91
C GLU C 20 2.69 -3.25 27.02
N HIS C 21 2.17 -2.04 27.14
CA HIS C 21 2.64 -1.11 28.16
C HIS C 21 1.58 -0.05 28.44
N ASP C 22 1.57 0.46 29.67
CA ASP C 22 0.62 1.48 30.06
C ASP C 22 1.26 2.86 29.91
N PHE C 23 0.59 3.72 29.17
CA PHE C 23 1.09 5.07 28.95
C PHE C 23 0.15 6.10 29.60
N SER C 24 0.47 7.37 29.45
CA SER C 24 -0.34 8.44 30.01
C SER C 24 -0.99 9.22 28.87
N PRO C 25 -2.17 9.84 29.11
CA PRO C 25 -2.87 10.62 28.09
C PRO C 25 -2.07 11.84 27.62
N SER C 26 -1.07 12.21 28.41
CA SER C 26 -0.19 13.33 28.10
C SER C 26 0.94 12.89 27.19
N ASP C 27 1.13 11.58 27.09
CA ASP C 27 2.19 11.01 26.27
C ASP C 27 1.75 11.01 24.81
N THR C 28 2.60 11.51 23.94
CA THR C 28 2.29 11.57 22.53
C THR C 28 2.80 10.32 21.82
N ILE C 29 2.55 10.23 20.52
CA ILE C 29 3.00 9.09 19.72
C ILE C 29 4.52 8.99 19.76
N LEU C 30 5.17 10.13 19.95
CA LEU C 30 6.62 10.19 20.02
C LEU C 30 7.14 9.40 21.23
N GLN C 31 6.39 9.46 22.34
CA GLN C 31 6.76 8.76 23.55
C GLN C 31 6.77 7.25 23.32
N ILE C 32 5.83 6.77 22.54
CA ILE C 32 5.73 5.35 22.23
C ILE C 32 6.98 4.92 21.46
N LYS C 33 7.40 5.75 20.53
CA LYS C 33 8.58 5.49 19.72
C LYS C 33 9.83 5.48 20.60
N GLN C 34 9.92 6.47 21.49
CA GLN C 34 11.06 6.58 22.40
C GLN C 34 11.17 5.33 23.27
N HIS C 35 10.02 4.78 23.64
CA HIS C 35 9.98 3.59 24.48
C HIS C 35 10.48 2.37 23.73
N LEU C 36 10.14 2.28 22.44
CA LEU C 36 10.54 1.16 21.61
C LEU C 36 12.05 1.07 21.47
N ILE C 37 12.72 2.23 21.49
CA ILE C 37 14.16 2.27 21.38
C ILE C 37 14.81 1.62 22.61
N SER C 38 14.27 1.92 23.78
CA SER C 38 14.78 1.37 25.03
C SER C 38 14.44 -0.12 25.16
N GLU C 39 13.51 -0.58 24.34
CA GLU C 39 13.11 -1.98 24.34
C GLU C 39 13.87 -2.75 23.27
N GLU C 40 14.88 -2.09 22.70
CA GLU C 40 15.72 -2.67 21.66
C GLU C 40 14.88 -3.15 20.47
N LYS C 41 13.93 -2.34 20.08
CA LYS C 41 13.06 -2.70 18.96
C LYS C 41 13.38 -1.87 17.71
N ALA C 42 13.89 -0.67 17.92
CA ALA C 42 14.24 0.21 16.82
C ALA C 42 15.53 0.95 17.13
N SER C 43 16.10 1.59 16.12
CA SER C 43 17.34 2.33 16.29
C SER C 43 17.06 3.83 16.33
N HIS C 44 16.15 4.29 15.48
CA HIS C 44 15.81 5.71 15.42
C HIS C 44 14.31 5.93 15.43
N ILE C 45 13.92 7.17 15.71
CA ILE C 45 12.50 7.55 15.77
C ILE C 45 11.86 7.53 14.38
N SER C 46 12.63 7.93 13.38
CA SER C 46 12.13 7.99 12.01
C SER C 46 11.80 6.60 11.44
N GLU C 47 12.40 5.56 11.99
CA GLU C 47 12.15 4.20 11.51
C GLU C 47 10.82 3.66 12.02
N ILE C 48 10.34 4.25 13.11
CA ILE C 48 9.10 3.81 13.71
C ILE C 48 7.87 4.49 13.12
N LYS C 49 7.20 3.79 12.21
CA LYS C 49 5.99 4.29 11.58
C LYS C 49 4.79 3.60 12.21
N LEU C 50 4.03 4.32 13.01
CA LEU C 50 2.87 3.75 13.67
C LEU C 50 1.60 3.96 12.87
N LEU C 51 0.73 2.95 12.87
CA LEU C 51 -0.52 3.03 12.14
C LEU C 51 -1.68 2.56 13.02
N LEU C 52 -2.90 2.84 12.56
CA LEU C 52 -4.10 2.43 13.28
C LEU C 52 -5.15 1.99 12.27
N LYS C 53 -4.86 0.87 11.58
CA LYS C 53 -5.76 0.30 10.57
C LYS C 53 -5.98 1.26 9.40
N GLY C 54 -5.11 1.19 8.42
CA GLY C 54 -5.24 2.05 7.24
C GLY C 54 -4.62 3.43 7.44
N LYS C 55 -5.08 4.14 8.45
CA LYS C 55 -4.58 5.47 8.74
C LYS C 55 -3.28 5.43 9.52
N VAL C 56 -2.37 6.35 9.19
CA VAL C 56 -1.08 6.42 9.86
C VAL C 56 -1.16 7.35 11.07
N LEU C 57 -0.44 7.00 12.13
CA LEU C 57 -0.43 7.80 13.35
C LEU C 57 0.74 8.76 13.34
N HIS C 58 0.44 10.04 13.52
CA HIS C 58 1.48 11.07 13.52
C HIS C 58 1.94 11.37 14.94
N ASP C 59 3.21 11.72 15.08
CA ASP C 59 3.83 12.02 16.37
C ASP C 59 3.05 13.06 17.15
N ASN C 60 2.63 14.12 16.48
CA ASN C 60 1.88 15.20 17.12
C ASN C 60 0.42 14.82 17.33
N LEU C 61 0.20 13.86 18.21
CA LEU C 61 -1.15 13.38 18.53
C LEU C 61 -1.15 12.77 19.92
N PHE C 62 -2.27 12.88 20.62
CA PHE C 62 -2.39 12.35 21.96
C PHE C 62 -3.19 11.05 21.95
N LEU C 63 -2.98 10.22 22.97
CA LEU C 63 -3.68 8.94 23.07
C LEU C 63 -5.19 9.10 23.21
N SER C 64 -5.60 10.23 23.78
CA SER C 64 -7.02 10.51 23.98
C SER C 64 -7.74 10.73 22.65
N ASP C 65 -6.98 11.07 21.63
CA ASP C 65 -7.55 11.33 20.30
C ASP C 65 -7.67 10.04 19.50
N LEU C 66 -7.11 8.96 20.04
CA LEU C 66 -7.17 7.67 19.39
C LEU C 66 -8.51 7.00 19.67
N LYS C 67 -9.18 6.57 18.61
CA LYS C 67 -10.48 5.91 18.74
C LYS C 67 -10.31 4.44 19.12
N VAL C 68 -9.42 4.20 20.09
CA VAL C 68 -9.15 2.85 20.55
C VAL C 68 -10.36 2.27 21.27
N THR C 69 -10.87 1.19 20.73
CA THR C 69 -12.03 0.52 21.29
C THR C 69 -11.67 -0.90 21.71
N PRO C 70 -12.48 -1.55 22.57
CA PRO C 70 -12.23 -2.92 23.03
C PRO C 70 -12.07 -3.92 21.88
N ALA C 71 -12.70 -3.62 20.74
CA ALA C 71 -12.62 -4.49 19.57
C ALA C 71 -11.28 -4.34 18.85
N ASN C 72 -10.63 -3.19 19.04
CA ASN C 72 -9.35 -2.92 18.40
C ASN C 72 -8.47 -2.03 19.26
N SER C 73 -7.66 -2.65 20.10
CA SER C 73 -6.75 -1.91 20.98
C SER C 73 -5.30 -2.23 20.60
N THR C 74 -5.11 -2.62 19.35
CA THR C 74 -3.80 -2.96 18.84
C THR C 74 -3.26 -1.86 17.93
N ILE C 75 -2.01 -1.47 18.16
CA ILE C 75 -1.36 -0.45 17.37
C ILE C 75 -0.47 -1.11 16.33
N THR C 76 -0.64 -0.72 15.07
CA THR C 76 0.15 -1.28 13.99
C THR C 76 1.54 -0.66 13.96
N VAL C 77 2.53 -1.41 14.38
CA VAL C 77 3.91 -0.95 14.41
C VAL C 77 4.63 -1.32 13.13
N MET C 78 4.93 -0.31 12.31
CA MET C 78 5.61 -0.53 11.06
C MET C 78 7.04 0.00 11.11
N ILE C 79 7.88 -0.65 11.91
CA ILE C 79 9.26 -0.24 12.02
C ILE C 79 10.03 -0.64 10.77
N LYS C 80 10.31 0.35 9.93
CA LYS C 80 11.01 0.14 8.68
C LYS C 80 11.96 1.31 8.42
N PRO C 81 13.24 1.03 8.16
CA PRO C 81 14.23 2.06 7.88
C PRO C 81 14.14 2.54 6.44
N ASN C 82 15.16 3.29 6.00
CA ASN C 82 15.22 3.82 4.63
C ASN C 82 14.13 4.86 4.39
N MET A 14 3.06 -7.65 -22.89
CA MET A 14 3.30 -8.62 -23.98
C MET A 14 4.37 -9.64 -23.59
N MET A 15 5.38 -9.20 -22.85
CA MET A 15 6.46 -10.08 -22.42
C MET A 15 5.96 -11.16 -21.46
N SER A 16 5.74 -10.78 -20.21
CA SER A 16 5.26 -11.73 -19.21
C SER A 16 4.42 -11.04 -18.14
N ALA A 17 4.79 -9.79 -17.82
CA ALA A 17 4.08 -9.02 -16.80
C ALA A 17 4.15 -9.72 -15.46
N SER A 18 5.38 -9.91 -14.99
CA SER A 18 5.64 -10.57 -13.73
C SER A 18 5.32 -9.64 -12.57
N LYS A 19 5.42 -10.16 -11.35
CA LYS A 19 5.13 -9.40 -10.15
C LYS A 19 5.95 -8.11 -10.07
N GLU A 20 7.24 -8.21 -10.39
CA GLU A 20 8.13 -7.06 -10.35
C GLU A 20 7.79 -6.04 -11.45
N GLU A 21 7.44 -6.55 -12.63
CA GLU A 21 7.08 -5.69 -13.75
C GLU A 21 5.86 -4.84 -13.40
N ILE A 22 4.87 -5.49 -12.81
CA ILE A 22 3.64 -4.82 -12.39
C ILE A 22 3.89 -3.88 -11.22
N ALA A 23 4.61 -4.36 -10.22
CA ALA A 23 4.93 -3.56 -9.03
C ALA A 23 5.59 -2.24 -9.38
N ALA A 24 6.52 -2.28 -10.34
CA ALA A 24 7.23 -1.10 -10.78
C ALA A 24 6.26 -0.06 -11.35
N LEU A 25 5.30 -0.53 -12.11
CA LEU A 25 4.30 0.36 -12.71
C LEU A 25 3.37 0.93 -11.65
N ILE A 26 3.10 0.15 -10.62
CA ILE A 26 2.23 0.57 -9.52
C ILE A 26 2.88 1.68 -8.71
N VAL A 27 4.12 1.46 -8.28
CA VAL A 27 4.83 2.45 -7.48
C VAL A 27 5.10 3.72 -8.27
N ASN A 28 5.40 3.57 -9.56
CA ASN A 28 5.67 4.72 -10.43
C ASN A 28 4.43 5.60 -10.54
N TYR A 29 3.26 4.97 -10.58
CA TYR A 29 2.01 5.69 -10.66
C TYR A 29 1.83 6.57 -9.44
N PHE A 30 2.13 6.03 -8.27
CA PHE A 30 2.00 6.77 -7.02
C PHE A 30 2.98 7.94 -7.02
N SER A 31 4.19 7.69 -7.51
CA SER A 31 5.22 8.73 -7.60
C SER A 31 4.73 9.89 -8.45
N SER A 32 4.14 9.57 -9.60
CA SER A 32 3.63 10.60 -10.50
C SER A 32 2.60 11.47 -9.79
N ILE A 33 1.68 10.83 -9.07
CA ILE A 33 0.61 11.54 -8.36
C ILE A 33 1.18 12.49 -7.31
N VAL A 34 2.11 12.00 -6.49
CA VAL A 34 2.71 12.83 -5.45
C VAL A 34 3.65 13.90 -5.99
N GLU A 35 4.25 13.64 -7.15
CA GLU A 35 5.16 14.60 -7.76
C GLU A 35 4.42 15.75 -8.43
N LYS A 36 3.31 15.43 -9.09
CA LYS A 36 2.51 16.46 -9.75
C LYS A 36 1.48 17.04 -8.78
N LYS A 37 1.58 16.62 -7.53
CA LYS A 37 0.68 17.06 -6.46
C LYS A 37 -0.79 16.95 -6.84
N GLU A 38 -1.20 15.73 -7.18
CA GLU A 38 -2.59 15.48 -7.55
C GLU A 38 -3.31 14.78 -6.39
N ILE A 39 -2.72 14.90 -5.21
CA ILE A 39 -3.27 14.30 -4.01
C ILE A 39 -2.93 15.16 -2.80
N SER A 40 -3.80 15.14 -1.80
CA SER A 40 -3.60 15.92 -0.58
C SER A 40 -2.48 15.32 0.26
N GLU A 41 -1.81 16.16 1.03
CA GLU A 41 -0.70 15.73 1.89
C GLU A 41 -1.13 14.66 2.88
N ASP A 42 -2.41 14.66 3.24
CA ASP A 42 -2.95 13.67 4.19
C ASP A 42 -2.87 12.26 3.62
N GLY A 43 -2.78 12.16 2.30
CA GLY A 43 -2.68 10.88 1.66
C GLY A 43 -1.30 10.67 1.04
N ALA A 44 -0.50 11.74 1.04
CA ALA A 44 0.83 11.69 0.47
C ALA A 44 1.74 10.74 1.25
N ASP A 45 1.75 10.90 2.57
CA ASP A 45 2.57 10.04 3.43
C ASP A 45 2.04 8.61 3.41
N SER A 46 0.73 8.49 3.25
CA SER A 46 0.08 7.19 3.18
C SER A 46 0.53 6.44 1.94
N LEU A 47 0.54 7.13 0.79
CA LEU A 47 0.97 6.53 -0.45
C LEU A 47 2.47 6.26 -0.40
N ASN A 48 3.19 7.15 0.26
CA ASN A 48 4.64 7.02 0.42
C ASN A 48 5.00 5.77 1.21
N VAL A 49 4.34 5.57 2.35
CA VAL A 49 4.60 4.41 3.18
C VAL A 49 4.14 3.13 2.48
N ALA A 50 3.00 3.20 1.80
CA ALA A 50 2.46 2.06 1.07
C ALA A 50 3.43 1.64 -0.02
N MET A 51 3.93 2.63 -0.77
CA MET A 51 4.87 2.38 -1.85
C MET A 51 6.12 1.69 -1.31
N ASP A 52 6.57 2.13 -0.14
CA ASP A 52 7.74 1.57 0.51
C ASP A 52 7.48 0.11 0.91
N CYS A 53 6.31 -0.13 1.50
CA CYS A 53 5.93 -1.47 1.92
C CYS A 53 5.79 -2.40 0.72
N ILE A 54 5.24 -1.89 -0.38
CA ILE A 54 5.08 -2.67 -1.60
C ILE A 54 6.45 -3.10 -2.11
N SER A 55 7.40 -2.19 -2.05
CA SER A 55 8.76 -2.45 -2.50
C SER A 55 9.39 -3.62 -1.75
N GLU A 56 9.42 -3.53 -0.43
CA GLU A 56 10.01 -4.58 0.40
C GLU A 56 9.26 -5.91 0.27
N ALA A 57 7.96 -5.84 0.01
CA ALA A 57 7.15 -7.03 -0.14
C ALA A 57 7.57 -7.85 -1.36
N PHE A 58 7.83 -7.16 -2.46
CA PHE A 58 8.26 -7.82 -3.69
C PHE A 58 9.77 -8.10 -3.70
N GLY A 59 10.46 -7.51 -2.73
CA GLY A 59 11.90 -7.70 -2.63
C GLY A 59 12.71 -6.73 -3.47
N PHE A 60 12.12 -5.61 -3.83
CA PHE A 60 12.83 -4.62 -4.64
C PHE A 60 12.87 -3.27 -3.93
N GLU A 61 13.81 -2.43 -4.31
CA GLU A 61 13.93 -1.12 -3.71
C GLU A 61 13.14 -0.09 -4.50
N ARG A 62 12.50 0.83 -3.78
CA ARG A 62 11.69 1.87 -4.40
C ARG A 62 12.50 2.67 -5.42
N GLU A 63 13.74 2.97 -5.07
CA GLU A 63 14.62 3.73 -5.95
C GLU A 63 15.17 2.90 -7.10
N ALA A 64 14.78 1.62 -7.18
CA ALA A 64 15.24 0.74 -8.23
C ALA A 64 14.19 0.61 -9.33
N VAL A 65 13.07 1.33 -9.18
CA VAL A 65 11.99 1.29 -10.15
C VAL A 65 12.48 1.73 -11.53
N SER A 66 13.40 2.69 -11.54
CA SER A 66 13.96 3.21 -12.77
C SER A 66 14.73 2.12 -13.52
N GLY A 67 15.48 1.32 -12.76
CA GLY A 67 16.26 0.25 -13.35
C GLY A 67 15.37 -0.87 -13.86
N ILE A 68 14.34 -1.21 -13.09
CA ILE A 68 13.41 -2.26 -13.48
C ILE A 68 12.67 -1.88 -14.77
N LEU A 69 12.09 -0.69 -14.78
CA LEU A 69 11.35 -0.21 -15.95
C LEU A 69 12.27 -0.09 -17.17
N GLY A 70 13.53 0.22 -16.93
CA GLY A 70 14.48 0.37 -18.00
C GLY A 70 14.76 -0.93 -18.73
N LYS A 71 14.62 -2.05 -18.03
CA LYS A 71 14.88 -3.36 -18.65
C LYS A 71 13.59 -4.10 -18.92
N SER A 72 12.46 -3.43 -18.68
CA SER A 72 11.16 -4.04 -18.90
C SER A 72 10.54 -3.59 -20.22
N GLU A 73 9.47 -4.28 -20.60
CA GLU A 73 8.75 -3.99 -21.84
C GLU A 73 8.02 -2.65 -21.74
N PHE A 74 7.45 -2.41 -20.58
CA PHE A 74 6.68 -1.20 -20.33
C PHE A 74 7.59 0.00 -20.04
N LYS A 75 8.68 0.11 -20.79
CA LYS A 75 9.62 1.20 -20.62
C LYS A 75 9.01 2.50 -21.16
N GLY A 76 9.10 3.56 -20.37
CA GLY A 76 8.56 4.84 -20.79
C GLY A 76 7.05 4.86 -20.77
N GLN A 77 6.45 4.02 -19.93
CA GLN A 77 5.00 3.96 -19.82
C GLN A 77 4.55 4.05 -18.37
N HIS A 78 3.33 4.50 -18.15
CA HIS A 78 2.78 4.62 -16.82
C HIS A 78 1.59 3.67 -16.68
N LEU A 79 1.23 3.32 -15.45
CA LEU A 79 0.11 2.41 -15.21
C LEU A 79 -1.19 2.96 -15.79
N ALA A 80 -1.38 4.28 -15.65
CA ALA A 80 -2.58 4.94 -16.16
C ALA A 80 -2.65 4.85 -17.68
N ASP A 81 -1.50 5.04 -18.33
CA ASP A 81 -1.42 5.00 -19.79
C ASP A 81 -1.88 3.65 -20.31
N ILE A 82 -1.36 2.59 -19.70
CA ILE A 82 -1.70 1.23 -20.09
C ILE A 82 -3.19 0.94 -19.89
N LEU A 83 -3.70 1.28 -18.71
CA LEU A 83 -5.11 1.05 -18.40
C LEU A 83 -6.04 1.88 -19.28
N ASN A 84 -5.56 3.02 -19.73
CA ASN A 84 -6.36 3.89 -20.61
C ASN A 84 -6.35 3.35 -22.03
N SER A 85 -5.37 2.52 -22.35
CA SER A 85 -5.27 1.93 -23.67
C SER A 85 -5.94 0.57 -23.72
N ALA A 86 -5.92 -0.13 -22.59
CA ALA A 86 -6.53 -1.44 -22.48
C ALA A 86 -8.04 -1.35 -22.61
N SER A 87 -8.55 -1.74 -23.78
CA SER A 87 -9.97 -1.71 -24.04
C SER A 87 -10.62 -3.02 -23.58
N ARG A 88 -11.54 -2.90 -22.64
CA ARG A 88 -12.22 -4.08 -22.10
C ARG A 88 -13.73 -3.86 -22.07
N VAL A 89 -14.42 -4.40 -23.07
CA VAL A 89 -15.86 -4.27 -23.16
C VAL A 89 -16.53 -5.53 -22.63
N PRO A 90 -17.28 -5.40 -21.53
CA PRO A 90 -17.98 -6.54 -20.90
C PRO A 90 -19.25 -6.93 -21.64
N GLU A 91 -19.09 -7.67 -22.73
CA GLU A 91 -20.22 -8.12 -23.53
C GLU A 91 -20.98 -9.22 -22.81
N SER A 92 -22.10 -8.85 -22.22
CA SER A 92 -22.94 -9.79 -21.50
C SER A 92 -24.09 -10.26 -22.37
N MET B 14 -11.44 1.48 -18.50
CA MET B 14 -11.33 1.85 -19.93
C MET B 14 -11.90 3.25 -20.19
N MET B 15 -12.88 3.66 -19.39
CA MET B 15 -13.50 4.98 -19.57
C MET B 15 -12.64 6.04 -18.91
N SER B 16 -11.48 6.31 -19.51
CA SER B 16 -10.52 7.28 -19.00
C SER B 16 -9.97 6.82 -17.66
N ALA B 17 -8.77 6.23 -17.68
CA ALA B 17 -8.12 5.72 -16.48
C ALA B 17 -8.25 6.67 -15.28
N SER B 18 -9.23 6.39 -14.44
CA SER B 18 -9.48 7.20 -13.26
C SER B 18 -8.90 6.51 -12.02
N LYS B 19 -8.94 7.21 -10.90
CA LYS B 19 -8.42 6.68 -9.65
C LYS B 19 -9.10 5.35 -9.31
N GLU B 20 -10.42 5.32 -9.42
CA GLU B 20 -11.20 4.12 -9.14
C GLU B 20 -10.81 2.94 -10.04
N GLU B 21 -10.79 3.19 -11.34
CA GLU B 21 -10.45 2.15 -12.33
C GLU B 21 -9.07 1.54 -12.07
N ILE B 22 -8.14 2.36 -11.62
CA ILE B 22 -6.78 1.89 -11.36
C ILE B 22 -6.62 1.30 -9.96
N ALA B 23 -7.07 2.04 -8.94
CA ALA B 23 -6.96 1.59 -7.56
C ALA B 23 -7.63 0.23 -7.33
N ALA B 24 -8.76 0.01 -7.98
CA ALA B 24 -9.49 -1.24 -7.86
C ALA B 24 -8.61 -2.42 -8.25
N LEU B 25 -7.89 -2.27 -9.36
CA LEU B 25 -7.02 -3.32 -9.84
C LEU B 25 -5.78 -3.47 -8.96
N ILE B 26 -5.30 -2.35 -8.44
CA ILE B 26 -4.13 -2.35 -7.57
C ILE B 26 -4.38 -3.20 -6.32
N VAL B 27 -5.45 -2.87 -5.61
CA VAL B 27 -5.81 -3.62 -4.40
C VAL B 27 -6.25 -5.03 -4.73
N ASN B 28 -6.88 -5.21 -5.88
CA ASN B 28 -7.35 -6.52 -6.33
C ASN B 28 -6.17 -7.45 -6.52
N TYR B 29 -5.11 -6.93 -7.13
CA TYR B 29 -3.91 -7.71 -7.37
C TYR B 29 -3.33 -8.22 -6.06
N PHE B 30 -3.17 -7.30 -5.11
CA PHE B 30 -2.61 -7.65 -3.80
C PHE B 30 -3.51 -8.65 -3.08
N SER B 31 -4.82 -8.44 -3.16
CA SER B 31 -5.78 -9.33 -2.52
C SER B 31 -5.71 -10.73 -3.13
N SER B 32 -5.46 -10.80 -4.42
CA SER B 32 -5.36 -12.08 -5.13
C SER B 32 -4.03 -12.76 -4.81
N ILE B 33 -3.09 -12.02 -4.25
CA ILE B 33 -1.79 -12.55 -3.89
C ILE B 33 -1.87 -13.24 -2.53
N VAL B 34 -2.51 -12.58 -1.57
CA VAL B 34 -2.64 -13.13 -0.22
C VAL B 34 -3.63 -14.29 -0.14
N GLU B 35 -4.72 -14.23 -0.91
CA GLU B 35 -5.73 -15.27 -0.90
C GLU B 35 -5.17 -16.65 -1.25
N LYS B 36 -4.22 -16.69 -2.17
CA LYS B 36 -3.62 -17.95 -2.59
C LYS B 36 -2.21 -18.11 -2.05
N LYS B 37 -1.84 -17.26 -1.09
CA LYS B 37 -0.52 -17.27 -0.47
C LYS B 37 0.61 -17.27 -1.52
N GLU B 38 0.68 -16.19 -2.28
CA GLU B 38 1.69 -16.05 -3.31
C GLU B 38 2.94 -15.39 -2.73
N ILE B 39 2.74 -14.64 -1.65
CA ILE B 39 3.82 -13.94 -0.99
C ILE B 39 4.12 -14.58 0.38
N SER B 40 5.23 -14.20 0.99
CA SER B 40 5.63 -14.73 2.27
C SER B 40 4.84 -14.09 3.41
N GLU B 41 4.93 -14.69 4.59
CA GLU B 41 4.20 -14.21 5.77
C GLU B 41 4.62 -12.79 6.17
N ASP B 42 5.85 -12.43 5.84
CA ASP B 42 6.36 -11.10 6.16
C ASP B 42 5.77 -10.05 5.22
N GLY B 43 6.01 -10.23 3.93
CA GLY B 43 5.50 -9.31 2.93
C GLY B 43 3.98 -9.17 2.97
N ALA B 44 3.31 -10.23 3.42
CA ALA B 44 1.85 -10.22 3.52
C ALA B 44 1.40 -9.16 4.51
N ASP B 45 2.18 -8.98 5.58
CA ASP B 45 1.87 -7.99 6.60
C ASP B 45 2.06 -6.59 6.03
N SER B 46 3.12 -6.42 5.25
CA SER B 46 3.42 -5.14 4.63
C SER B 46 2.31 -4.74 3.66
N LEU B 47 1.91 -5.68 2.82
CA LEU B 47 0.86 -5.44 1.83
C LEU B 47 -0.49 -5.24 2.53
N ASN B 48 -0.66 -5.86 3.68
CA ASN B 48 -1.89 -5.76 4.46
C ASN B 48 -2.21 -4.30 4.76
N VAL B 49 -1.26 -3.59 5.36
CA VAL B 49 -1.45 -2.19 5.69
C VAL B 49 -1.34 -1.30 4.45
N ALA B 50 -0.51 -1.73 3.49
CA ALA B 50 -0.32 -0.96 2.26
C ALA B 50 -1.65 -0.77 1.54
N MET B 51 -2.46 -1.83 1.52
CA MET B 51 -3.77 -1.78 0.88
C MET B 51 -4.66 -0.76 1.57
N ASP B 52 -4.59 -0.73 2.89
CA ASP B 52 -5.39 0.21 3.67
C ASP B 52 -4.96 1.64 3.39
N CYS B 53 -3.64 1.85 3.31
CA CYS B 53 -3.09 3.18 3.03
C CYS B 53 -3.57 3.70 1.69
N ILE B 54 -3.54 2.84 0.67
CA ILE B 54 -3.98 3.23 -0.66
C ILE B 54 -5.46 3.57 -0.66
N SER B 55 -6.25 2.75 0.04
CA SER B 55 -7.68 2.95 0.14
C SER B 55 -8.04 4.29 0.78
N GLU B 56 -7.47 4.56 1.96
CA GLU B 56 -7.76 5.80 2.68
C GLU B 56 -7.21 7.02 1.95
N ALA B 57 -6.10 6.85 1.24
CA ALA B 57 -5.49 7.95 0.50
C ALA B 57 -6.34 8.35 -0.69
N PHE B 58 -6.86 7.35 -1.39
CA PHE B 58 -7.70 7.59 -2.56
C PHE B 58 -9.11 8.05 -2.17
N GLY B 59 -9.60 7.50 -1.06
CA GLY B 59 -10.92 7.88 -0.58
C GLY B 59 -11.95 6.77 -0.71
N PHE B 60 -11.50 5.52 -0.70
CA PHE B 60 -12.39 4.38 -0.82
C PHE B 60 -12.07 3.34 0.26
N GLU B 61 -12.84 2.26 0.28
CA GLU B 61 -12.62 1.20 1.25
C GLU B 61 -12.39 -0.13 0.54
N ARG B 62 -11.62 -1.00 1.17
CA ARG B 62 -11.29 -2.31 0.62
C ARG B 62 -12.54 -3.17 0.46
N GLU B 63 -13.56 -2.89 1.27
CA GLU B 63 -14.81 -3.63 1.22
C GLU B 63 -15.69 -3.15 0.07
N ALA B 64 -15.26 -2.09 -0.61
CA ALA B 64 -16.02 -1.54 -1.72
C ALA B 64 -15.36 -1.87 -3.07
N VAL B 65 -14.36 -2.76 -3.03
CA VAL B 65 -13.66 -3.16 -4.25
C VAL B 65 -14.59 -3.82 -5.26
N SER B 66 -15.59 -4.53 -4.77
CA SER B 66 -16.55 -5.21 -5.62
C SER B 66 -17.45 -4.21 -6.35
N GLY B 67 -17.77 -3.11 -5.66
CA GLY B 67 -18.61 -2.08 -6.24
C GLY B 67 -17.88 -1.30 -7.30
N ILE B 68 -16.57 -1.18 -7.15
CA ILE B 68 -15.76 -0.46 -8.11
C ILE B 68 -15.49 -1.31 -9.34
N LEU B 69 -14.98 -2.53 -9.12
CA LEU B 69 -14.66 -3.45 -10.21
C LEU B 69 -15.88 -3.73 -11.10
N GLY B 70 -17.04 -3.90 -10.47
CA GLY B 70 -18.24 -4.19 -11.21
C GLY B 70 -18.76 -2.98 -11.97
N LYS B 71 -18.38 -1.79 -11.52
CA LYS B 71 -18.81 -0.55 -12.15
C LYS B 71 -17.89 -0.18 -13.29
N SER B 72 -16.61 -0.01 -12.97
CA SER B 72 -15.61 0.37 -13.95
C SER B 72 -15.45 -0.70 -15.03
N GLU B 73 -14.80 -0.34 -16.12
CA GLU B 73 -14.62 -1.27 -17.23
C GLU B 73 -13.44 -2.21 -17.03
N PHE B 74 -13.44 -2.90 -15.89
CA PHE B 74 -12.39 -3.85 -15.56
C PHE B 74 -12.98 -5.02 -14.79
N LYS B 75 -14.29 -5.22 -14.97
CA LYS B 75 -15.00 -6.29 -14.28
C LYS B 75 -14.55 -7.67 -14.76
N GLY B 76 -14.20 -8.52 -13.80
CA GLY B 76 -13.76 -9.86 -14.10
C GLY B 76 -12.35 -9.92 -14.67
N GLN B 77 -11.60 -8.84 -14.49
CA GLN B 77 -10.24 -8.77 -15.00
C GLN B 77 -9.26 -8.53 -13.86
N HIS B 78 -7.99 -8.84 -14.10
CA HIS B 78 -6.96 -8.63 -13.09
C HIS B 78 -5.83 -7.81 -13.67
N LEU B 79 -5.16 -7.03 -12.83
CA LEU B 79 -4.07 -6.16 -13.25
C LEU B 79 -2.95 -6.95 -13.94
N ALA B 80 -2.74 -8.19 -13.51
CA ALA B 80 -1.70 -9.04 -14.07
C ALA B 80 -1.95 -9.35 -15.54
N ASP B 81 -3.11 -9.90 -15.84
CA ASP B 81 -3.47 -10.26 -17.22
C ASP B 81 -3.65 -9.04 -18.11
N ILE B 82 -4.30 -8.00 -17.59
CA ILE B 82 -4.54 -6.77 -18.35
C ILE B 82 -3.23 -6.17 -18.87
N LEU B 83 -2.24 -6.08 -18.00
CA LEU B 83 -0.95 -5.52 -18.36
C LEU B 83 -0.22 -6.42 -19.36
N ASN B 84 -0.41 -7.72 -19.23
CA ASN B 84 0.24 -8.67 -20.11
C ASN B 84 -0.35 -8.64 -21.52
N SER B 85 -1.66 -8.45 -21.61
CA SER B 85 -2.33 -8.39 -22.91
C SER B 85 -1.90 -7.16 -23.70
N ALA B 86 -1.40 -6.15 -23.00
CA ALA B 86 -0.95 -4.93 -23.64
C ALA B 86 0.40 -5.19 -24.31
N SER B 87 0.51 -4.84 -25.57
CA SER B 87 1.75 -5.04 -26.30
C SER B 87 2.51 -3.73 -26.42
N ARG B 88 3.53 -3.56 -25.60
CA ARG B 88 4.33 -2.35 -25.63
C ARG B 88 5.59 -2.55 -26.46
N VAL B 89 5.70 -1.74 -27.51
CA VAL B 89 6.86 -1.81 -28.40
C VAL B 89 7.90 -0.79 -27.96
N PRO B 90 9.10 -1.24 -27.64
CA PRO B 90 10.19 -0.36 -27.21
C PRO B 90 10.80 0.40 -28.38
N GLU B 91 10.42 1.66 -28.52
CA GLU B 91 10.94 2.51 -29.59
C GLU B 91 12.36 2.96 -29.27
N SER B 92 13.31 2.05 -29.43
CA SER B 92 14.70 2.33 -29.13
C SER B 92 15.59 1.83 -30.27
N ASN C 2 -11.41 3.29 33.05
CA ASN C 2 -11.82 3.92 31.77
C ASN C 2 -10.60 4.47 31.03
N ALA C 3 -9.44 4.41 31.65
CA ALA C 3 -8.21 4.89 31.03
C ALA C 3 -7.44 3.74 30.41
N ALA C 4 -7.87 2.52 30.73
CA ALA C 4 -7.23 1.30 30.23
C ALA C 4 -7.38 1.12 28.71
N VAL C 5 -6.45 1.70 27.94
CA VAL C 5 -6.49 1.56 26.50
C VAL C 5 -5.56 0.43 26.05
N HIS C 6 -6.13 -0.75 25.92
CA HIS C 6 -5.38 -1.93 25.51
C HIS C 6 -5.14 -1.92 24.01
N LEU C 7 -3.89 -1.75 23.62
CA LEU C 7 -3.54 -1.71 22.20
C LEU C 7 -2.57 -2.84 21.85
N THR C 8 -2.74 -3.38 20.66
CA THR C 8 -1.89 -4.45 20.17
C THR C 8 -0.88 -3.89 19.17
N LEU C 9 0.40 -4.04 19.47
CA LEU C 9 1.45 -3.53 18.60
C LEU C 9 2.08 -4.68 17.83
N LYS C 10 1.92 -4.66 16.51
CA LYS C 10 2.47 -5.72 15.66
C LYS C 10 3.38 -5.14 14.59
N LYS C 11 4.58 -5.67 14.50
CA LYS C 11 5.53 -5.22 13.49
C LYS C 11 5.38 -6.05 12.22
N ILE C 12 5.23 -5.35 11.10
CA ILE C 12 5.04 -6.01 9.80
C ILE C 12 6.36 -6.48 9.19
N GLN C 13 7.47 -5.86 9.58
CA GLN C 13 8.76 -6.24 9.05
C GLN C 13 9.56 -7.05 10.06
N ALA C 14 10.30 -8.03 9.58
CA ALA C 14 11.12 -8.88 10.44
C ALA C 14 12.21 -8.06 11.12
N PRO C 15 12.49 -8.35 12.41
CA PRO C 15 11.79 -9.39 13.17
C PRO C 15 10.35 -9.01 13.47
N LYS C 16 9.43 -9.94 13.26
CA LYS C 16 8.02 -9.69 13.50
C LYS C 16 7.65 -10.09 14.92
N PHE C 17 6.85 -9.26 15.57
CA PHE C 17 6.40 -9.53 16.93
C PHE C 17 5.08 -8.82 17.20
N SER C 18 4.37 -9.29 18.21
CA SER C 18 3.09 -8.71 18.58
C SER C 18 3.01 -8.54 20.10
N ILE C 19 3.22 -7.32 20.57
CA ILE C 19 3.18 -7.03 22.00
C ILE C 19 1.96 -6.18 22.34
N GLU C 20 1.54 -6.24 23.59
CA GLU C 20 0.38 -5.48 24.02
C GLU C 20 0.69 -4.71 25.30
N HIS C 21 0.03 -3.57 25.45
CA HIS C 21 0.21 -2.74 26.63
C HIS C 21 -1.00 -1.83 26.81
N ASP C 22 -1.40 -1.65 28.06
CA ASP C 22 -2.54 -0.79 28.38
C ASP C 22 -2.07 0.66 28.51
N PHE C 23 -2.27 1.44 27.47
CA PHE C 23 -1.86 2.83 27.46
C PHE C 23 -2.97 3.72 28.02
N SER C 24 -2.77 5.02 27.92
CA SER C 24 -3.76 5.97 28.41
C SER C 24 -4.27 6.85 27.26
N PRO C 25 -5.54 7.26 27.31
CA PRO C 25 -6.15 8.09 26.24
C PRO C 25 -5.55 9.50 26.20
N SER C 26 -4.85 9.88 27.25
CA SER C 26 -4.23 11.18 27.33
C SER C 26 -2.80 11.15 26.80
N ASP C 27 -2.39 10.00 26.29
CA ASP C 27 -1.04 9.84 25.76
C ASP C 27 -1.01 10.12 24.26
N THR C 28 0.16 10.45 23.76
CA THR C 28 0.36 10.72 22.34
C THR C 28 1.02 9.53 21.66
N ILE C 29 1.03 9.52 20.33
CA ILE C 29 1.65 8.44 19.56
C ILE C 29 3.11 8.26 19.95
N LEU C 30 3.73 9.37 20.33
CA LEU C 30 5.13 9.38 20.74
C LEU C 30 5.37 8.42 21.92
N GLN C 31 4.38 8.26 22.77
CA GLN C 31 4.50 7.38 23.93
C GLN C 31 4.68 5.93 23.49
N ILE C 32 3.98 5.53 22.44
CA ILE C 32 4.08 4.18 21.91
C ILE C 32 5.49 3.98 21.36
N LYS C 33 5.99 5.00 20.66
CA LYS C 33 7.32 4.97 20.08
C LYS C 33 8.37 4.84 21.18
N GLN C 34 8.18 5.61 22.25
CA GLN C 34 9.09 5.59 23.40
C GLN C 34 9.11 4.21 24.05
N HIS C 35 7.94 3.59 24.16
CA HIS C 35 7.83 2.27 24.76
C HIS C 35 8.54 1.22 23.91
N LEU C 36 8.50 1.40 22.60
CA LEU C 36 9.15 0.47 21.69
C LEU C 36 10.65 0.48 21.89
N ILE C 37 11.19 1.66 22.18
CA ILE C 37 12.63 1.81 22.40
C ILE C 37 13.02 1.24 23.76
N SER C 38 12.23 1.54 24.79
CA SER C 38 12.50 1.06 26.13
C SER C 38 12.40 -0.47 26.20
N GLU C 39 11.56 -1.04 25.34
CA GLU C 39 11.40 -2.48 25.27
C GLU C 39 12.39 -3.11 24.29
N GLU C 40 13.35 -2.29 23.84
CA GLU C 40 14.39 -2.73 22.91
C GLU C 40 13.82 -3.34 21.62
N LYS C 41 12.74 -2.76 21.12
CA LYS C 41 12.12 -3.24 19.90
C LYS C 41 12.59 -2.39 18.72
N ALA C 42 13.01 -1.17 19.02
CA ALA C 42 13.49 -0.24 18.02
C ALA C 42 14.72 0.49 18.54
N SER C 43 15.29 1.39 17.73
CA SER C 43 16.47 2.13 18.16
C SER C 43 16.19 3.63 18.21
N HIS C 44 15.62 4.18 17.15
CA HIS C 44 15.32 5.60 17.08
C HIS C 44 13.83 5.85 16.85
N ILE C 45 13.35 6.98 17.36
CA ILE C 45 11.96 7.38 17.24
C ILE C 45 11.56 7.60 15.77
N SER C 46 12.52 8.08 14.98
CA SER C 46 12.29 8.37 13.57
C SER C 46 12.07 7.10 12.74
N GLU C 47 12.68 5.99 13.17
CA GLU C 47 12.57 4.73 12.44
C GLU C 47 11.18 4.13 12.59
N ILE C 48 10.52 4.47 13.70
CA ILE C 48 9.20 3.95 14.00
C ILE C 48 8.11 4.65 13.19
N LYS C 49 7.46 3.88 12.34
CA LYS C 49 6.38 4.38 11.52
C LYS C 49 5.09 3.63 11.90
N LEU C 50 4.20 4.32 12.60
CA LEU C 50 2.95 3.69 13.03
C LEU C 50 1.84 3.94 12.01
N LEU C 51 0.98 2.95 11.85
CA LEU C 51 -0.13 3.05 10.91
C LEU C 51 -1.41 2.44 11.48
N LEU C 52 -2.54 3.03 11.12
CA LEU C 52 -3.85 2.54 11.58
C LEU C 52 -4.89 2.78 10.50
N LYS C 53 -5.38 1.69 9.90
CA LYS C 53 -6.40 1.77 8.84
C LYS C 53 -5.89 2.59 7.66
N GLY C 54 -4.59 2.51 7.42
CA GLY C 54 -3.99 3.23 6.32
C GLY C 54 -3.45 4.58 6.74
N LYS C 55 -4.13 5.22 7.68
CA LYS C 55 -3.72 6.52 8.18
C LYS C 55 -2.41 6.41 8.94
N VAL C 56 -1.44 7.23 8.54
CA VAL C 56 -0.14 7.24 9.20
C VAL C 56 -0.25 7.95 10.54
N LEU C 57 0.16 7.28 11.59
CA LEU C 57 0.12 7.84 12.93
C LEU C 57 1.40 8.61 13.22
N HIS C 58 1.32 9.92 13.14
CA HIS C 58 2.48 10.77 13.37
C HIS C 58 2.68 11.06 14.85
N ASP C 59 3.89 11.49 15.20
CA ASP C 59 4.28 11.79 16.58
C ASP C 59 3.37 12.81 17.25
N ASN C 60 2.79 13.71 16.46
CA ASN C 60 1.93 14.75 17.00
C ASN C 60 0.45 14.36 17.04
N LEU C 61 0.17 13.06 17.06
CA LEU C 61 -1.21 12.58 17.12
C LEU C 61 -1.49 11.91 18.46
N PHE C 62 -2.63 12.21 19.05
CA PHE C 62 -3.01 11.64 20.34
C PHE C 62 -3.71 10.29 20.17
N LEU C 63 -3.60 9.44 21.19
CA LEU C 63 -4.22 8.12 21.17
C LEU C 63 -5.74 8.21 21.24
N SER C 64 -6.23 9.34 21.73
CA SER C 64 -7.66 9.56 21.88
C SER C 64 -8.35 9.70 20.52
N ASP C 65 -7.58 10.02 19.49
CA ASP C 65 -8.14 10.19 18.15
C ASP C 65 -8.08 8.88 17.36
N LEU C 66 -7.29 7.93 17.85
CA LEU C 66 -7.11 6.65 17.19
C LEU C 66 -8.45 5.92 17.02
N LYS C 67 -8.72 5.52 15.79
CA LYS C 67 -9.95 4.82 15.46
C LYS C 67 -9.78 3.33 15.77
N VAL C 68 -9.46 3.03 17.02
CA VAL C 68 -9.26 1.67 17.45
C VAL C 68 -10.55 1.02 17.94
N THR C 69 -11.13 0.19 17.09
CA THR C 69 -12.36 -0.51 17.42
C THR C 69 -12.00 -1.93 17.84
N PRO C 70 -12.93 -2.69 18.45
CA PRO C 70 -12.67 -4.06 18.85
C PRO C 70 -12.28 -4.94 17.66
N ALA C 71 -12.70 -4.50 16.47
CA ALA C 71 -12.41 -5.22 15.24
C ALA C 71 -10.98 -4.95 14.77
N ASN C 72 -10.51 -3.74 15.01
CA ASN C 72 -9.16 -3.36 14.61
C ASN C 72 -8.41 -2.61 15.72
N SER C 73 -7.87 -3.38 16.67
CA SER C 73 -7.13 -2.80 17.78
C SER C 73 -5.63 -3.02 17.61
N THR C 74 -5.23 -3.42 16.40
CA THR C 74 -3.83 -3.69 16.11
C THR C 74 -3.17 -2.52 15.40
N ILE C 75 -2.15 -1.94 16.04
CA ILE C 75 -1.42 -0.83 15.47
C ILE C 75 -0.27 -1.38 14.62
N THR C 76 -0.16 -0.88 13.40
CA THR C 76 0.87 -1.32 12.49
C THR C 76 2.21 -0.67 12.83
N VAL C 77 3.19 -1.50 13.19
CA VAL C 77 4.51 -1.02 13.54
C VAL C 77 5.49 -1.29 12.40
N MET C 78 5.93 -0.22 11.77
CA MET C 78 6.89 -0.32 10.67
C MET C 78 8.19 0.34 11.09
N ILE C 79 9.32 -0.25 10.70
CA ILE C 79 10.61 0.31 11.03
C ILE C 79 11.50 0.40 9.79
N LYS C 80 11.96 1.60 9.49
CA LYS C 80 12.81 1.84 8.34
C LYS C 80 13.98 2.74 8.74
N PRO C 81 15.16 2.53 8.13
CA PRO C 81 16.35 3.33 8.43
C PRO C 81 16.15 4.80 8.08
N ASN C 82 16.71 5.67 8.92
CA ASN C 82 16.63 7.12 8.74
C ASN C 82 15.21 7.64 9.01
N MET A 14 4.30 -8.38 -23.82
CA MET A 14 5.77 -8.40 -24.01
C MET A 14 6.41 -9.37 -23.04
N MET A 15 6.51 -8.94 -21.78
CA MET A 15 7.09 -9.79 -20.75
C MET A 15 6.03 -10.77 -20.24
N SER A 16 6.40 -11.60 -19.28
CA SER A 16 5.48 -12.58 -18.71
C SER A 16 4.66 -11.95 -17.59
N ALA A 17 4.66 -10.62 -17.53
CA ALA A 17 3.92 -9.88 -16.51
C ALA A 17 4.40 -10.30 -15.12
N SER A 18 5.67 -10.06 -14.86
CA SER A 18 6.27 -10.41 -13.60
C SER A 18 5.67 -9.58 -12.47
N LYS A 19 5.51 -10.20 -11.31
CA LYS A 19 4.94 -9.53 -10.15
C LYS A 19 5.72 -8.27 -9.76
N GLU A 20 7.04 -8.32 -9.97
CA GLU A 20 7.88 -7.18 -9.66
C GLU A 20 7.62 -6.02 -10.63
N GLU A 21 7.33 -6.35 -11.89
CA GLU A 21 7.05 -5.34 -12.91
C GLU A 21 5.75 -4.62 -12.55
N ILE A 22 4.74 -5.42 -12.20
CA ILE A 22 3.44 -4.89 -11.83
C ILE A 22 3.57 -4.00 -10.59
N ALA A 23 4.29 -4.50 -9.59
CA ALA A 23 4.51 -3.75 -8.36
C ALA A 23 5.21 -2.43 -8.64
N ALA A 24 6.20 -2.47 -9.52
CA ALA A 24 6.96 -1.28 -9.89
C ALA A 24 6.04 -0.25 -10.53
N LEU A 25 5.16 -0.69 -11.40
CA LEU A 25 4.23 0.21 -12.07
C LEU A 25 3.22 0.78 -11.07
N ILE A 26 2.84 -0.03 -10.09
CA ILE A 26 1.89 0.39 -9.05
C ILE A 26 2.50 1.49 -8.20
N VAL A 27 3.70 1.24 -7.68
CA VAL A 27 4.38 2.23 -6.85
C VAL A 27 4.75 3.47 -7.65
N ASN A 28 5.06 3.28 -8.93
CA ASN A 28 5.41 4.38 -9.81
C ASN A 28 4.18 5.25 -10.02
N TYR A 29 3.02 4.61 -10.10
CA TYR A 29 1.75 5.31 -10.28
C TYR A 29 1.50 6.22 -9.09
N PHE A 30 1.61 5.66 -7.88
CA PHE A 30 1.41 6.44 -6.67
C PHE A 30 2.40 7.59 -6.59
N SER A 31 3.64 7.31 -6.97
CA SER A 31 4.68 8.32 -6.96
C SER A 31 4.34 9.45 -7.94
N SER A 32 3.86 9.08 -9.12
CA SER A 32 3.48 10.06 -10.14
C SER A 32 2.39 10.99 -9.60
N ILE A 33 1.52 10.44 -8.77
CA ILE A 33 0.44 11.21 -8.18
C ILE A 33 0.98 12.24 -7.20
N VAL A 34 1.87 11.81 -6.30
CA VAL A 34 2.44 12.71 -5.31
C VAL A 34 3.43 13.70 -5.93
N GLU A 35 3.98 13.35 -7.09
CA GLU A 35 4.93 14.21 -7.80
C GLU A 35 4.29 15.57 -8.08
N LYS A 36 3.12 15.52 -8.70
CA LYS A 36 2.39 16.73 -9.05
C LYS A 36 1.33 17.04 -8.01
N LYS A 37 1.33 16.25 -6.93
CA LYS A 37 0.37 16.39 -5.84
C LYS A 37 -1.06 16.33 -6.36
N GLU A 38 -1.38 15.24 -7.05
CA GLU A 38 -2.72 15.05 -7.61
C GLU A 38 -3.57 14.27 -6.61
N ILE A 39 -3.36 14.56 -5.33
CA ILE A 39 -4.09 13.91 -4.26
C ILE A 39 -3.96 14.72 -2.97
N SER A 40 -4.92 14.55 -2.07
CA SER A 40 -4.93 15.24 -0.80
C SER A 40 -3.87 14.67 0.13
N GLU A 41 -3.38 15.49 1.05
CA GLU A 41 -2.35 15.08 2.00
C GLU A 41 -2.80 13.87 2.83
N ASP A 42 -4.10 13.82 3.14
CA ASP A 42 -4.65 12.71 3.91
C ASP A 42 -4.46 11.41 3.15
N GLY A 43 -4.77 11.44 1.85
CA GLY A 43 -4.62 10.28 1.01
C GLY A 43 -3.16 9.97 0.74
N ALA A 44 -2.36 11.02 0.56
CA ALA A 44 -0.93 10.85 0.31
C ALA A 44 -0.26 10.15 1.48
N ASP A 45 -0.74 10.45 2.68
CA ASP A 45 -0.21 9.84 3.90
C ASP A 45 -0.40 8.33 3.84
N SER A 46 -1.58 7.91 3.43
CA SER A 46 -1.89 6.49 3.30
C SER A 46 -1.04 5.85 2.21
N LEU A 47 -0.70 6.62 1.19
CA LEU A 47 0.13 6.13 0.10
C LEU A 47 1.56 5.90 0.58
N ASN A 48 2.00 6.74 1.51
CA ASN A 48 3.34 6.64 2.07
C ASN A 48 3.56 5.30 2.74
N VAL A 49 2.52 4.77 3.37
CA VAL A 49 2.61 3.49 4.04
C VAL A 49 2.27 2.34 3.08
N ALA A 50 1.28 2.56 2.22
CA ALA A 50 0.86 1.55 1.26
C ALA A 50 2.00 1.17 0.32
N MET A 51 2.62 2.18 -0.29
CA MET A 51 3.74 1.98 -1.21
C MET A 51 4.87 1.22 -0.53
N ASP A 52 5.07 1.54 0.75
CA ASP A 52 6.10 0.92 1.56
C ASP A 52 5.78 -0.56 1.79
N CYS A 53 4.51 -0.84 2.09
CA CYS A 53 4.06 -2.21 2.33
C CYS A 53 4.19 -3.06 1.06
N ILE A 54 3.91 -2.44 -0.08
CA ILE A 54 4.00 -3.13 -1.36
C ILE A 54 5.44 -3.56 -1.61
N SER A 55 6.37 -2.66 -1.30
CA SER A 55 7.78 -2.91 -1.48
C SER A 55 8.25 -4.14 -0.68
N GLU A 56 7.96 -4.13 0.62
CA GLU A 56 8.37 -5.25 1.48
C GLU A 56 7.67 -6.55 1.11
N ALA A 57 6.40 -6.45 0.71
CA ALA A 57 5.61 -7.62 0.35
C ALA A 57 6.17 -8.31 -0.89
N PHE A 58 6.68 -7.52 -1.83
CA PHE A 58 7.22 -8.08 -3.07
C PHE A 58 8.73 -8.33 -2.96
N GLY A 59 9.29 -7.96 -1.81
CA GLY A 59 10.71 -8.17 -1.58
C GLY A 59 11.61 -7.26 -2.41
N PHE A 60 11.12 -6.06 -2.72
CA PHE A 60 11.89 -5.11 -3.50
C PHE A 60 11.91 -3.76 -2.80
N GLU A 61 13.02 -3.05 -2.92
CA GLU A 61 13.14 -1.75 -2.29
C GLU A 61 12.52 -0.66 -3.14
N ARG A 62 11.91 0.33 -2.48
CA ARG A 62 11.26 1.45 -3.14
C ARG A 62 12.23 2.21 -4.04
N GLU A 63 13.49 2.27 -3.64
CA GLU A 63 14.52 2.98 -4.39
C GLU A 63 15.04 2.18 -5.59
N ALA A 64 14.48 1.00 -5.81
CA ALA A 64 14.91 0.15 -6.91
C ALA A 64 13.89 0.16 -8.04
N VAL A 65 12.84 0.96 -7.89
CA VAL A 65 11.78 1.06 -8.89
C VAL A 65 12.34 1.50 -10.24
N SER A 66 13.29 2.45 -10.21
CA SER A 66 13.91 2.97 -11.40
C SER A 66 14.73 1.87 -12.10
N GLY A 67 15.37 1.03 -11.31
CA GLY A 67 16.17 -0.04 -11.86
C GLY A 67 15.31 -1.10 -12.51
N ILE A 68 14.24 -1.49 -11.84
CA ILE A 68 13.33 -2.50 -12.36
C ILE A 68 12.69 -2.03 -13.66
N LEU A 69 12.19 -0.79 -13.66
CA LEU A 69 11.56 -0.23 -14.84
C LEU A 69 12.55 -0.09 -15.99
N GLY A 70 13.78 0.27 -15.67
CA GLY A 70 14.80 0.43 -16.69
C GLY A 70 15.16 -0.86 -17.39
N LYS A 71 15.07 -1.97 -16.68
CA LYS A 71 15.40 -3.27 -17.25
C LYS A 71 14.16 -4.01 -17.77
N SER A 72 13.03 -3.32 -17.78
CA SER A 72 11.78 -3.91 -18.25
C SER A 72 11.26 -3.17 -19.47
N GLU A 73 10.23 -3.72 -20.12
CA GLU A 73 9.65 -3.10 -21.32
C GLU A 73 8.86 -1.84 -20.96
N PHE A 74 8.40 -1.78 -19.72
CA PHE A 74 7.60 -0.65 -19.26
C PHE A 74 8.47 0.54 -18.85
N LYS A 75 9.52 0.79 -19.61
CA LYS A 75 10.42 1.89 -19.32
C LYS A 75 9.93 3.19 -19.96
N GLY A 76 9.68 4.20 -19.14
CA GLY A 76 9.21 5.47 -19.64
C GLY A 76 7.70 5.54 -19.70
N GLN A 77 7.04 4.58 -19.06
CA GLN A 77 5.58 4.53 -19.06
C GLN A 77 5.06 4.47 -17.63
N HIS A 78 3.80 4.84 -17.44
CA HIS A 78 3.18 4.81 -16.13
C HIS A 78 1.94 3.93 -16.19
N LEU A 79 1.51 3.44 -15.03
CA LEU A 79 0.34 2.56 -14.94
C LEU A 79 -0.90 3.24 -15.51
N ALA A 80 -0.97 4.56 -15.37
CA ALA A 80 -2.10 5.34 -15.86
C ALA A 80 -2.22 5.27 -17.37
N ASP A 81 -1.16 5.70 -18.06
CA ASP A 81 -1.15 5.70 -19.54
C ASP A 81 -1.30 4.31 -20.13
N ILE A 82 -0.71 3.31 -19.49
CA ILE A 82 -0.81 1.94 -19.96
C ILE A 82 -2.25 1.46 -19.89
N LEU A 83 -2.89 1.68 -18.75
CA LEU A 83 -4.28 1.28 -18.56
C LEU A 83 -5.22 2.17 -19.37
N ASN A 84 -4.77 3.37 -19.67
CA ASN A 84 -5.57 4.31 -20.45
C ASN A 84 -5.65 3.85 -21.90
N SER A 85 -4.57 3.24 -22.37
CA SER A 85 -4.51 2.74 -23.74
C SER A 85 -5.19 1.38 -23.85
N ALA A 86 -5.54 0.80 -22.69
CA ALA A 86 -6.19 -0.50 -22.65
C ALA A 86 -7.62 -0.41 -23.20
N SER A 87 -7.76 -0.76 -24.46
CA SER A 87 -9.05 -0.75 -25.12
C SER A 87 -9.76 -2.07 -24.89
N ARG A 88 -10.80 -2.04 -24.06
CA ARG A 88 -11.57 -3.23 -23.75
C ARG A 88 -13.05 -2.99 -24.04
N VAL A 89 -13.64 -3.88 -24.82
CA VAL A 89 -15.04 -3.76 -25.15
C VAL A 89 -15.85 -4.81 -24.38
N PRO A 90 -16.76 -4.36 -23.51
CA PRO A 90 -17.60 -5.26 -22.70
C PRO A 90 -18.67 -5.95 -23.53
N GLU A 91 -18.24 -6.93 -24.33
CA GLU A 91 -19.15 -7.68 -25.18
C GLU A 91 -19.88 -8.76 -24.39
N SER A 92 -21.03 -8.40 -23.84
CA SER A 92 -21.84 -9.32 -23.06
C SER A 92 -23.29 -8.89 -23.13
N MET B 14 -10.92 1.85 -21.18
CA MET B 14 -10.94 2.55 -22.50
C MET B 14 -11.54 3.96 -22.36
N MET B 15 -12.56 4.09 -21.54
CA MET B 15 -13.21 5.38 -21.31
C MET B 15 -12.42 6.22 -20.31
N SER B 16 -11.13 6.40 -20.59
CA SER B 16 -10.24 7.16 -19.72
C SER B 16 -10.11 6.49 -18.35
N ALA B 17 -9.00 5.78 -18.14
CA ALA B 17 -8.74 5.09 -16.89
C ALA B 17 -8.71 6.05 -15.71
N SER B 18 -9.79 6.05 -14.95
CA SER B 18 -9.90 6.91 -13.79
C SER B 18 -9.11 6.35 -12.61
N LYS B 19 -8.85 7.18 -11.62
CA LYS B 19 -8.10 6.77 -10.43
C LYS B 19 -8.81 5.62 -9.70
N GLU B 20 -10.12 5.74 -9.55
CA GLU B 20 -10.91 4.72 -8.88
C GLU B 20 -10.87 3.38 -9.64
N GLU B 21 -10.84 3.47 -10.97
CA GLU B 21 -10.80 2.28 -11.81
C GLU B 21 -9.46 1.59 -11.69
N ILE B 22 -8.39 2.37 -11.73
CA ILE B 22 -7.04 1.84 -11.62
C ILE B 22 -6.83 1.22 -10.23
N ALA B 23 -7.30 1.93 -9.21
CA ALA B 23 -7.19 1.46 -7.83
C ALA B 23 -7.91 0.13 -7.64
N ALA B 24 -9.06 -0.01 -8.29
CA ALA B 24 -9.84 -1.23 -8.21
C ALA B 24 -9.04 -2.42 -8.73
N LEU B 25 -8.30 -2.20 -9.81
CA LEU B 25 -7.47 -3.25 -10.39
C LEU B 25 -6.28 -3.56 -9.49
N ILE B 26 -5.76 -2.52 -8.83
CA ILE B 26 -4.64 -2.67 -7.93
C ILE B 26 -5.02 -3.54 -6.73
N VAL B 27 -6.12 -3.20 -6.08
CA VAL B 27 -6.59 -3.96 -4.93
C VAL B 27 -7.03 -5.36 -5.34
N ASN B 28 -7.54 -5.48 -6.57
CA ASN B 28 -7.97 -6.77 -7.10
C ASN B 28 -6.76 -7.68 -7.25
N TYR B 29 -5.67 -7.12 -7.73
CA TYR B 29 -4.43 -7.87 -7.92
C TYR B 29 -3.92 -8.38 -6.57
N PHE B 30 -3.89 -7.50 -5.58
CA PHE B 30 -3.45 -7.88 -4.24
C PHE B 30 -4.34 -8.95 -3.64
N SER B 31 -5.64 -8.82 -3.88
CA SER B 31 -6.61 -9.78 -3.38
C SER B 31 -6.40 -11.14 -4.04
N SER B 32 -5.99 -11.13 -5.30
CA SER B 32 -5.75 -12.36 -6.05
C SER B 32 -4.51 -13.08 -5.52
N ILE B 33 -3.61 -12.32 -4.89
CA ILE B 33 -2.39 -12.89 -4.33
C ILE B 33 -2.69 -13.60 -3.03
N VAL B 34 -3.46 -12.94 -2.17
CA VAL B 34 -3.83 -13.50 -0.87
C VAL B 34 -4.98 -14.50 -1.00
N GLU B 35 -5.49 -14.63 -2.21
CA GLU B 35 -6.58 -15.55 -2.50
C GLU B 35 -6.08 -16.99 -2.60
N LYS B 36 -4.93 -17.17 -3.24
CA LYS B 36 -4.36 -18.50 -3.41
C LYS B 36 -3.03 -18.62 -2.67
N LYS B 37 -2.71 -17.60 -1.89
CA LYS B 37 -1.47 -17.55 -1.11
C LYS B 37 -0.23 -17.60 -2.00
N GLU B 38 -0.03 -16.55 -2.79
CA GLU B 38 1.11 -16.46 -3.67
C GLU B 38 2.32 -15.88 -2.93
N ILE B 39 2.04 -15.19 -1.84
CA ILE B 39 3.10 -14.57 -1.04
C ILE B 39 3.16 -15.17 0.35
N SER B 40 4.20 -14.84 1.11
CA SER B 40 4.38 -15.36 2.46
C SER B 40 3.39 -14.73 3.43
N GLU B 41 3.31 -15.30 4.64
CA GLU B 41 2.40 -14.81 5.66
C GLU B 41 2.72 -13.39 6.11
N ASP B 42 3.98 -13.01 6.09
CA ASP B 42 4.38 -11.66 6.49
C ASP B 42 4.01 -10.66 5.40
N GLY B 43 4.24 -11.04 4.15
CA GLY B 43 3.91 -10.17 3.04
C GLY B 43 2.41 -9.98 2.92
N ALA B 44 1.67 -11.03 3.23
CA ALA B 44 0.20 -10.98 3.18
C ALA B 44 -0.34 -10.01 4.21
N ASP B 45 0.36 -9.89 5.33
CA ASP B 45 -0.05 -8.98 6.41
C ASP B 45 0.09 -7.55 5.93
N SER B 46 1.26 -7.23 5.36
CA SER B 46 1.52 -5.90 4.84
C SER B 46 0.54 -5.55 3.73
N LEU B 47 0.25 -6.52 2.87
CA LEU B 47 -0.69 -6.33 1.77
C LEU B 47 -2.07 -5.99 2.30
N ASN B 48 -2.45 -6.62 3.41
CA ASN B 48 -3.75 -6.40 4.02
C ASN B 48 -3.84 -4.96 4.53
N VAL B 49 -2.72 -4.47 5.04
CA VAL B 49 -2.64 -3.10 5.56
C VAL B 49 -2.73 -2.11 4.40
N ALA B 50 -1.92 -2.35 3.37
CA ALA B 50 -1.90 -1.49 2.18
C ALA B 50 -3.27 -1.46 1.51
N MET B 51 -3.95 -2.60 1.52
CA MET B 51 -5.27 -2.73 0.92
C MET B 51 -6.24 -1.70 1.50
N ASP B 52 -6.16 -1.50 2.80
CA ASP B 52 -7.01 -0.53 3.49
C ASP B 52 -6.57 0.90 3.16
N CYS B 53 -5.26 1.13 3.24
CA CYS B 53 -4.69 2.44 2.96
C CYS B 53 -5.06 2.94 1.57
N ILE B 54 -5.00 2.05 0.58
CA ILE B 54 -5.32 2.40 -0.79
C ILE B 54 -6.81 2.74 -0.92
N SER B 55 -7.65 1.92 -0.29
CA SER B 55 -9.09 2.10 -0.34
C SER B 55 -9.51 3.46 0.21
N GLU B 56 -9.06 3.80 1.40
CA GLU B 56 -9.42 5.09 2.01
C GLU B 56 -8.81 6.27 1.27
N ALA B 57 -7.64 6.07 0.69
CA ALA B 57 -6.95 7.14 -0.04
C ALA B 57 -7.76 7.59 -1.26
N PHE B 58 -8.25 6.62 -2.02
CA PHE B 58 -9.03 6.93 -3.22
C PHE B 58 -10.48 7.23 -2.89
N GLY B 59 -10.93 6.75 -1.73
CA GLY B 59 -12.30 7.01 -1.32
C GLY B 59 -13.26 5.91 -1.72
N PHE B 60 -12.96 4.69 -1.31
CA PHE B 60 -13.81 3.54 -1.62
C PHE B 60 -13.49 2.39 -0.68
N GLU B 61 -14.31 1.35 -0.70
CA GLU B 61 -14.08 0.19 0.15
C GLU B 61 -13.89 -1.06 -0.69
N ARG B 62 -13.06 -1.97 -0.19
CA ARG B 62 -12.74 -3.22 -0.87
C ARG B 62 -14.01 -4.03 -1.17
N GLU B 63 -14.97 -3.96 -0.25
CA GLU B 63 -16.23 -4.69 -0.38
C GLU B 63 -17.10 -4.15 -1.52
N ALA B 64 -16.68 -3.06 -2.14
CA ALA B 64 -17.43 -2.45 -3.23
C ALA B 64 -16.64 -2.50 -4.54
N VAL B 65 -15.58 -3.30 -4.56
CA VAL B 65 -14.74 -3.42 -5.75
C VAL B 65 -15.51 -4.05 -6.92
N SER B 66 -16.46 -4.93 -6.62
CA SER B 66 -17.25 -5.60 -7.64
C SER B 66 -18.15 -4.60 -8.37
N GLY B 67 -18.60 -3.58 -7.65
CA GLY B 67 -19.46 -2.57 -8.22
C GLY B 67 -18.70 -1.67 -9.17
N ILE B 68 -17.40 -1.51 -8.92
CA ILE B 68 -16.55 -0.69 -9.75
C ILE B 68 -16.13 -1.47 -10.99
N LEU B 69 -15.56 -2.64 -10.78
CA LEU B 69 -15.09 -3.49 -11.87
C LEU B 69 -16.25 -3.90 -12.80
N GLY B 70 -17.43 -4.06 -12.24
CA GLY B 70 -18.59 -4.43 -13.02
C GLY B 70 -19.18 -3.25 -13.77
N LYS B 71 -18.73 -2.06 -13.43
CA LYS B 71 -19.21 -0.83 -14.06
C LYS B 71 -18.24 -0.40 -15.15
N SER B 72 -16.96 -0.55 -14.87
CA SER B 72 -15.93 -0.19 -15.81
C SER B 72 -15.76 -1.27 -16.89
N GLU B 73 -15.01 -0.95 -17.93
CA GLU B 73 -14.76 -1.88 -19.03
C GLU B 73 -13.66 -2.88 -18.68
N PHE B 74 -13.33 -2.96 -17.39
CA PHE B 74 -12.29 -3.87 -16.93
C PHE B 74 -12.90 -5.16 -16.39
N LYS B 75 -14.20 -5.31 -16.56
CA LYS B 75 -14.91 -6.49 -16.10
C LYS B 75 -14.45 -7.74 -16.85
N GLY B 76 -13.97 -8.73 -16.11
CA GLY B 76 -13.50 -9.95 -16.73
C GLY B 76 -12.03 -9.86 -17.08
N GLN B 77 -11.37 -8.81 -16.60
CA GLN B 77 -9.96 -8.60 -16.85
C GLN B 77 -9.20 -8.44 -15.53
N HIS B 78 -7.90 -8.65 -15.57
CA HIS B 78 -7.06 -8.52 -14.39
C HIS B 78 -5.93 -7.56 -14.69
N LEU B 79 -5.36 -6.95 -13.65
CA LEU B 79 -4.26 -6.01 -13.82
C LEU B 79 -3.08 -6.65 -14.55
N ALA B 80 -2.73 -7.87 -14.14
CA ALA B 80 -1.62 -8.60 -14.77
C ALA B 80 -1.95 -8.98 -16.20
N ASP B 81 -3.23 -9.31 -16.44
CA ASP B 81 -3.69 -9.70 -17.77
C ASP B 81 -3.52 -8.57 -18.77
N ILE B 82 -3.84 -7.35 -18.33
CA ILE B 82 -3.74 -6.19 -19.19
C ILE B 82 -2.27 -5.83 -19.47
N LEU B 83 -1.44 -5.90 -18.45
CA LEU B 83 -0.02 -5.57 -18.58
C LEU B 83 0.70 -6.56 -19.50
N ASN B 84 0.14 -7.75 -19.61
CA ASN B 84 0.72 -8.78 -20.46
C ASN B 84 0.46 -8.49 -21.94
N SER B 85 -0.76 -8.07 -22.23
CA SER B 85 -1.16 -7.77 -23.60
C SER B 85 -0.74 -6.38 -24.04
N ALA B 86 -1.03 -5.38 -23.20
CA ALA B 86 -0.70 -4.00 -23.50
C ALA B 86 0.79 -3.74 -23.29
N SER B 87 1.57 -3.89 -24.35
CA SER B 87 3.00 -3.68 -24.28
C SER B 87 3.47 -2.74 -25.39
N ARG B 88 4.64 -2.16 -25.20
CA ARG B 88 5.20 -1.25 -26.18
C ARG B 88 6.68 -1.54 -26.37
N VAL B 89 7.21 -1.16 -27.53
CA VAL B 89 8.62 -1.37 -27.82
C VAL B 89 9.46 -0.22 -27.27
N PRO B 90 10.38 -0.52 -26.35
CA PRO B 90 11.25 0.49 -25.74
C PRO B 90 12.13 1.21 -26.76
N GLU B 91 11.80 2.47 -27.02
CA GLU B 91 12.56 3.27 -27.97
C GLU B 91 13.83 3.81 -27.32
N SER B 92 14.92 3.10 -27.51
CA SER B 92 16.21 3.48 -26.96
C SER B 92 17.32 2.92 -27.83
N ASN C 2 -8.98 8.59 33.34
CA ASN C 2 -7.66 9.21 33.55
C ASN C 2 -6.63 8.60 32.62
N ALA C 3 -5.39 8.49 33.09
CA ALA C 3 -4.32 7.92 32.30
C ALA C 3 -4.43 6.41 32.24
N ALA C 4 -4.49 5.89 31.02
CA ALA C 4 -4.59 4.45 30.80
C ALA C 4 -5.01 4.14 29.37
N VAL C 5 -4.15 4.49 28.42
CA VAL C 5 -4.42 4.24 27.02
C VAL C 5 -3.79 2.92 26.61
N HIS C 6 -4.57 1.86 26.63
CA HIS C 6 -4.09 0.55 26.26
C HIS C 6 -3.96 0.41 24.75
N LEU C 7 -2.76 0.07 24.29
CA LEU C 7 -2.51 -0.10 22.88
C LEU C 7 -1.73 -1.38 22.61
N THR C 8 -2.09 -2.08 21.54
CA THR C 8 -1.43 -3.31 21.16
C THR C 8 -0.53 -3.05 19.97
N LEU C 9 0.77 -3.23 20.13
CA LEU C 9 1.72 -2.99 19.06
C LEU C 9 2.07 -4.29 18.34
N LYS C 10 1.77 -4.35 17.05
CA LYS C 10 2.05 -5.54 16.25
C LYS C 10 2.81 -5.19 14.98
N LYS C 11 3.90 -5.90 14.72
CA LYS C 11 4.70 -5.67 13.52
C LYS C 11 4.26 -6.62 12.41
N ILE C 12 4.15 -6.09 11.20
CA ILE C 12 3.74 -6.90 10.06
C ILE C 12 4.90 -7.68 9.44
N GLN C 13 6.07 -7.05 9.39
CA GLN C 13 7.26 -7.69 8.82
C GLN C 13 7.74 -8.81 9.73
N ALA C 14 8.04 -9.96 9.14
CA ALA C 14 8.53 -11.10 9.91
C ALA C 14 9.94 -10.83 10.44
N PRO C 15 10.25 -11.27 11.66
CA PRO C 15 9.31 -12.02 12.52
C PRO C 15 8.25 -11.09 13.14
N LYS C 16 7.02 -11.56 13.21
CA LYS C 16 5.93 -10.78 13.77
C LYS C 16 5.90 -10.87 15.29
N PHE C 17 5.42 -9.81 15.92
CA PHE C 17 5.31 -9.77 17.37
C PHE C 17 4.15 -8.87 17.77
N SER C 18 3.50 -9.21 18.88
CA SER C 18 2.38 -8.43 19.38
C SER C 18 2.56 -8.15 20.86
N ILE C 19 3.00 -6.94 21.20
CA ILE C 19 3.20 -6.56 22.58
C ILE C 19 2.13 -5.56 23.01
N GLU C 20 1.77 -5.58 24.28
CA GLU C 20 0.74 -4.69 24.78
C GLU C 20 1.28 -3.81 25.90
N HIS C 21 0.80 -2.58 25.95
CA HIS C 21 1.23 -1.63 26.97
C HIS C 21 0.20 -0.53 27.11
N ASP C 22 0.19 0.13 28.26
CA ASP C 22 -0.75 1.21 28.51
C ASP C 22 0.00 2.53 28.63
N PHE C 23 -0.25 3.42 27.67
CA PHE C 23 0.43 4.71 27.66
C PHE C 23 -0.46 5.79 28.26
N SER C 24 0.06 7.00 28.35
CA SER C 24 -0.70 8.12 28.90
C SER C 24 -1.36 8.91 27.79
N PRO C 25 -2.47 9.60 28.08
CA PRO C 25 -3.18 10.42 27.09
C PRO C 25 -2.34 11.60 26.64
N SER C 26 -1.40 12.00 27.49
CA SER C 26 -0.52 13.12 27.21
C SER C 26 0.72 12.69 26.41
N ASP C 27 0.84 11.39 26.21
CA ASP C 27 1.97 10.83 25.46
C ASP C 27 1.78 11.05 23.96
N THR C 28 2.87 11.00 23.22
CA THR C 28 2.82 11.17 21.79
C THR C 28 3.26 9.88 21.11
N ILE C 29 3.16 9.84 19.79
CA ILE C 29 3.57 8.66 19.03
C ILE C 29 5.06 8.40 19.22
N LEU C 30 5.81 9.48 19.44
CA LEU C 30 7.24 9.39 19.65
C LEU C 30 7.56 8.58 20.90
N GLN C 31 6.72 8.72 21.93
CA GLN C 31 6.92 8.00 23.18
C GLN C 31 6.81 6.50 22.96
N ILE C 32 5.90 6.11 22.07
CA ILE C 32 5.71 4.70 21.75
C ILE C 32 6.96 4.16 21.07
N LYS C 33 7.51 4.96 20.15
CA LYS C 33 8.72 4.59 19.41
C LYS C 33 9.89 4.41 20.38
N GLN C 34 10.03 5.35 21.30
CA GLN C 34 11.10 5.30 22.29
C GLN C 34 10.98 4.05 23.16
N HIS C 35 9.74 3.64 23.42
CA HIS C 35 9.48 2.46 24.24
C HIS C 35 9.79 1.18 23.47
N LEU C 36 9.62 1.21 22.16
CA LEU C 36 9.88 0.04 21.34
C LEU C 36 11.38 -0.30 21.33
N ILE C 37 12.20 0.72 21.54
CA ILE C 37 13.65 0.53 21.57
C ILE C 37 14.06 -0.16 22.87
N SER C 38 13.46 0.24 23.99
CA SER C 38 13.78 -0.34 25.29
C SER C 38 13.33 -1.80 25.36
N GLU C 39 12.29 -2.14 24.59
CA GLU C 39 11.79 -3.50 24.58
C GLU C 39 12.55 -4.34 23.55
N GLU C 40 13.64 -3.74 23.02
CA GLU C 40 14.50 -4.40 22.04
C GLU C 40 13.75 -4.81 20.77
N LYS C 41 12.79 -3.99 20.36
CA LYS C 41 12.03 -4.29 19.17
C LYS C 41 12.47 -3.43 17.99
N ALA C 42 13.30 -2.43 18.27
CA ALA C 42 13.81 -1.54 17.24
C ALA C 42 15.19 -1.02 17.61
N SER C 43 15.85 -0.37 16.67
CA SER C 43 17.18 0.18 16.90
C SER C 43 17.15 1.70 16.85
N HIS C 44 16.47 2.25 15.85
CA HIS C 44 16.38 3.70 15.69
C HIS C 44 14.92 4.15 15.61
N ILE C 45 14.69 5.40 15.99
CA ILE C 45 13.36 5.99 15.96
C ILE C 45 12.88 6.13 14.51
N SER C 46 13.81 6.45 13.63
CA SER C 46 13.52 6.64 12.22
C SER C 46 13.07 5.33 11.55
N GLU C 47 13.43 4.21 12.16
CA GLU C 47 13.06 2.90 11.63
C GLU C 47 11.61 2.58 11.96
N ILE C 48 11.13 3.12 13.06
CA ILE C 48 9.79 2.86 13.55
C ILE C 48 8.72 3.65 12.80
N LYS C 49 7.96 2.93 12.00
CA LYS C 49 6.87 3.51 11.23
C LYS C 49 5.55 2.94 11.76
N LEU C 50 4.76 3.76 12.41
CA LEU C 50 3.49 3.31 12.98
C LEU C 50 2.31 3.71 12.12
N LEU C 51 1.26 2.90 12.16
CA LEU C 51 0.05 3.16 11.39
C LEU C 51 -1.20 2.83 12.20
N LEU C 52 -2.26 3.60 11.97
CA LEU C 52 -3.53 3.40 12.64
C LEU C 52 -4.68 3.55 11.65
N LYS C 53 -5.06 2.44 11.04
CA LYS C 53 -6.15 2.41 10.06
C LYS C 53 -5.87 3.33 8.87
N GLY C 54 -4.95 2.91 8.01
CA GLY C 54 -4.62 3.69 6.82
C GLY C 54 -3.75 4.92 7.10
N LYS C 55 -4.06 5.63 8.17
CA LYS C 55 -3.32 6.82 8.54
C LYS C 55 -2.00 6.49 9.23
N VAL C 56 -0.94 7.22 8.86
CA VAL C 56 0.37 7.00 9.44
C VAL C 56 0.50 7.78 10.74
N LEU C 57 0.93 7.11 11.79
CA LEU C 57 1.08 7.75 13.08
C LEU C 57 2.39 8.52 13.14
N HIS C 58 2.29 9.83 12.97
CA HIS C 58 3.45 10.69 12.99
C HIS C 58 3.83 11.04 14.43
N ASP C 59 5.11 11.34 14.64
CA ASP C 59 5.62 11.67 15.97
C ASP C 59 4.85 12.85 16.58
N ASN C 60 4.55 13.82 15.73
CA ASN C 60 3.82 15.01 16.15
C ASN C 60 2.33 14.73 16.23
N LEU C 61 1.94 13.86 17.16
CA LEU C 61 0.56 13.50 17.37
C LEU C 61 0.36 12.97 18.78
N PHE C 62 -0.66 13.48 19.46
CA PHE C 62 -0.95 13.05 20.82
C PHE C 62 -1.87 11.83 20.83
N LEU C 63 -1.68 10.98 21.83
CA LEU C 63 -2.48 9.77 21.95
C LEU C 63 -3.93 10.09 22.32
N SER C 64 -4.17 11.33 22.71
CA SER C 64 -5.50 11.79 23.09
C SER C 64 -6.38 11.99 21.86
N ASP C 65 -5.76 11.93 20.69
CA ASP C 65 -6.49 12.12 19.43
C ASP C 65 -6.51 10.81 18.64
N LEU C 66 -6.06 9.74 19.28
CA LEU C 66 -6.04 8.44 18.62
C LEU C 66 -7.44 7.86 18.53
N LYS C 67 -7.86 7.53 17.33
CA LYS C 67 -9.18 6.97 17.11
C LYS C 67 -9.17 5.47 17.39
N VAL C 68 -8.92 5.12 18.64
CA VAL C 68 -8.87 3.72 19.04
C VAL C 68 -10.11 3.32 19.83
N THR C 69 -10.63 2.15 19.54
CA THR C 69 -11.82 1.63 20.20
C THR C 69 -11.59 0.17 20.57
N PRO C 70 -12.53 -0.47 21.28
CA PRO C 70 -12.41 -1.89 21.67
C PRO C 70 -12.12 -2.79 20.46
N ALA C 71 -12.59 -2.36 19.29
CA ALA C 71 -12.37 -3.13 18.07
C ALA C 71 -10.97 -2.87 17.52
N ASN C 72 -10.70 -1.62 17.18
CA ASN C 72 -9.40 -1.24 16.63
C ASN C 72 -8.51 -0.59 17.67
N SER C 73 -7.78 -1.40 18.42
CA SER C 73 -6.88 -0.90 19.45
C SER C 73 -5.46 -1.36 19.16
N THR C 74 -5.26 -1.94 17.98
CA THR C 74 -3.96 -2.44 17.57
C THR C 74 -3.25 -1.44 16.66
N ILE C 75 -1.99 -1.18 16.97
CA ILE C 75 -1.18 -0.26 16.20
C ILE C 75 -0.20 -1.06 15.32
N THR C 76 -0.14 -0.72 14.05
CA THR C 76 0.75 -1.42 13.13
C THR C 76 2.16 -0.87 13.22
N VAL C 77 3.11 -1.75 13.49
CA VAL C 77 4.51 -1.36 13.61
C VAL C 77 5.29 -1.81 12.39
N MET C 78 6.01 -0.89 11.78
CA MET C 78 6.84 -1.19 10.61
C MET C 78 8.26 -0.73 10.88
N ILE C 79 9.23 -1.48 10.36
CA ILE C 79 10.63 -1.13 10.54
C ILE C 79 11.32 -1.00 9.19
N LYS C 80 11.88 0.18 8.92
CA LYS C 80 12.58 0.45 7.67
C LYS C 80 13.90 1.17 7.92
N PRO C 81 14.96 0.78 7.19
CA PRO C 81 16.27 1.41 7.32
C PRO C 81 16.32 2.79 6.68
N ASN C 82 16.03 3.82 7.49
CA ASN C 82 16.04 5.22 7.05
C ASN C 82 14.82 5.55 6.19
N MET A 14 3.68 -8.42 -23.10
CA MET A 14 4.27 -9.03 -24.31
C MET A 14 5.30 -10.09 -23.94
N MET A 15 6.16 -9.77 -22.99
CA MET A 15 7.20 -10.70 -22.56
C MET A 15 6.68 -11.66 -21.50
N SER A 16 6.43 -11.15 -20.30
CA SER A 16 5.94 -11.99 -19.22
C SER A 16 4.97 -11.26 -18.30
N ALA A 17 5.22 -9.97 -18.07
CA ALA A 17 4.37 -9.16 -17.17
C ALA A 17 4.45 -9.76 -15.77
N SER A 18 5.68 -9.91 -15.31
CA SER A 18 5.97 -10.49 -14.02
C SER A 18 5.59 -9.56 -12.87
N LYS A 19 5.57 -10.12 -11.66
CA LYS A 19 5.21 -9.38 -10.46
C LYS A 19 6.06 -8.14 -10.26
N GLU A 20 7.36 -8.27 -10.49
CA GLU A 20 8.29 -7.15 -10.34
C GLU A 20 8.03 -6.08 -11.38
N GLU A 21 7.66 -6.51 -12.58
CA GLU A 21 7.39 -5.59 -13.68
C GLU A 21 6.12 -4.78 -13.39
N ILE A 22 5.10 -5.47 -12.89
CA ILE A 22 3.84 -4.84 -12.55
C ILE A 22 4.01 -3.93 -11.34
N ALA A 23 4.75 -4.40 -10.35
CA ALA A 23 5.00 -3.62 -9.14
C ALA A 23 5.68 -2.29 -9.47
N ALA A 24 6.60 -2.34 -10.43
CA ALA A 24 7.32 -1.15 -10.86
C ALA A 24 6.35 -0.12 -11.43
N LEU A 25 5.35 -0.59 -12.17
CA LEU A 25 4.36 0.29 -12.75
C LEU A 25 3.47 0.90 -11.67
N ILE A 26 3.15 0.09 -10.67
CA ILE A 26 2.32 0.53 -9.55
C ILE A 26 3.00 1.67 -8.81
N VAL A 27 4.25 1.45 -8.40
CA VAL A 27 5.00 2.47 -7.68
C VAL A 27 5.30 3.67 -8.58
N ASN A 28 5.48 3.41 -9.87
CA ASN A 28 5.74 4.47 -10.84
C ASN A 28 4.57 5.44 -10.89
N TYR A 29 3.36 4.88 -10.90
CA TYR A 29 2.15 5.70 -10.92
C TYR A 29 2.05 6.54 -9.65
N PHE A 30 2.22 5.88 -8.50
CA PHE A 30 2.15 6.57 -7.21
C PHE A 30 3.19 7.68 -7.14
N SER A 31 4.39 7.39 -7.61
CA SER A 31 5.47 8.36 -7.61
C SER A 31 5.10 9.56 -8.47
N SER A 32 4.52 9.29 -9.63
CA SER A 32 4.11 10.35 -10.54
C SER A 32 3.01 11.21 -9.91
N ILE A 33 2.16 10.58 -9.12
CA ILE A 33 1.07 11.29 -8.44
C ILE A 33 1.60 12.34 -7.47
N VAL A 34 2.57 11.96 -6.65
CA VAL A 34 3.14 12.87 -5.66
C VAL A 34 4.06 13.91 -6.32
N GLU A 35 4.66 13.54 -7.46
CA GLU A 35 5.55 14.44 -8.18
C GLU A 35 4.82 15.67 -8.70
N LYS A 36 3.59 15.48 -9.16
CA LYS A 36 2.79 16.59 -9.69
C LYS A 36 1.68 17.00 -8.73
N LYS A 37 1.73 16.46 -7.51
CA LYS A 37 0.74 16.75 -6.48
C LYS A 37 -0.69 16.49 -6.97
N GLU A 38 -0.96 15.24 -7.32
CA GLU A 38 -2.29 14.85 -7.79
C GLU A 38 -3.13 14.29 -6.65
N ILE A 39 -2.59 14.40 -5.44
CA ILE A 39 -3.26 13.90 -4.24
C ILE A 39 -3.01 14.85 -3.08
N SER A 40 -3.87 14.80 -2.07
CA SER A 40 -3.75 15.66 -0.91
C SER A 40 -2.56 15.23 -0.05
N GLU A 41 -2.15 16.13 0.85
CA GLU A 41 -1.03 15.87 1.74
C GLU A 41 -1.30 14.63 2.57
N ASP A 42 -2.56 14.49 2.98
CA ASP A 42 -3.02 13.36 3.77
C ASP A 42 -2.73 12.05 3.05
N GLY A 43 -3.04 12.01 1.76
CA GLY A 43 -2.82 10.83 0.97
C GLY A 43 -1.35 10.54 0.74
N ALA A 44 -0.57 11.61 0.62
CA ALA A 44 0.87 11.48 0.41
C ALA A 44 1.52 10.81 1.61
N ASP A 45 0.97 11.10 2.79
CA ASP A 45 1.46 10.52 4.04
C ASP A 45 1.33 9.00 4.00
N SER A 46 0.17 8.53 3.58
CA SER A 46 -0.09 7.10 3.49
C SER A 46 0.80 6.45 2.43
N LEU A 47 1.08 7.17 1.36
CA LEU A 47 1.91 6.66 0.28
C LEU A 47 3.35 6.46 0.74
N ASN A 48 3.77 7.24 1.74
CA ASN A 48 5.11 7.16 2.29
C ASN A 48 5.40 5.78 2.88
N VAL A 49 4.35 5.13 3.38
CA VAL A 49 4.52 3.80 3.94
C VAL A 49 4.06 2.71 2.97
N ALA A 50 3.01 3.01 2.19
CA ALA A 50 2.47 2.06 1.23
C ALA A 50 3.51 1.64 0.20
N MET A 51 4.14 2.63 -0.43
CA MET A 51 5.16 2.37 -1.44
C MET A 51 6.36 1.64 -0.83
N ASP A 52 6.68 2.01 0.40
CA ASP A 52 7.81 1.41 1.10
C ASP A 52 7.57 -0.08 1.34
N CYS A 53 6.37 -0.42 1.79
CA CYS A 53 6.00 -1.81 2.06
C CYS A 53 6.00 -2.64 0.78
N ILE A 54 5.44 -2.08 -0.29
CA ILE A 54 5.38 -2.78 -1.58
C ILE A 54 6.78 -3.13 -2.08
N SER A 55 7.70 -2.17 -1.95
CA SER A 55 9.07 -2.36 -2.40
C SER A 55 9.73 -3.57 -1.72
N GLU A 56 9.79 -3.56 -0.40
CA GLU A 56 10.43 -4.65 0.35
C GLU A 56 9.68 -5.98 0.20
N ALA A 57 8.37 -5.92 0.04
CA ALA A 57 7.56 -7.11 -0.12
C ALA A 57 7.91 -7.86 -1.41
N PHE A 58 7.95 -7.13 -2.52
CA PHE A 58 8.28 -7.74 -3.81
C PHE A 58 9.78 -8.00 -3.93
N GLY A 59 10.56 -7.40 -3.05
CA GLY A 59 12.00 -7.59 -3.07
C GLY A 59 12.71 -6.67 -4.03
N PHE A 60 12.17 -5.47 -4.22
CA PHE A 60 12.78 -4.50 -5.12
C PHE A 60 12.96 -3.17 -4.42
N GLU A 61 13.90 -2.36 -4.90
CA GLU A 61 14.15 -1.07 -4.31
C GLU A 61 13.41 0.02 -5.07
N ARG A 62 12.92 1.01 -4.34
CA ARG A 62 12.19 2.14 -4.94
C ARG A 62 13.06 2.87 -5.95
N GLU A 63 14.33 3.04 -5.61
CA GLU A 63 15.28 3.73 -6.48
C GLU A 63 15.66 2.88 -7.69
N ALA A 64 15.21 1.64 -7.69
CA ALA A 64 15.52 0.73 -8.80
C ALA A 64 14.37 0.65 -9.80
N VAL A 65 13.34 1.47 -9.59
CA VAL A 65 12.18 1.47 -10.49
C VAL A 65 12.60 1.83 -11.92
N SER A 66 13.57 2.73 -12.04
CA SER A 66 14.07 3.15 -13.34
C SER A 66 14.75 1.99 -14.04
N GLY A 67 15.39 1.14 -13.25
CA GLY A 67 16.08 -0.01 -13.80
C GLY A 67 15.12 -1.04 -14.34
N ILE A 68 14.12 -1.38 -13.53
CA ILE A 68 13.12 -2.37 -13.93
C ILE A 68 12.38 -1.91 -15.20
N LEU A 69 11.87 -0.70 -15.17
CA LEU A 69 11.13 -0.15 -16.31
C LEU A 69 12.03 -0.05 -17.55
N GLY A 70 13.31 0.21 -17.32
CA GLY A 70 14.25 0.33 -18.41
C GLY A 70 14.51 -0.97 -19.14
N LYS A 71 14.46 -2.08 -18.42
CA LYS A 71 14.70 -3.39 -19.03
C LYS A 71 13.41 -4.08 -19.44
N SER A 72 12.30 -3.72 -18.81
CA SER A 72 11.01 -4.30 -19.13
C SER A 72 10.43 -3.70 -20.40
N GLU A 73 9.24 -4.17 -20.78
CA GLU A 73 8.57 -3.69 -21.97
C GLU A 73 7.81 -2.39 -21.71
N PHE A 74 7.36 -2.22 -20.47
CA PHE A 74 6.60 -1.04 -20.09
C PHE A 74 7.52 0.13 -19.75
N LYS A 75 8.34 0.53 -20.72
CA LYS A 75 9.26 1.63 -20.51
C LYS A 75 8.71 2.92 -21.09
N GLY A 76 8.46 3.89 -20.22
CA GLY A 76 7.92 5.16 -20.65
C GLY A 76 6.41 5.17 -20.63
N GLN A 77 5.84 4.21 -19.92
CA GLN A 77 4.39 4.09 -19.80
C GLN A 77 3.99 4.03 -18.33
N HIS A 78 3.02 4.84 -17.95
CA HIS A 78 2.53 4.84 -16.58
C HIS A 78 1.41 3.81 -16.47
N LEU A 79 1.10 3.38 -15.25
CA LEU A 79 0.06 2.40 -15.03
C LEU A 79 -1.28 2.88 -15.59
N ALA A 80 -1.54 4.18 -15.44
CA ALA A 80 -2.77 4.78 -15.93
C ALA A 80 -2.83 4.80 -17.45
N ASP A 81 -1.66 5.01 -18.08
CA ASP A 81 -1.57 5.06 -19.54
C ASP A 81 -2.04 3.76 -20.17
N ILE A 82 -1.52 2.66 -19.64
CA ILE A 82 -1.86 1.33 -20.13
C ILE A 82 -3.33 1.03 -19.91
N LEU A 83 -3.80 1.30 -18.69
CA LEU A 83 -5.19 1.06 -18.33
C LEU A 83 -6.14 1.92 -19.16
N ASN A 84 -5.70 3.13 -19.49
CA ASN A 84 -6.52 4.04 -20.28
C ASN A 84 -6.58 3.60 -21.74
N SER A 85 -5.45 3.12 -22.25
CA SER A 85 -5.36 2.64 -23.62
C SER A 85 -6.25 1.40 -23.80
N ALA A 86 -6.30 0.59 -22.76
CA ALA A 86 -7.10 -0.61 -22.77
C ALA A 86 -8.58 -0.28 -22.80
N SER A 87 -9.31 -0.91 -23.71
CA SER A 87 -10.74 -0.69 -23.83
C SER A 87 -11.48 -2.00 -23.61
N ARG A 88 -12.04 -2.15 -22.42
CA ARG A 88 -12.77 -3.36 -22.07
C ARG A 88 -14.25 -3.22 -22.39
N VAL A 89 -14.74 -4.07 -23.29
CA VAL A 89 -16.14 -4.05 -23.67
C VAL A 89 -16.91 -5.11 -22.88
N PRO A 90 -17.73 -4.68 -21.91
CA PRO A 90 -18.51 -5.59 -21.08
C PRO A 90 -19.72 -6.14 -21.85
N GLU A 91 -19.68 -7.42 -22.15
CA GLU A 91 -20.77 -8.07 -22.87
C GLU A 91 -21.24 -9.32 -22.14
N SER A 92 -21.95 -9.12 -21.04
CA SER A 92 -22.45 -10.23 -20.24
C SER A 92 -23.87 -9.94 -19.76
N MET B 14 -11.25 2.36 -21.63
CA MET B 14 -12.19 2.92 -22.63
C MET B 14 -12.92 4.14 -22.09
N MET B 15 -13.43 4.05 -20.86
CA MET B 15 -14.16 5.14 -20.24
C MET B 15 -13.25 5.98 -19.36
N SER B 16 -11.97 6.06 -19.75
CA SER B 16 -10.96 6.82 -19.01
C SER B 16 -10.74 6.23 -17.61
N ALA B 17 -9.62 5.54 -17.45
CA ALA B 17 -9.28 4.92 -16.18
C ALA B 17 -9.10 5.96 -15.08
N SER B 18 -10.03 5.99 -14.15
CA SER B 18 -9.97 6.93 -13.05
C SER B 18 -9.14 6.35 -11.90
N LYS B 19 -8.67 7.22 -11.02
CA LYS B 19 -7.83 6.80 -9.89
C LYS B 19 -8.45 5.68 -9.06
N GLU B 20 -9.74 5.77 -8.78
CA GLU B 20 -10.44 4.76 -8.00
C GLU B 20 -10.48 3.42 -8.74
N GLU B 21 -10.64 3.49 -10.06
CA GLU B 21 -10.70 2.29 -10.88
C GLU B 21 -9.32 1.64 -10.96
N ILE B 22 -8.29 2.48 -11.06
CA ILE B 22 -6.92 1.99 -11.12
C ILE B 22 -6.54 1.34 -9.79
N ALA B 23 -6.88 2.02 -8.70
CA ALA B 23 -6.59 1.53 -7.36
C ALA B 23 -7.28 0.20 -7.11
N ALA B 24 -8.49 0.05 -7.66
CA ALA B 24 -9.26 -1.17 -7.52
C ALA B 24 -8.50 -2.35 -8.11
N LEU B 25 -7.89 -2.15 -9.27
CA LEU B 25 -7.12 -3.18 -9.93
C LEU B 25 -5.84 -3.47 -9.14
N ILE B 26 -5.29 -2.44 -8.53
CA ILE B 26 -4.08 -2.56 -7.73
C ILE B 26 -4.33 -3.45 -6.51
N VAL B 27 -5.38 -3.14 -5.75
CA VAL B 27 -5.70 -3.93 -4.57
C VAL B 27 -6.16 -5.32 -4.98
N ASN B 28 -6.84 -5.42 -6.12
CA ASN B 28 -7.31 -6.69 -6.63
C ASN B 28 -6.11 -7.59 -6.95
N TYR B 29 -5.11 -6.98 -7.56
CA TYR B 29 -3.89 -7.69 -7.91
C TYR B 29 -3.20 -8.23 -6.66
N PHE B 30 -3.07 -7.39 -5.65
CA PHE B 30 -2.45 -7.79 -4.39
C PHE B 30 -3.25 -8.91 -3.74
N SER B 31 -4.58 -8.80 -3.83
CA SER B 31 -5.46 -9.81 -3.27
C SER B 31 -5.27 -11.13 -4.02
N SER B 32 -5.05 -11.05 -5.32
CA SER B 32 -4.83 -12.24 -6.14
C SER B 32 -3.54 -12.94 -5.73
N ILE B 33 -2.60 -12.16 -5.20
CA ILE B 33 -1.32 -12.68 -4.76
C ILE B 33 -1.46 -13.35 -3.40
N VAL B 34 -2.20 -12.73 -2.50
CA VAL B 34 -2.38 -13.26 -1.16
C VAL B 34 -3.38 -14.42 -1.10
N GLU B 35 -4.31 -14.48 -2.05
CA GLU B 35 -5.30 -15.56 -2.06
C GLU B 35 -4.67 -16.91 -2.34
N LYS B 36 -3.85 -17.00 -3.39
CA LYS B 36 -3.20 -18.27 -3.73
C LYS B 36 -1.80 -18.36 -3.14
N LYS B 37 -1.43 -17.35 -2.36
CA LYS B 37 -0.13 -17.29 -1.69
C LYS B 37 1.06 -17.25 -2.65
N GLU B 38 1.37 -16.07 -3.15
CA GLU B 38 2.51 -15.88 -4.04
C GLU B 38 3.59 -15.07 -3.32
N ILE B 39 3.36 -14.82 -2.04
CA ILE B 39 4.29 -14.05 -1.23
C ILE B 39 4.38 -14.65 0.18
N SER B 40 5.52 -14.44 0.83
CA SER B 40 5.74 -14.95 2.17
C SER B 40 4.75 -14.35 3.16
N GLU B 41 4.56 -15.01 4.29
CA GLU B 41 3.64 -14.56 5.32
C GLU B 41 3.97 -13.16 5.80
N ASP B 42 5.25 -12.83 5.85
CA ASP B 42 5.68 -11.51 6.30
C ASP B 42 5.42 -10.46 5.21
N GLY B 43 5.63 -10.84 3.96
CA GLY B 43 5.41 -9.93 2.86
C GLY B 43 3.94 -9.61 2.68
N ALA B 44 3.10 -10.61 2.94
CA ALA B 44 1.66 -10.44 2.82
C ALA B 44 1.14 -9.43 3.84
N ASP B 45 1.77 -9.40 5.02
CA ASP B 45 1.38 -8.48 6.07
C ASP B 45 1.61 -7.04 5.63
N SER B 46 2.81 -6.79 5.10
CA SER B 46 3.17 -5.48 4.61
C SER B 46 2.26 -5.05 3.46
N LEU B 47 1.95 -6.00 2.59
CA LEU B 47 1.08 -5.73 1.44
C LEU B 47 -0.34 -5.40 1.90
N ASN B 48 -0.81 -6.12 2.93
CA ASN B 48 -2.14 -5.92 3.48
C ASN B 48 -2.30 -4.48 3.98
N VAL B 49 -1.39 -4.08 4.87
CA VAL B 49 -1.45 -2.73 5.43
C VAL B 49 -1.19 -1.67 4.36
N ALA B 50 -0.36 -2.01 3.37
CA ALA B 50 -0.05 -1.09 2.28
C ALA B 50 -1.33 -0.78 1.51
N MET B 51 -2.15 -1.80 1.30
CA MET B 51 -3.41 -1.65 0.60
C MET B 51 -4.32 -0.71 1.37
N ASP B 52 -4.29 -0.84 2.70
CA ASP B 52 -5.10 0.00 3.58
C ASP B 52 -4.71 1.46 3.42
N CYS B 53 -3.40 1.70 3.32
CA CYS B 53 -2.87 3.04 3.15
C CYS B 53 -3.43 3.67 1.88
N ILE B 54 -3.43 2.88 0.79
CA ILE B 54 -3.94 3.35 -0.48
C ILE B 54 -5.45 3.57 -0.41
N SER B 55 -6.12 2.71 0.35
CA SER B 55 -7.56 2.79 0.51
C SER B 55 -8.00 4.10 1.15
N GLU B 56 -7.50 4.39 2.34
CA GLU B 56 -7.87 5.60 3.05
C GLU B 56 -7.35 6.85 2.36
N ALA B 57 -6.26 6.72 1.62
CA ALA B 57 -5.68 7.85 0.90
C ALA B 57 -6.63 8.35 -0.19
N PHE B 58 -7.26 7.41 -0.90
CA PHE B 58 -8.20 7.77 -1.96
C PHE B 58 -9.60 7.98 -1.40
N GLY B 59 -9.88 7.39 -0.24
CA GLY B 59 -11.17 7.54 0.39
C GLY B 59 -12.08 6.34 0.20
N PHE B 60 -11.50 5.17 0.00
CA PHE B 60 -12.29 3.96 -0.19
C PHE B 60 -11.84 2.85 0.75
N GLU B 61 -12.51 1.71 0.67
CA GLU B 61 -12.18 0.56 1.51
C GLU B 61 -11.91 -0.66 0.63
N ARG B 62 -11.09 -1.57 1.14
CA ARG B 62 -10.74 -2.79 0.41
C ARG B 62 -11.97 -3.65 0.16
N GLU B 63 -12.97 -3.51 1.02
CA GLU B 63 -14.20 -4.29 0.88
C GLU B 63 -15.14 -3.70 -0.17
N ALA B 64 -14.65 -2.68 -0.88
CA ALA B 64 -15.46 -2.05 -1.92
C ALA B 64 -14.88 -2.36 -3.31
N VAL B 65 -13.81 -3.17 -3.34
CA VAL B 65 -13.16 -3.53 -4.60
C VAL B 65 -14.13 -4.20 -5.57
N SER B 66 -14.97 -5.11 -5.04
CA SER B 66 -15.94 -5.81 -5.85
C SER B 66 -16.98 -4.85 -6.43
N GLY B 67 -17.32 -3.84 -5.64
CA GLY B 67 -18.29 -2.85 -6.07
C GLY B 67 -17.74 -1.97 -7.18
N ILE B 68 -16.47 -1.64 -7.10
CA ILE B 68 -15.82 -0.81 -8.11
C ILE B 68 -15.69 -1.55 -9.43
N LEU B 69 -15.12 -2.76 -9.37
CA LEU B 69 -14.92 -3.59 -10.55
C LEU B 69 -16.26 -3.95 -11.19
N GLY B 70 -17.28 -4.10 -10.36
CA GLY B 70 -18.60 -4.45 -10.85
C GLY B 70 -19.21 -3.34 -11.69
N LYS B 71 -18.73 -2.12 -11.50
CA LYS B 71 -19.23 -0.97 -12.24
C LYS B 71 -18.33 -0.66 -13.43
N SER B 72 -17.05 -0.48 -13.15
CA SER B 72 -16.07 -0.15 -14.18
C SER B 72 -15.95 -1.23 -15.26
N GLU B 73 -15.30 -0.88 -16.36
CA GLU B 73 -15.10 -1.79 -17.48
C GLU B 73 -14.13 -2.91 -17.12
N PHE B 74 -13.27 -2.64 -16.14
CA PHE B 74 -12.28 -3.60 -15.68
C PHE B 74 -12.90 -4.67 -14.79
N LYS B 75 -13.52 -5.65 -15.40
CA LYS B 75 -14.16 -6.75 -14.67
C LYS B 75 -13.81 -8.08 -15.33
N GLY B 76 -13.55 -9.09 -14.53
CA GLY B 76 -13.20 -10.40 -15.06
C GLY B 76 -11.75 -10.47 -15.51
N GLN B 77 -11.04 -9.36 -15.39
CA GLN B 77 -9.64 -9.30 -15.77
C GLN B 77 -8.84 -8.63 -14.66
N HIS B 78 -7.70 -9.22 -14.34
CA HIS B 78 -6.84 -8.67 -13.29
C HIS B 78 -5.85 -7.69 -13.90
N LEU B 79 -5.10 -6.99 -13.05
CA LEU B 79 -4.11 -6.03 -13.51
C LEU B 79 -3.07 -6.70 -14.42
N ALA B 80 -2.68 -7.91 -14.07
CA ALA B 80 -1.70 -8.68 -14.84
C ALA B 80 -2.26 -9.07 -16.20
N ASP B 81 -3.55 -9.40 -16.23
CA ASP B 81 -4.22 -9.81 -17.46
C ASP B 81 -4.23 -8.68 -18.47
N ILE B 82 -4.61 -7.49 -18.00
CA ILE B 82 -4.69 -6.30 -18.85
C ILE B 82 -3.31 -5.81 -19.28
N LEU B 83 -2.35 -5.91 -18.37
CA LEU B 83 -0.99 -5.46 -18.67
C LEU B 83 -0.31 -6.31 -19.74
N ASN B 84 -0.53 -7.62 -19.70
CA ASN B 84 0.09 -8.52 -20.66
C ASN B 84 -0.63 -8.53 -22.00
N SER B 85 -1.75 -7.84 -22.09
CA SER B 85 -2.50 -7.76 -23.33
C SER B 85 -2.25 -6.42 -24.02
N ALA B 86 -2.38 -5.34 -23.26
CA ALA B 86 -2.16 -4.00 -23.80
C ALA B 86 -0.68 -3.62 -23.70
N SER B 87 0.15 -4.40 -24.38
CA SER B 87 1.59 -4.18 -24.37
C SER B 87 2.00 -3.22 -25.49
N ARG B 88 2.96 -2.36 -25.21
CA ARG B 88 3.46 -1.41 -26.18
C ARG B 88 4.80 -1.87 -26.72
N VAL B 89 5.09 -1.54 -27.97
CA VAL B 89 6.36 -1.91 -28.58
C VAL B 89 7.32 -0.74 -28.53
N PRO B 90 8.36 -0.81 -27.67
CA PRO B 90 9.35 0.25 -27.52
C PRO B 90 10.25 0.36 -28.73
N GLU B 91 10.09 1.43 -29.49
CA GLU B 91 10.90 1.66 -30.67
C GLU B 91 11.71 2.94 -30.53
N SER B 92 13.02 2.79 -30.37
CA SER B 92 13.90 3.92 -30.22
C SER B 92 15.07 3.82 -31.19
N ASN C 2 -12.84 4.96 30.60
CA ASN C 2 -11.93 5.68 31.53
C ASN C 2 -10.72 6.21 30.79
N ALA C 3 -9.57 6.20 31.46
CA ALA C 3 -8.34 6.68 30.87
C ALA C 3 -7.50 5.52 30.34
N ALA C 4 -7.94 4.30 30.66
CA ALA C 4 -7.26 3.07 30.23
C ALA C 4 -7.37 2.85 28.72
N VAL C 5 -6.45 3.43 27.96
CA VAL C 5 -6.43 3.27 26.52
C VAL C 5 -5.67 2.00 26.14
N HIS C 6 -6.41 0.92 25.99
CA HIS C 6 -5.82 -0.38 25.64
C HIS C 6 -5.55 -0.45 24.14
N LEU C 7 -4.28 -0.55 23.79
CA LEU C 7 -3.88 -0.62 22.38
C LEU C 7 -3.04 -1.85 22.09
N THR C 8 -3.22 -2.39 20.89
CA THR C 8 -2.47 -3.56 20.45
C THR C 8 -1.36 -3.10 19.51
N LEU C 9 -0.19 -3.73 19.61
CA LEU C 9 0.93 -3.38 18.76
C LEU C 9 1.45 -4.61 18.01
N LYS C 10 1.36 -4.57 16.68
CA LYS C 10 1.82 -5.69 15.88
C LYS C 10 2.74 -5.25 14.74
N LYS C 11 3.80 -6.03 14.51
CA LYS C 11 4.75 -5.74 13.45
C LYS C 11 4.36 -6.50 12.19
N ILE C 12 4.65 -5.92 11.03
CA ILE C 12 4.31 -6.55 9.76
C ILE C 12 5.46 -7.42 9.22
N GLN C 13 6.67 -6.88 9.25
CA GLN C 13 7.84 -7.59 8.76
C GLN C 13 8.34 -8.61 9.77
N ALA C 14 8.83 -9.74 9.28
CA ALA C 14 9.36 -10.78 10.17
C ALA C 14 10.69 -10.34 10.78
N PRO C 15 10.93 -10.62 12.06
CA PRO C 15 9.98 -11.34 12.92
C PRO C 15 8.84 -10.42 13.37
N LYS C 16 7.66 -10.99 13.49
CA LYS C 16 6.49 -10.24 13.90
C LYS C 16 6.22 -10.41 15.39
N PHE C 17 5.64 -9.38 15.99
CA PHE C 17 5.28 -9.42 17.40
C PHE C 17 3.92 -8.79 17.58
N SER C 18 3.21 -9.21 18.61
CA SER C 18 1.88 -8.67 18.90
C SER C 18 1.69 -8.53 20.40
N ILE C 19 1.93 -7.33 20.90
CA ILE C 19 1.80 -7.06 22.33
C ILE C 19 0.66 -6.09 22.60
N GLU C 20 0.24 -6.01 23.86
CA GLU C 20 -0.84 -5.11 24.25
C GLU C 20 -0.46 -4.35 25.50
N HIS C 21 -0.86 -3.08 25.57
CA HIS C 21 -0.56 -2.27 26.73
C HIS C 21 -1.61 -1.18 26.90
N ASP C 22 -1.74 -0.69 28.12
CA ASP C 22 -2.70 0.36 28.43
C ASP C 22 -2.00 1.69 28.59
N PHE C 23 -2.38 2.65 27.76
CA PHE C 23 -1.81 3.97 27.81
C PHE C 23 -2.86 4.98 28.27
N SER C 24 -2.48 6.25 28.35
CA SER C 24 -3.40 7.29 28.77
C SER C 24 -3.78 8.17 27.58
N PRO C 25 -4.91 8.89 27.64
CA PRO C 25 -5.35 9.76 26.53
C PRO C 25 -4.40 10.94 26.36
N SER C 26 -3.57 11.17 27.37
CA SER C 26 -2.59 12.25 27.35
C SER C 26 -1.27 11.78 26.76
N ASP C 27 -1.19 10.48 26.45
CA ASP C 27 0.02 9.91 25.86
C ASP C 27 0.07 10.23 24.39
N THR C 28 1.27 10.35 23.85
CA THR C 28 1.43 10.65 22.44
C THR C 28 2.01 9.44 21.72
N ILE C 29 2.04 9.50 20.39
CA ILE C 29 2.59 8.42 19.58
C ILE C 29 4.06 8.19 19.94
N LEU C 30 4.73 9.27 20.34
CA LEU C 30 6.13 9.20 20.71
C LEU C 30 6.32 8.31 21.94
N GLN C 31 5.36 8.35 22.85
CA GLN C 31 5.42 7.54 24.07
C GLN C 31 5.34 6.06 23.72
N ILE C 32 4.52 5.73 22.73
CA ILE C 32 4.38 4.34 22.29
C ILE C 32 5.72 3.85 21.75
N LYS C 33 6.38 4.71 20.98
CA LYS C 33 7.67 4.39 20.40
C LYS C 33 8.69 4.16 21.50
N GLN C 34 8.70 5.06 22.48
CA GLN C 34 9.62 4.96 23.61
C GLN C 34 9.40 3.64 24.35
N HIS C 35 8.12 3.26 24.49
CA HIS C 35 7.76 2.02 25.16
C HIS C 35 8.26 0.81 24.39
N LEU C 36 8.18 0.89 23.06
CA LEU C 36 8.62 -0.21 22.20
C LEU C 36 10.11 -0.47 22.37
N ILE C 37 10.87 0.59 22.61
CA ILE C 37 12.30 0.46 22.81
C ILE C 37 12.59 -0.35 24.08
N SER C 38 11.87 -0.04 25.15
CA SER C 38 12.03 -0.72 26.42
C SER C 38 11.64 -2.20 26.32
N GLU C 39 10.78 -2.51 25.35
CA GLU C 39 10.34 -3.89 25.15
C GLU C 39 11.31 -4.63 24.23
N GLU C 40 12.43 -3.97 23.92
CA GLU C 40 13.47 -4.54 23.06
C GLU C 40 12.96 -4.79 21.65
N LYS C 41 11.96 -4.01 21.24
CA LYS C 41 11.38 -4.17 19.91
C LYS C 41 11.87 -3.11 18.94
N ALA C 42 12.62 -2.14 19.43
CA ALA C 42 13.12 -1.07 18.58
C ALA C 42 14.47 -0.57 19.06
N SER C 43 15.17 0.12 18.16
CA SER C 43 16.48 0.67 18.48
C SER C 43 16.39 2.20 18.48
N HIS C 44 15.70 2.75 17.49
CA HIS C 44 15.54 4.20 17.37
C HIS C 44 14.07 4.58 17.25
N ILE C 45 13.79 5.87 17.31
CA ILE C 45 12.43 6.38 17.23
C ILE C 45 11.93 6.43 15.78
N SER C 46 12.83 6.81 14.87
CA SER C 46 12.48 6.92 13.46
C SER C 46 12.15 5.57 12.83
N GLU C 47 12.79 4.52 13.32
CA GLU C 47 12.58 3.17 12.82
C GLU C 47 11.13 2.74 12.99
N ILE C 48 10.48 3.25 14.02
CA ILE C 48 9.11 2.90 14.32
C ILE C 48 8.11 3.72 13.52
N LYS C 49 7.63 3.14 12.43
CA LYS C 49 6.63 3.79 11.59
C LYS C 49 5.25 3.25 11.96
N LEU C 50 4.62 3.90 12.93
CA LEU C 50 3.29 3.47 13.40
C LEU C 50 2.21 3.86 12.41
N LEU C 51 1.30 2.92 12.14
CA LEU C 51 0.21 3.16 11.20
C LEU C 51 -1.13 2.73 11.79
N LEU C 52 -2.19 3.39 11.36
CA LEU C 52 -3.54 3.08 11.79
C LEU C 52 -4.49 3.11 10.60
N LYS C 53 -4.83 1.92 10.10
CA LYS C 53 -5.72 1.78 8.95
C LYS C 53 -5.16 2.47 7.70
N GLY C 54 -3.84 2.61 7.65
CA GLY C 54 -3.20 3.23 6.51
C GLY C 54 -2.57 4.58 6.85
N LYS C 55 -3.15 5.27 7.81
CA LYS C 55 -2.66 6.57 8.22
C LYS C 55 -1.42 6.45 9.09
N VAL C 56 -0.38 7.21 8.77
CA VAL C 56 0.85 7.19 9.55
C VAL C 56 0.70 8.04 10.81
N LEU C 57 0.96 7.44 11.95
CA LEU C 57 0.84 8.13 13.22
C LEU C 57 2.11 8.93 13.54
N HIS C 58 2.01 10.24 13.37
CA HIS C 58 3.14 11.13 13.62
C HIS C 58 3.39 11.25 15.12
N ASP C 59 4.64 11.50 15.48
CA ASP C 59 5.06 11.61 16.89
C ASP C 59 4.25 12.65 17.66
N ASN C 60 3.88 13.73 16.99
CA ASN C 60 3.13 14.82 17.62
C ASN C 60 1.63 14.57 17.66
N LEU C 61 1.24 13.31 17.59
CA LEU C 61 -0.18 12.95 17.63
C LEU C 61 -0.53 12.37 18.99
N PHE C 62 -1.62 12.85 19.57
CA PHE C 62 -2.06 12.36 20.87
C PHE C 62 -2.98 11.17 20.68
N LEU C 63 -3.01 10.28 21.67
CA LEU C 63 -3.85 9.09 21.61
C LEU C 63 -5.33 9.43 21.60
N SER C 64 -5.65 10.66 22.00
CA SER C 64 -7.02 11.12 22.04
C SER C 64 -7.55 11.40 20.62
N ASP C 65 -6.62 11.55 19.68
CA ASP C 65 -6.98 11.82 18.29
C ASP C 65 -7.01 10.52 17.49
N LEU C 66 -6.64 9.43 18.15
CA LEU C 66 -6.62 8.13 17.50
C LEU C 66 -8.03 7.63 17.25
N LYS C 67 -8.29 7.21 16.01
CA LYS C 67 -9.60 6.71 15.64
C LYS C 67 -9.70 5.23 15.99
N VAL C 68 -9.51 4.92 17.26
CA VAL C 68 -9.56 3.54 17.72
C VAL C 68 -10.94 3.17 18.23
N THR C 69 -11.35 1.94 17.95
CA THR C 69 -12.65 1.44 18.36
C THR C 69 -12.46 0.03 18.91
N PRO C 70 -13.52 -0.60 19.46
CA PRO C 70 -13.43 -1.98 19.97
C PRO C 70 -13.03 -2.95 18.85
N ALA C 71 -13.32 -2.54 17.62
CA ALA C 71 -12.98 -3.32 16.45
C ALA C 71 -11.53 -3.08 16.05
N ASN C 72 -11.19 -1.82 15.83
CA ASN C 72 -9.83 -1.46 15.45
C ASN C 72 -9.07 -0.79 16.59
N SER C 73 -8.34 -1.60 17.35
CA SER C 73 -7.56 -1.10 18.47
C SER C 73 -6.10 -1.53 18.30
N THR C 74 -5.80 -2.09 17.15
CA THR C 74 -4.47 -2.56 16.85
C THR C 74 -3.70 -1.57 15.98
N ILE C 75 -2.51 -1.22 16.42
CA ILE C 75 -1.65 -0.29 15.71
C ILE C 75 -0.61 -1.07 14.91
N THR C 76 -0.36 -0.65 13.68
CA THR C 76 0.61 -1.31 12.83
C THR C 76 2.01 -0.74 13.09
N VAL C 77 2.93 -1.61 13.47
CA VAL C 77 4.29 -1.19 13.74
C VAL C 77 5.24 -1.62 12.62
N MET C 78 5.59 -0.67 11.76
CA MET C 78 6.52 -0.96 10.69
C MET C 78 7.91 -0.55 11.12
N ILE C 79 8.86 -1.46 11.05
CA ILE C 79 10.22 -1.16 11.46
C ILE C 79 11.17 -1.18 10.28
N LYS C 80 11.86 -0.06 10.09
CA LYS C 80 12.82 0.07 9.00
C LYS C 80 14.00 0.92 9.47
N PRO C 81 15.23 0.51 9.14
CA PRO C 81 16.44 1.22 9.53
C PRO C 81 16.45 2.67 9.08
N ASN C 82 17.25 3.49 9.78
CA ASN C 82 17.39 4.93 9.50
C ASN C 82 16.20 5.71 10.05
N MET A 14 3.35 -9.29 -23.30
CA MET A 14 4.03 -10.21 -24.24
C MET A 14 4.86 -11.23 -23.49
N MET A 15 5.67 -10.77 -22.55
CA MET A 15 6.52 -11.64 -21.77
C MET A 15 5.69 -12.48 -20.80
N SER A 16 5.39 -11.92 -19.64
CA SER A 16 4.60 -12.61 -18.62
C SER A 16 4.00 -11.65 -17.59
N ALA A 17 4.46 -10.39 -17.62
CA ALA A 17 4.00 -9.38 -16.67
C ALA A 17 4.32 -9.81 -15.25
N SER A 18 5.60 -9.71 -14.90
CA SER A 18 6.07 -10.10 -13.59
C SER A 18 5.64 -9.12 -12.51
N LYS A 19 5.64 -9.58 -11.27
CA LYS A 19 5.24 -8.76 -10.12
C LYS A 19 6.04 -7.46 -10.07
N GLU A 20 7.35 -7.56 -10.26
CA GLU A 20 8.22 -6.40 -10.24
C GLU A 20 7.91 -5.44 -11.40
N GLU A 21 7.52 -6.00 -12.54
CA GLU A 21 7.19 -5.19 -13.71
C GLU A 21 5.91 -4.41 -13.47
N ILE A 22 4.92 -5.10 -12.93
CA ILE A 22 3.63 -4.48 -12.62
C ILE A 22 3.77 -3.47 -11.50
N ALA A 23 4.51 -3.85 -10.46
CA ALA A 23 4.73 -2.96 -9.32
C ALA A 23 5.42 -1.67 -9.75
N ALA A 24 6.33 -1.79 -10.71
CA ALA A 24 7.05 -0.65 -11.24
C ALA A 24 6.08 0.36 -11.84
N LEU A 25 5.06 -0.14 -12.55
CA LEU A 25 4.07 0.73 -13.16
C LEU A 25 3.18 1.35 -12.09
N ILE A 26 2.88 0.56 -11.06
CA ILE A 26 2.04 1.01 -9.96
C ILE A 26 2.69 2.20 -9.25
N VAL A 27 3.94 2.03 -8.85
CA VAL A 27 4.67 3.11 -8.17
C VAL A 27 4.93 4.27 -9.12
N ASN A 28 5.07 3.97 -10.40
CA ASN A 28 5.29 4.98 -11.43
C ASN A 28 4.08 5.90 -11.48
N TYR A 29 2.89 5.28 -11.50
CA TYR A 29 1.64 6.03 -11.54
C TYR A 29 1.53 6.94 -10.31
N PHE A 30 1.81 6.37 -9.14
CA PHE A 30 1.76 7.12 -7.89
C PHE A 30 2.69 8.33 -7.95
N SER A 31 3.92 8.09 -8.41
CA SER A 31 4.91 9.14 -8.53
C SER A 31 4.44 10.20 -9.53
N SER A 32 3.88 9.75 -10.65
CA SER A 32 3.39 10.65 -11.68
C SER A 32 2.27 11.55 -11.14
N ILE A 33 1.44 10.99 -10.27
CA ILE A 33 0.34 11.76 -9.67
C ILE A 33 0.87 12.90 -8.80
N VAL A 34 1.90 12.60 -8.00
CA VAL A 34 2.48 13.61 -7.12
C VAL A 34 3.37 14.58 -7.89
N GLU A 35 3.88 14.13 -9.03
CA GLU A 35 4.74 14.96 -9.87
C GLU A 35 3.95 16.13 -10.44
N LYS A 36 2.72 15.86 -10.85
CA LYS A 36 1.84 16.89 -11.41
C LYS A 36 0.97 17.48 -10.31
N LYS A 37 1.08 16.91 -9.12
CA LYS A 37 0.32 17.33 -7.95
C LYS A 37 -1.17 17.24 -8.21
N GLU A 38 -1.61 16.09 -8.73
CA GLU A 38 -3.01 15.88 -9.03
C GLU A 38 -3.70 15.09 -7.91
N ILE A 39 -3.16 15.23 -6.70
CA ILE A 39 -3.71 14.56 -5.54
C ILE A 39 -3.70 15.49 -4.33
N SER A 40 -4.63 15.27 -3.41
CA SER A 40 -4.71 16.08 -2.20
C SER A 40 -3.54 15.81 -1.28
N GLU A 41 -3.22 16.81 -0.44
CA GLU A 41 -2.11 16.70 0.50
C GLU A 41 -2.23 15.46 1.39
N ASP A 42 -3.45 15.19 1.83
CA ASP A 42 -3.70 14.03 2.68
C ASP A 42 -3.45 12.73 1.94
N GLY A 43 -3.91 12.67 0.69
CA GLY A 43 -3.72 11.48 -0.12
C GLY A 43 -2.28 11.27 -0.52
N ALA A 44 -1.56 12.38 -0.69
CA ALA A 44 -0.15 12.31 -1.05
C ALA A 44 0.64 11.61 0.04
N ASP A 45 0.28 11.89 1.28
CA ASP A 45 0.95 11.27 2.43
C ASP A 45 0.69 9.77 2.45
N SER A 46 -0.52 9.39 2.03
CA SER A 46 -0.91 7.99 1.96
C SER A 46 -0.07 7.24 0.93
N LEU A 47 0.01 7.79 -0.27
CA LEU A 47 0.78 7.17 -1.34
C LEU A 47 2.26 7.14 -0.97
N ASN A 48 2.69 8.17 -0.24
CA ASN A 48 4.07 8.29 0.19
C ASN A 48 4.46 7.13 1.10
N VAL A 49 3.58 6.77 2.02
CA VAL A 49 3.86 5.66 2.94
C VAL A 49 3.55 4.31 2.29
N ALA A 50 2.49 4.25 1.49
CA ALA A 50 2.10 3.02 0.81
C ALA A 50 3.21 2.54 -0.12
N MET A 51 3.83 3.48 -0.83
CA MET A 51 4.90 3.16 -1.76
C MET A 51 6.06 2.47 -1.04
N ASP A 52 6.31 2.90 0.19
CA ASP A 52 7.38 2.33 1.01
C ASP A 52 7.16 0.83 1.23
N CYS A 53 5.98 0.49 1.75
CA CYS A 53 5.64 -0.90 2.02
C CYS A 53 5.58 -1.74 0.75
N ILE A 54 5.10 -1.13 -0.34
CA ILE A 54 4.99 -1.84 -1.63
C ILE A 54 6.38 -2.21 -2.16
N SER A 55 7.30 -1.27 -2.08
CA SER A 55 8.67 -1.47 -2.56
C SER A 55 9.32 -2.72 -1.98
N GLU A 56 9.42 -2.77 -0.67
CA GLU A 56 10.05 -3.90 0.01
C GLU A 56 9.27 -5.20 -0.16
N ALA A 57 7.95 -5.08 -0.31
CA ALA A 57 7.11 -6.27 -0.48
C ALA A 57 7.49 -7.05 -1.74
N PHE A 58 7.75 -6.33 -2.82
CA PHE A 58 8.13 -6.97 -4.08
C PHE A 58 9.65 -7.12 -4.20
N GLY A 59 10.37 -6.61 -3.21
CA GLY A 59 11.81 -6.70 -3.22
C GLY A 59 12.47 -5.76 -4.20
N PHE A 60 12.03 -4.51 -4.21
CA PHE A 60 12.59 -3.51 -5.09
C PHE A 60 12.63 -2.16 -4.41
N GLU A 61 13.63 -1.36 -4.71
CA GLU A 61 13.73 -0.05 -4.11
C GLU A 61 13.06 0.99 -5.00
N ARG A 62 12.48 2.00 -4.37
CA ARG A 62 11.80 3.09 -5.10
C ARG A 62 12.76 3.73 -6.10
N GLU A 63 14.00 3.91 -5.67
CA GLU A 63 15.04 4.51 -6.49
C GLU A 63 15.44 3.63 -7.68
N ALA A 64 15.02 2.37 -7.65
CA ALA A 64 15.36 1.44 -8.71
C ALA A 64 14.25 1.31 -9.75
N VAL A 65 13.14 2.01 -9.54
CA VAL A 65 12.01 1.95 -10.46
C VAL A 65 12.40 2.32 -11.90
N SER A 66 13.26 3.32 -12.03
CA SER A 66 13.71 3.78 -13.33
C SER A 66 14.47 2.69 -14.07
N GLY A 67 15.34 2.00 -13.35
CA GLY A 67 16.12 0.93 -13.94
C GLY A 67 15.24 -0.25 -14.30
N ILE A 68 14.34 -0.61 -13.39
CA ILE A 68 13.43 -1.74 -13.62
C ILE A 68 12.57 -1.51 -14.85
N LEU A 69 11.94 -0.35 -14.93
CA LEU A 69 11.09 0.00 -16.06
C LEU A 69 11.85 -0.08 -17.38
N GLY A 70 13.04 0.51 -17.39
CA GLY A 70 13.86 0.52 -18.60
C GLY A 70 14.25 -0.87 -19.07
N LYS A 71 14.42 -1.80 -18.14
CA LYS A 71 14.81 -3.16 -18.50
C LYS A 71 13.62 -4.11 -18.58
N SER A 72 12.41 -3.58 -18.45
CA SER A 72 11.22 -4.42 -18.51
C SER A 72 10.41 -4.18 -19.79
N GLU A 73 9.25 -4.80 -19.86
CA GLU A 73 8.37 -4.67 -21.01
C GLU A 73 7.70 -3.30 -21.05
N PHE A 74 7.31 -2.82 -19.88
CA PHE A 74 6.65 -1.53 -19.76
C PHE A 74 7.65 -0.41 -19.57
N LYS A 75 8.07 0.21 -20.68
CA LYS A 75 9.04 1.28 -20.63
C LYS A 75 8.60 2.46 -21.50
N GLY A 76 8.55 3.64 -20.92
CA GLY A 76 8.17 4.83 -21.66
C GLY A 76 6.67 5.09 -21.61
N GLN A 77 5.95 4.25 -20.89
CA GLN A 77 4.50 4.39 -20.76
C GLN A 77 4.11 4.32 -19.29
N HIS A 78 2.91 4.77 -18.97
CA HIS A 78 2.44 4.74 -17.58
C HIS A 78 1.29 3.74 -17.44
N LEU A 79 0.93 3.44 -16.21
CA LEU A 79 -0.16 2.50 -15.93
C LEU A 79 -1.48 3.02 -16.48
N ALA A 80 -1.65 4.34 -16.49
CA ALA A 80 -2.87 4.97 -16.98
C ALA A 80 -3.07 4.76 -18.48
N ASP A 81 -2.12 5.23 -19.27
CA ASP A 81 -2.20 5.11 -20.73
C ASP A 81 -2.33 3.67 -21.20
N ILE A 82 -1.56 2.77 -20.59
CA ILE A 82 -1.62 1.35 -20.96
C ILE A 82 -2.99 0.75 -20.63
N LEU A 83 -3.45 0.96 -19.40
CA LEU A 83 -4.73 0.44 -18.95
C LEU A 83 -5.89 0.99 -19.77
N ASN A 84 -5.81 2.26 -20.12
CA ASN A 84 -6.87 2.90 -20.90
C ASN A 84 -6.88 2.42 -22.34
N SER A 85 -5.73 2.01 -22.85
CA SER A 85 -5.62 1.53 -24.22
C SER A 85 -6.35 0.20 -24.39
N ALA A 86 -6.46 -0.54 -23.29
CA ALA A 86 -7.14 -1.83 -23.30
C ALA A 86 -8.65 -1.65 -23.33
N SER A 87 -9.30 -2.43 -24.17
CA SER A 87 -10.74 -2.38 -24.29
C SER A 87 -11.34 -3.65 -23.71
N ARG A 88 -12.19 -3.50 -22.71
CA ARG A 88 -12.82 -4.65 -22.08
C ARG A 88 -14.34 -4.55 -22.14
N VAL A 89 -14.92 -5.15 -23.17
CA VAL A 89 -16.36 -5.12 -23.36
C VAL A 89 -17.01 -6.24 -22.57
N PRO A 90 -18.04 -5.93 -21.78
CA PRO A 90 -18.75 -6.91 -20.96
C PRO A 90 -19.74 -7.71 -21.79
N GLU A 91 -19.40 -8.96 -22.06
CA GLU A 91 -20.26 -9.86 -22.83
C GLU A 91 -21.21 -10.60 -21.90
N SER A 92 -21.77 -9.87 -20.96
CA SER A 92 -22.68 -10.42 -19.99
C SER A 92 -24.11 -10.26 -20.48
N MET B 14 -10.33 2.04 -21.62
CA MET B 14 -11.27 2.21 -22.76
C MET B 14 -12.13 3.46 -22.58
N MET B 15 -12.90 3.51 -21.50
CA MET B 15 -13.76 4.66 -21.23
C MET B 15 -13.08 5.64 -20.28
N SER B 16 -11.78 5.85 -20.51
CA SER B 16 -10.97 6.76 -19.69
C SER B 16 -10.87 6.28 -18.25
N ALA B 17 -9.90 5.42 -18.00
CA ALA B 17 -9.69 4.87 -16.66
C ALA B 17 -9.32 5.94 -15.65
N SER B 18 -10.18 6.15 -14.68
CA SER B 18 -9.95 7.14 -13.63
C SER B 18 -9.05 6.56 -12.54
N LYS B 19 -8.60 7.43 -11.63
CA LYS B 19 -7.71 7.02 -10.55
C LYS B 19 -8.29 5.86 -9.74
N GLU B 20 -9.54 5.98 -9.33
CA GLU B 20 -10.20 4.94 -8.53
C GLU B 20 -10.34 3.64 -9.32
N GLU B 21 -10.61 3.75 -10.62
CA GLU B 21 -10.77 2.59 -11.47
C GLU B 21 -9.46 1.85 -11.61
N ILE B 22 -8.38 2.60 -11.76
CA ILE B 22 -7.05 2.01 -11.86
C ILE B 22 -6.63 1.41 -10.52
N ALA B 23 -6.91 2.14 -9.45
CA ALA B 23 -6.58 1.71 -8.10
C ALA B 23 -7.31 0.42 -7.76
N ALA B 24 -8.51 0.26 -8.32
CA ALA B 24 -9.31 -0.94 -8.09
C ALA B 24 -8.56 -2.17 -8.58
N LEU B 25 -7.92 -2.05 -9.73
CA LEU B 25 -7.15 -3.16 -10.28
C LEU B 25 -5.88 -3.38 -9.48
N ILE B 26 -5.34 -2.29 -8.94
CA ILE B 26 -4.13 -2.36 -8.12
C ILE B 26 -4.39 -3.13 -6.83
N VAL B 27 -5.45 -2.76 -6.13
CA VAL B 27 -5.80 -3.43 -4.88
C VAL B 27 -6.25 -4.86 -5.16
N ASN B 28 -6.89 -5.06 -6.31
CA ASN B 28 -7.35 -6.38 -6.72
C ASN B 28 -6.14 -7.28 -6.95
N TYR B 29 -5.14 -6.73 -7.62
CA TYR B 29 -3.91 -7.45 -7.91
C TYR B 29 -3.22 -7.87 -6.63
N PHE B 30 -3.09 -6.95 -5.68
CA PHE B 30 -2.47 -7.22 -4.40
C PHE B 30 -3.22 -8.33 -3.67
N SER B 31 -4.54 -8.26 -3.69
CA SER B 31 -5.38 -9.25 -3.05
C SER B 31 -5.20 -10.61 -3.70
N SER B 32 -5.04 -10.62 -5.02
CA SER B 32 -4.86 -11.86 -5.78
C SER B 32 -3.54 -12.54 -5.40
N ILE B 33 -2.62 -11.77 -4.83
CA ILE B 33 -1.33 -12.31 -4.42
C ILE B 33 -1.43 -12.90 -3.02
N VAL B 34 -2.14 -12.21 -2.13
CA VAL B 34 -2.27 -12.66 -0.75
C VAL B 34 -3.27 -13.81 -0.59
N GLU B 35 -4.34 -13.80 -1.38
CA GLU B 35 -5.37 -14.85 -1.29
C GLU B 35 -4.80 -16.24 -1.51
N LYS B 36 -3.89 -16.38 -2.46
CA LYS B 36 -3.28 -17.66 -2.76
C LYS B 36 -1.90 -17.80 -2.14
N LYS B 37 -1.52 -16.80 -1.35
CA LYS B 37 -0.22 -16.76 -0.69
C LYS B 37 0.93 -16.91 -1.68
N GLU B 38 1.07 -15.92 -2.53
CA GLU B 38 2.12 -15.90 -3.53
C GLU B 38 3.30 -15.07 -3.03
N ILE B 39 3.15 -14.51 -1.85
CA ILE B 39 4.16 -13.68 -1.23
C ILE B 39 4.38 -14.10 0.22
N SER B 40 5.52 -13.73 0.79
CA SER B 40 5.84 -14.07 2.16
C SER B 40 4.93 -13.32 3.13
N GLU B 41 4.84 -13.81 4.35
CA GLU B 41 4.00 -13.18 5.37
C GLU B 41 4.41 -11.74 5.60
N ASP B 42 5.73 -11.50 5.60
CA ASP B 42 6.26 -10.15 5.80
C ASP B 42 5.78 -9.23 4.69
N GLY B 43 5.82 -9.74 3.47
CA GLY B 43 5.38 -8.94 2.33
C GLY B 43 3.88 -8.75 2.34
N ALA B 44 3.15 -9.81 2.69
CA ALA B 44 1.69 -9.78 2.75
C ALA B 44 1.23 -8.75 3.77
N ASP B 45 1.86 -8.75 4.94
CA ASP B 45 1.52 -7.82 6.01
C ASP B 45 1.74 -6.39 5.54
N SER B 46 2.84 -6.16 4.84
CA SER B 46 3.16 -4.84 4.32
C SER B 46 2.15 -4.41 3.25
N LEU B 47 1.79 -5.35 2.37
CA LEU B 47 0.82 -5.07 1.31
C LEU B 47 -0.55 -4.77 1.88
N ASN B 48 -0.87 -5.44 2.99
CA ASN B 48 -2.15 -5.25 3.66
C ASN B 48 -2.33 -3.79 4.05
N VAL B 49 -1.33 -3.23 4.72
CA VAL B 49 -1.37 -1.83 5.15
C VAL B 49 -1.35 -0.89 3.96
N ALA B 50 -0.48 -1.18 3.00
CA ALA B 50 -0.35 -0.36 1.80
C ALA B 50 -1.66 -0.30 1.03
N MET B 51 -2.30 -1.45 0.88
CA MET B 51 -3.57 -1.55 0.16
C MET B 51 -4.64 -0.69 0.82
N ASP B 52 -4.71 -0.77 2.15
CA ASP B 52 -5.67 0.00 2.92
C ASP B 52 -5.41 1.48 2.76
N CYS B 53 -4.14 1.85 2.81
CA CYS B 53 -3.73 3.24 2.67
C CYS B 53 -4.11 3.79 1.30
N ILE B 54 -3.94 2.97 0.27
CA ILE B 54 -4.28 3.37 -1.09
C ILE B 54 -5.78 3.67 -1.21
N SER B 55 -6.57 2.89 -0.48
CA SER B 55 -8.02 3.06 -0.48
C SER B 55 -8.43 4.43 0.01
N GLU B 56 -7.90 4.83 1.17
CA GLU B 56 -8.23 6.13 1.75
C GLU B 56 -7.55 7.29 1.01
N ALA B 57 -6.55 6.96 0.21
CA ALA B 57 -5.81 7.97 -0.55
C ALA B 57 -6.64 8.49 -1.71
N PHE B 58 -7.28 7.58 -2.44
CA PHE B 58 -8.10 7.96 -3.59
C PHE B 58 -9.53 8.27 -3.18
N GLY B 59 -9.92 7.79 -2.01
CA GLY B 59 -11.27 8.04 -1.51
C GLY B 59 -12.26 6.95 -1.86
N PHE B 60 -11.84 5.70 -1.70
CA PHE B 60 -12.71 4.58 -1.98
C PHE B 60 -12.60 3.52 -0.89
N GLU B 61 -13.67 2.79 -0.65
CA GLU B 61 -13.68 1.76 0.38
C GLU B 61 -13.01 0.48 -0.12
N ARG B 62 -12.26 -0.14 0.76
CA ARG B 62 -11.52 -1.36 0.44
C ARG B 62 -12.48 -2.49 0.09
N GLU B 63 -13.54 -2.66 0.88
CA GLU B 63 -14.51 -3.71 0.64
C GLU B 63 -15.59 -3.28 -0.34
N ALA B 64 -15.33 -2.20 -1.07
CA ALA B 64 -16.26 -1.69 -2.06
C ALA B 64 -15.67 -1.78 -3.46
N VAL B 65 -14.50 -2.41 -3.55
CA VAL B 65 -13.79 -2.58 -4.81
C VAL B 65 -14.64 -3.37 -5.82
N SER B 66 -15.53 -4.20 -5.32
CA SER B 66 -16.41 -5.01 -6.17
C SER B 66 -17.34 -4.11 -6.97
N GLY B 67 -17.91 -3.10 -6.31
CA GLY B 67 -18.82 -2.18 -6.96
C GLY B 67 -18.11 -1.34 -8.01
N ILE B 68 -16.82 -1.16 -7.83
CA ILE B 68 -16.02 -0.38 -8.77
C ILE B 68 -15.69 -1.22 -10.00
N LEU B 69 -15.12 -2.40 -9.77
CA LEU B 69 -14.74 -3.30 -10.85
C LEU B 69 -15.95 -3.76 -11.66
N GLY B 70 -17.06 -3.97 -10.96
CA GLY B 70 -18.28 -4.40 -11.62
C GLY B 70 -18.90 -3.30 -12.47
N LYS B 71 -18.65 -2.06 -12.10
CA LYS B 71 -19.18 -0.91 -12.82
C LYS B 71 -18.27 -0.56 -14.00
N SER B 72 -16.98 -0.46 -13.73
CA SER B 72 -16.00 -0.13 -14.74
C SER B 72 -15.85 -1.26 -15.76
N GLU B 73 -15.15 -0.98 -16.85
CA GLU B 73 -14.94 -1.97 -17.91
C GLU B 73 -14.04 -3.11 -17.45
N PHE B 74 -13.31 -2.89 -16.36
CA PHE B 74 -12.39 -3.88 -15.83
C PHE B 74 -13.12 -4.96 -15.02
N LYS B 75 -14.19 -5.50 -15.59
CA LYS B 75 -14.98 -6.53 -14.93
C LYS B 75 -14.50 -7.92 -15.37
N GLY B 76 -14.13 -8.75 -14.40
CA GLY B 76 -13.68 -10.09 -14.70
C GLY B 76 -12.27 -10.09 -15.26
N GLN B 77 -11.49 -9.10 -14.87
CA GLN B 77 -10.12 -8.97 -15.34
C GLN B 77 -9.22 -8.51 -14.18
N HIS B 78 -7.92 -8.71 -14.33
CA HIS B 78 -6.96 -8.30 -13.30
C HIS B 78 -5.87 -7.45 -13.91
N LEU B 79 -5.11 -6.77 -13.06
CA LEU B 79 -4.04 -5.90 -13.51
C LEU B 79 -2.96 -6.69 -14.26
N ALA B 80 -2.75 -7.94 -13.86
CA ALA B 80 -1.72 -8.78 -14.47
C ALA B 80 -2.06 -9.14 -15.92
N ASP B 81 -3.21 -9.78 -16.12
CA ASP B 81 -3.65 -10.20 -17.45
C ASP B 81 -3.75 -9.03 -18.42
N ILE B 82 -4.40 -7.95 -17.98
CA ILE B 82 -4.56 -6.77 -18.82
C ILE B 82 -3.21 -6.19 -19.24
N LEU B 83 -2.30 -6.04 -18.28
CA LEU B 83 -0.98 -5.48 -18.55
C LEU B 83 -0.19 -6.35 -19.52
N ASN B 84 -0.30 -7.66 -19.37
CA ASN B 84 0.41 -8.59 -20.24
C ASN B 84 -0.14 -8.54 -21.66
N SER B 85 -1.46 -8.44 -21.78
CA SER B 85 -2.09 -8.39 -23.09
C SER B 85 -1.77 -7.09 -23.83
N ALA B 86 -1.76 -5.99 -23.11
CA ALA B 86 -1.47 -4.68 -23.69
C ALA B 86 0.03 -4.44 -23.71
N SER B 87 0.71 -5.06 -24.66
CA SER B 87 2.15 -4.92 -24.78
C SER B 87 2.52 -3.79 -25.76
N ARG B 88 3.69 -3.22 -25.57
CA ARG B 88 4.16 -2.15 -26.43
C ARG B 88 5.60 -2.40 -26.84
N VAL B 89 5.86 -2.38 -28.14
CA VAL B 89 7.21 -2.61 -28.65
C VAL B 89 8.01 -1.31 -28.62
N PRO B 90 9.04 -1.24 -27.76
CA PRO B 90 9.87 -0.05 -27.64
C PRO B 90 10.89 0.06 -28.76
N GLU B 91 10.79 1.13 -29.54
CA GLU B 91 11.71 1.33 -30.64
C GLU B 91 12.95 2.09 -30.18
N SER B 92 14.07 1.38 -30.11
CA SER B 92 15.33 1.97 -29.68
C SER B 92 16.48 1.27 -30.37
N ASN C 2 -12.26 5.68 31.74
CA ASN C 2 -11.40 6.89 31.78
C ASN C 2 -10.00 6.56 31.27
N ALA C 3 -9.04 6.47 32.19
CA ALA C 3 -7.66 6.17 31.85
C ALA C 3 -7.44 4.66 31.81
N ALA C 4 -7.36 4.11 30.61
CA ALA C 4 -7.14 2.68 30.41
C ALA C 4 -7.28 2.31 28.94
N VAL C 5 -6.33 2.79 28.14
CA VAL C 5 -6.34 2.53 26.71
C VAL C 5 -5.60 1.22 26.41
N HIS C 6 -6.36 0.18 26.12
CA HIS C 6 -5.79 -1.13 25.82
C HIS C 6 -5.47 -1.24 24.33
N LEU C 7 -4.20 -1.10 23.99
CA LEU C 7 -3.77 -1.19 22.60
C LEU C 7 -2.94 -2.45 22.36
N THR C 8 -3.10 -3.02 21.17
CA THR C 8 -2.37 -4.21 20.78
C THR C 8 -1.20 -3.84 19.88
N LEU C 9 0.02 -4.09 20.32
CA LEU C 9 1.20 -3.77 19.54
C LEU C 9 1.69 -5.02 18.81
N LYS C 10 1.67 -4.96 17.48
CA LYS C 10 2.11 -6.09 16.67
C LYS C 10 2.98 -5.64 15.51
N LYS C 11 4.18 -6.22 15.41
CA LYS C 11 5.09 -5.89 14.33
C LYS C 11 4.75 -6.76 13.12
N ILE C 12 4.42 -6.12 12.02
CA ILE C 12 4.03 -6.82 10.79
C ILE C 12 5.22 -7.46 10.07
N GLN C 13 6.43 -7.13 10.50
CA GLN C 13 7.63 -7.67 9.88
C GLN C 13 8.53 -8.33 10.92
N ALA C 14 9.27 -9.35 10.50
CA ALA C 14 10.17 -10.10 11.40
C ALA C 14 11.14 -9.19 12.15
N PRO C 15 11.28 -9.40 13.48
CA PRO C 15 10.55 -10.44 14.21
C PRO C 15 9.12 -10.00 14.53
N LYS C 16 8.16 -10.89 14.29
CA LYS C 16 6.76 -10.58 14.54
C LYS C 16 6.37 -10.92 15.98
N PHE C 17 6.05 -9.89 16.75
CA PHE C 17 5.66 -10.06 18.14
C PHE C 17 4.35 -9.35 18.41
N SER C 18 3.58 -9.89 19.35
CA SER C 18 2.31 -9.32 19.73
C SER C 18 2.28 -9.05 21.23
N ILE C 19 2.24 -7.78 21.60
CA ILE C 19 2.22 -7.40 23.01
C ILE C 19 1.08 -6.42 23.29
N GLU C 20 0.46 -6.57 24.44
CA GLU C 20 -0.64 -5.68 24.82
C GLU C 20 -0.32 -4.98 26.13
N HIS C 21 -0.66 -3.70 26.20
CA HIS C 21 -0.42 -2.90 27.39
C HIS C 21 -1.43 -1.77 27.49
N ASP C 22 -1.88 -1.49 28.69
CA ASP C 22 -2.84 -0.43 28.93
C ASP C 22 -2.14 0.90 29.17
N PHE C 23 -2.28 1.81 28.22
CA PHE C 23 -1.66 3.13 28.31
C PHE C 23 -2.70 4.15 28.74
N SER C 24 -2.28 5.37 29.02
CA SER C 24 -3.20 6.41 29.44
C SER C 24 -3.57 7.26 28.23
N PRO C 25 -4.74 7.91 28.23
CA PRO C 25 -5.16 8.77 27.12
C PRO C 25 -4.22 9.97 26.98
N SER C 26 -3.53 10.28 28.07
CA SER C 26 -2.58 11.38 28.12
C SER C 26 -1.23 10.95 27.54
N ASP C 27 -1.09 9.67 27.22
CA ASP C 27 0.15 9.15 26.66
C ASP C 27 0.27 9.55 25.20
N THR C 28 1.50 9.57 24.70
CA THR C 28 1.74 9.93 23.32
C THR C 28 2.31 8.74 22.56
N ILE C 29 2.38 8.85 21.25
CA ILE C 29 2.93 7.79 20.42
C ILE C 29 4.39 7.57 20.78
N LEU C 30 5.05 8.65 21.21
CA LEU C 30 6.45 8.59 21.62
C LEU C 30 6.62 7.61 22.78
N GLN C 31 5.72 7.71 23.76
CA GLN C 31 5.77 6.84 24.93
C GLN C 31 5.59 5.38 24.52
N ILE C 32 4.73 5.14 23.54
CA ILE C 32 4.49 3.79 23.04
C ILE C 32 5.78 3.23 22.44
N LYS C 33 6.49 4.08 21.71
CA LYS C 33 7.75 3.68 21.09
C LYS C 33 8.78 3.38 22.18
N GLN C 34 8.83 4.25 23.18
CA GLN C 34 9.77 4.09 24.29
C GLN C 34 9.53 2.77 25.02
N HIS C 35 8.26 2.39 25.11
CA HIS C 35 7.88 1.15 25.77
C HIS C 35 8.41 -0.05 25.02
N LEU C 36 8.52 0.06 23.71
CA LEU C 36 9.03 -1.04 22.89
C LEU C 36 10.50 -1.28 23.22
N ILE C 37 11.18 -0.23 23.64
CA ILE C 37 12.58 -0.32 24.01
C ILE C 37 12.71 -1.05 25.35
N SER C 38 11.82 -0.72 26.28
CA SER C 38 11.82 -1.35 27.60
C SER C 38 11.55 -2.85 27.49
N GLU C 39 10.80 -3.23 26.45
CA GLU C 39 10.48 -4.63 26.22
C GLU C 39 11.59 -5.32 25.43
N GLU C 40 12.60 -4.54 25.03
CA GLU C 40 13.74 -5.06 24.26
C GLU C 40 13.29 -5.54 22.88
N LYS C 41 12.35 -4.83 22.30
CA LYS C 41 11.82 -5.17 20.97
C LYS C 41 12.33 -4.21 19.91
N ALA C 42 12.93 -3.11 20.35
CA ALA C 42 13.47 -2.10 19.44
C ALA C 42 14.65 -1.39 20.07
N SER C 43 15.51 -0.82 19.22
CA SER C 43 16.68 -0.11 19.69
C SER C 43 16.34 1.32 20.12
N HIS C 44 16.22 2.24 19.18
CA HIS C 44 15.88 3.63 19.49
C HIS C 44 14.56 4.04 18.86
N ILE C 45 14.10 5.24 19.21
CA ILE C 45 12.83 5.78 18.71
C ILE C 45 12.89 6.01 17.20
N SER C 46 14.06 6.39 16.72
CA SER C 46 14.27 6.69 15.31
C SER C 46 13.96 5.49 14.41
N GLU C 47 14.18 4.29 14.92
CA GLU C 47 13.94 3.07 14.15
C GLU C 47 12.52 2.56 14.32
N ILE C 48 11.76 3.19 15.19
CA ILE C 48 10.40 2.75 15.44
C ILE C 48 9.38 3.47 14.58
N LYS C 49 8.95 2.81 13.51
CA LYS C 49 7.95 3.37 12.61
C LYS C 49 6.59 2.78 12.97
N LEU C 50 5.66 3.62 13.38
CA LEU C 50 4.33 3.17 13.77
C LEU C 50 3.28 3.65 12.78
N LEU C 51 2.29 2.81 12.54
CA LEU C 51 1.20 3.13 11.63
C LEU C 51 -0.13 2.74 12.24
N LEU C 52 -1.21 3.25 11.67
CA LEU C 52 -2.55 2.94 12.13
C LEU C 52 -3.45 2.69 10.93
N LYS C 53 -3.52 1.42 10.50
CA LYS C 53 -4.33 1.00 9.36
C LYS C 53 -3.73 1.42 8.03
N GLY C 54 -3.39 2.71 7.92
CA GLY C 54 -2.80 3.22 6.69
C GLY C 54 -1.92 4.42 6.93
N LYS C 55 -2.36 5.31 7.80
CA LYS C 55 -1.59 6.51 8.11
C LYS C 55 -0.50 6.22 9.14
N VAL C 56 0.54 7.04 9.16
CA VAL C 56 1.63 6.87 10.10
C VAL C 56 1.33 7.57 11.42
N LEU C 57 1.87 7.02 12.50
CA LEU C 57 1.65 7.59 13.82
C LEU C 57 2.82 8.50 14.21
N HIS C 58 2.51 9.76 14.46
CA HIS C 58 3.52 10.73 14.83
C HIS C 58 3.73 10.73 16.34
N ASP C 59 4.98 10.81 16.76
CA ASP C 59 5.35 10.79 18.18
C ASP C 59 4.57 11.79 19.01
N ASN C 60 4.38 12.99 18.48
CA ASN C 60 3.69 14.07 19.20
C ASN C 60 2.17 13.88 19.24
N LEU C 61 1.69 12.77 18.73
CA LEU C 61 0.25 12.52 18.72
C LEU C 61 -0.20 11.88 20.03
N PHE C 62 -1.29 12.38 20.57
CA PHE C 62 -1.85 11.86 21.81
C PHE C 62 -2.80 10.72 21.53
N LEU C 63 -2.94 9.81 22.48
CA LEU C 63 -3.82 8.66 22.32
C LEU C 63 -5.30 9.05 22.20
N SER C 64 -5.64 10.25 22.67
CA SER C 64 -7.00 10.74 22.61
C SER C 64 -7.46 11.01 21.18
N ASP C 65 -6.51 11.15 20.26
CA ASP C 65 -6.83 11.42 18.87
C ASP C 65 -6.91 10.15 18.04
N LEU C 66 -6.31 9.07 18.56
CA LEU C 66 -6.28 7.78 17.87
C LEU C 66 -7.67 7.32 17.45
N LYS C 67 -7.83 7.05 16.16
CA LYS C 67 -9.10 6.60 15.61
C LYS C 67 -9.24 5.09 15.82
N VAL C 68 -9.26 4.68 17.08
CA VAL C 68 -9.39 3.27 17.43
C VAL C 68 -10.79 2.93 17.92
N THR C 69 -11.39 1.93 17.30
CA THR C 69 -12.72 1.48 17.68
C THR C 69 -12.61 0.04 18.19
N PRO C 70 -13.71 -0.55 18.69
CA PRO C 70 -13.69 -1.94 19.18
C PRO C 70 -13.27 -2.92 18.09
N ALA C 71 -13.35 -2.48 16.84
CA ALA C 71 -12.97 -3.31 15.70
C ALA C 71 -11.48 -3.16 15.36
N ASN C 72 -10.91 -2.00 15.67
CA ASN C 72 -9.49 -1.75 15.40
C ASN C 72 -8.76 -1.19 16.61
N SER C 73 -8.12 -2.07 17.36
CA SER C 73 -7.36 -1.66 18.54
C SER C 73 -5.91 -2.08 18.39
N THR C 74 -5.56 -2.57 17.22
CA THR C 74 -4.22 -3.03 16.92
C THR C 74 -3.38 -1.93 16.29
N ILE C 75 -2.20 -1.71 16.84
CA ILE C 75 -1.28 -0.72 16.33
C ILE C 75 -0.31 -1.38 15.37
N THR C 76 -0.15 -0.78 14.19
CA THR C 76 0.75 -1.32 13.18
C THR C 76 2.19 -0.95 13.46
N VAL C 77 2.95 -1.91 13.98
CA VAL C 77 4.36 -1.68 14.29
C VAL C 77 5.24 -2.09 13.11
N MET C 78 5.94 -1.14 12.54
CA MET C 78 6.81 -1.40 11.39
C MET C 78 8.22 -0.91 11.66
N ILE C 79 8.84 -1.44 12.71
CA ILE C 79 10.21 -1.07 13.08
C ILE C 79 11.17 -1.31 11.92
N LYS C 80 11.97 -0.29 11.62
CA LYS C 80 12.93 -0.37 10.52
C LYS C 80 14.36 -0.28 11.06
N PRO C 81 15.28 -1.07 10.49
CA PRO C 81 16.68 -1.06 10.91
C PRO C 81 17.41 0.16 10.35
N ASN C 82 17.21 1.31 11.01
CA ASN C 82 17.82 2.59 10.63
C ASN C 82 17.05 3.27 9.50
N MET A 14 3.53 -7.13 -20.38
CA MET A 14 4.19 -7.09 -21.70
C MET A 14 5.11 -8.28 -21.88
N MET A 15 5.96 -8.53 -20.89
CA MET A 15 6.88 -9.64 -20.94
C MET A 15 6.19 -10.94 -20.54
N SER A 16 5.86 -11.06 -19.27
CA SER A 16 5.18 -12.24 -18.76
C SER A 16 4.38 -11.92 -17.51
N ALA A 17 4.04 -10.64 -17.37
CA ALA A 17 3.29 -10.16 -16.19
C ALA A 17 4.06 -10.49 -14.93
N SER A 18 5.37 -10.27 -15.00
CA SER A 18 6.27 -10.54 -13.89
C SER A 18 5.86 -9.75 -12.64
N LYS A 19 6.20 -10.28 -11.48
CA LYS A 19 5.86 -9.64 -10.21
C LYS A 19 6.39 -8.20 -10.16
N GLU A 20 7.65 -8.03 -10.54
CA GLU A 20 8.27 -6.70 -10.55
C GLU A 20 7.78 -5.88 -11.74
N GLU A 21 7.44 -6.57 -12.82
CA GLU A 21 6.95 -5.92 -14.03
C GLU A 21 5.70 -5.12 -13.71
N ILE A 22 4.86 -5.67 -12.86
CA ILE A 22 3.63 -5.02 -12.46
C ILE A 22 3.87 -4.11 -11.25
N ALA A 23 4.64 -4.58 -10.28
CA ALA A 23 4.95 -3.81 -9.08
C ALA A 23 5.56 -2.45 -9.41
N ALA A 24 6.48 -2.43 -10.37
CA ALA A 24 7.14 -1.21 -10.77
C ALA A 24 6.15 -0.18 -11.26
N LEU A 25 5.15 -0.63 -12.01
CA LEU A 25 4.13 0.26 -12.54
C LEU A 25 3.21 0.78 -11.44
N ILE A 26 2.97 -0.07 -10.45
CA ILE A 26 2.11 0.30 -9.32
C ILE A 26 2.75 1.42 -8.50
N VAL A 27 3.99 1.22 -8.09
CA VAL A 27 4.69 2.23 -7.30
C VAL A 27 4.95 3.48 -8.12
N ASN A 28 5.17 3.31 -9.42
CA ASN A 28 5.40 4.43 -10.32
C ASN A 28 4.16 5.32 -10.38
N TYR A 29 2.99 4.67 -10.34
CA TYR A 29 1.72 5.37 -10.36
C TYR A 29 1.57 6.22 -9.11
N PHE A 30 1.80 5.60 -7.95
CA PHE A 30 1.70 6.29 -6.67
C PHE A 30 2.67 7.46 -6.59
N SER A 31 3.90 7.22 -7.01
CA SER A 31 4.94 8.26 -6.99
C SER A 31 4.53 9.46 -7.83
N SER A 32 3.92 9.20 -8.99
CA SER A 32 3.49 10.26 -9.88
C SER A 32 2.34 11.07 -9.27
N ILE A 33 1.47 10.40 -8.53
CA ILE A 33 0.34 11.06 -7.89
C ILE A 33 0.79 12.14 -6.92
N VAL A 34 1.77 11.82 -6.09
CA VAL A 34 2.28 12.79 -5.11
C VAL A 34 3.15 13.85 -5.76
N GLU A 35 3.79 13.50 -6.87
CA GLU A 35 4.64 14.44 -7.60
C GLU A 35 3.84 15.65 -8.10
N LYS A 36 2.66 15.38 -8.64
CA LYS A 36 1.79 16.45 -9.13
C LYS A 36 0.79 16.87 -8.07
N LYS A 37 0.95 16.32 -6.88
CA LYS A 37 0.08 16.61 -5.74
C LYS A 37 -1.40 16.47 -6.07
N GLU A 38 -1.78 15.31 -6.57
CA GLU A 38 -3.17 15.05 -6.92
C GLU A 38 -3.94 14.52 -5.72
N ILE A 39 -3.24 13.83 -4.84
CA ILE A 39 -3.85 13.26 -3.64
C ILE A 39 -3.88 14.29 -2.51
N SER A 40 -4.69 14.03 -1.49
CA SER A 40 -4.81 14.94 -0.36
C SER A 40 -3.58 14.88 0.53
N GLU A 41 -3.46 15.87 1.42
CA GLU A 41 -2.34 15.94 2.34
C GLU A 41 -2.32 14.74 3.27
N ASP A 42 -3.52 14.28 3.64
CA ASP A 42 -3.65 13.14 4.54
C ASP A 42 -3.35 11.84 3.81
N GLY A 43 -3.65 11.81 2.51
CA GLY A 43 -3.42 10.63 1.71
C GLY A 43 -1.95 10.42 1.37
N ALA A 44 -1.14 11.45 1.57
CA ALA A 44 0.29 11.37 1.30
C ALA A 44 0.94 10.32 2.20
N ASP A 45 0.53 10.31 3.46
CA ASP A 45 1.05 9.36 4.44
C ASP A 45 0.71 7.93 4.01
N SER A 46 -0.51 7.76 3.51
CA SER A 46 -0.99 6.46 3.07
C SER A 46 -0.17 5.92 1.91
N LEU A 47 0.13 6.78 0.94
CA LEU A 47 0.91 6.38 -0.21
C LEU A 47 2.34 6.03 0.19
N ASN A 48 2.87 6.76 1.17
CA ASN A 48 4.23 6.54 1.65
C ASN A 48 4.38 5.12 2.20
N VAL A 49 3.49 4.75 3.11
CA VAL A 49 3.54 3.42 3.71
C VAL A 49 3.19 2.31 2.73
N ALA A 50 2.18 2.56 1.89
CA ALA A 50 1.76 1.56 0.91
C ALA A 50 2.92 1.20 -0.01
N MET A 51 3.60 2.22 -0.53
CA MET A 51 4.74 2.02 -1.42
C MET A 51 5.87 1.31 -0.68
N ASP A 52 6.07 1.71 0.58
CA ASP A 52 7.12 1.13 1.41
C ASP A 52 6.88 -0.37 1.64
N CYS A 53 5.67 -0.72 2.04
CA CYS A 53 5.31 -2.12 2.30
C CYS A 53 5.36 -2.95 1.01
N ILE A 54 4.92 -2.36 -0.10
CA ILE A 54 4.93 -3.07 -1.38
C ILE A 54 6.36 -3.43 -1.78
N SER A 55 7.28 -2.54 -1.46
CA SER A 55 8.68 -2.75 -1.78
C SER A 55 9.24 -4.02 -1.12
N GLU A 56 9.08 -4.11 0.20
CA GLU A 56 9.59 -5.28 0.93
C GLU A 56 8.78 -6.54 0.62
N ALA A 57 7.51 -6.35 0.25
CA ALA A 57 6.64 -7.46 -0.07
C ALA A 57 7.09 -8.18 -1.34
N PHE A 58 7.36 -7.41 -2.39
CA PHE A 58 7.80 -7.99 -3.66
C PHE A 58 9.29 -8.26 -3.67
N GLY A 59 10.01 -7.70 -2.69
CA GLY A 59 11.43 -7.92 -2.60
C GLY A 59 12.23 -7.01 -3.52
N PHE A 60 11.88 -5.73 -3.52
CA PHE A 60 12.57 -4.76 -4.35
C PHE A 60 12.65 -3.42 -3.63
N GLU A 61 13.77 -2.74 -3.76
CA GLU A 61 13.94 -1.44 -3.14
C GLU A 61 13.12 -0.40 -3.87
N ARG A 62 12.60 0.57 -3.13
CA ARG A 62 11.78 1.63 -3.70
C ARG A 62 12.55 2.37 -4.79
N GLU A 63 13.81 2.67 -4.51
CA GLU A 63 14.67 3.38 -5.43
C GLU A 63 15.15 2.47 -6.57
N ALA A 64 14.79 1.20 -6.51
CA ALA A 64 15.20 0.24 -7.53
C ALA A 64 14.17 0.17 -8.66
N VAL A 65 13.10 0.96 -8.53
CA VAL A 65 12.06 1.00 -9.55
C VAL A 65 12.61 1.47 -10.90
N SER A 66 13.61 2.35 -10.84
CA SER A 66 14.24 2.88 -12.04
C SER A 66 14.95 1.77 -12.82
N GLY A 67 15.59 0.87 -12.08
CA GLY A 67 16.30 -0.24 -12.71
C GLY A 67 15.34 -1.24 -13.32
N ILE A 68 14.25 -1.53 -12.62
CA ILE A 68 13.25 -2.46 -13.10
C ILE A 68 12.62 -1.94 -14.39
N LEU A 69 12.26 -0.67 -14.40
CA LEU A 69 11.66 -0.05 -15.57
C LEU A 69 12.67 0.09 -16.71
N GLY A 70 13.94 0.11 -16.36
CA GLY A 70 14.99 0.24 -17.35
C GLY A 70 15.18 -1.02 -18.16
N LYS A 71 15.00 -2.18 -17.54
CA LYS A 71 15.17 -3.45 -18.23
C LYS A 71 13.87 -3.96 -18.84
N SER A 72 12.74 -3.56 -18.25
CA SER A 72 11.44 -3.99 -18.74
C SER A 72 10.93 -3.04 -19.82
N GLU A 73 10.20 -3.57 -20.78
CA GLU A 73 9.65 -2.76 -21.86
C GLU A 73 8.43 -1.96 -21.41
N PHE A 74 8.63 -1.19 -20.35
CA PHE A 74 7.58 -0.34 -19.79
C PHE A 74 8.18 1.00 -19.38
N LYS A 75 9.41 1.21 -19.82
CA LYS A 75 10.14 2.44 -19.53
C LYS A 75 9.46 3.65 -20.14
N GLY A 76 9.31 4.69 -19.34
CA GLY A 76 8.68 5.91 -19.82
C GLY A 76 7.17 5.81 -19.84
N GLN A 77 6.62 4.86 -19.11
CA GLN A 77 5.18 4.67 -19.06
C GLN A 77 4.69 4.51 -17.62
N HIS A 78 3.48 4.95 -17.37
CA HIS A 78 2.88 4.83 -16.04
C HIS A 78 1.67 3.91 -16.12
N LEU A 79 1.24 3.42 -14.97
CA LEU A 79 0.10 2.50 -14.90
C LEU A 79 -1.17 3.07 -15.55
N ALA A 80 -1.42 4.35 -15.35
CA ALA A 80 -2.60 5.01 -15.90
C ALA A 80 -2.57 5.06 -17.42
N ASP A 81 -1.42 5.43 -17.98
CA ASP A 81 -1.27 5.55 -19.43
C ASP A 81 -1.57 4.23 -20.12
N ILE A 82 -0.88 3.19 -19.66
CA ILE A 82 -1.03 1.85 -20.22
C ILE A 82 -2.45 1.31 -20.07
N LEU A 83 -3.01 1.44 -18.87
CA LEU A 83 -4.35 0.95 -18.57
C LEU A 83 -5.42 1.59 -19.45
N ASN A 84 -5.33 2.90 -19.63
CA ASN A 84 -6.31 3.60 -20.45
C ASN A 84 -6.14 3.28 -21.94
N SER A 85 -4.91 2.96 -22.33
CA SER A 85 -4.61 2.62 -23.71
C SER A 85 -5.11 1.22 -24.05
N ALA A 86 -4.87 0.28 -23.15
CA ALA A 86 -5.29 -1.10 -23.37
C ALA A 86 -6.53 -1.42 -22.53
N SER A 87 -7.68 -1.24 -23.12
CA SER A 87 -8.93 -1.50 -22.43
C SER A 87 -9.74 -2.58 -23.17
N ARG A 88 -10.86 -2.98 -22.60
CA ARG A 88 -11.72 -4.00 -23.21
C ARG A 88 -13.17 -3.57 -23.18
N VAL A 89 -13.97 -4.19 -24.05
CA VAL A 89 -15.39 -3.89 -24.12
C VAL A 89 -16.20 -5.03 -23.52
N PRO A 90 -16.97 -4.75 -22.45
CA PRO A 90 -17.79 -5.75 -21.76
C PRO A 90 -19.04 -6.12 -22.57
N GLU A 91 -18.92 -7.15 -23.40
CA GLU A 91 -20.03 -7.60 -24.21
C GLU A 91 -20.90 -8.60 -23.43
N SER A 92 -22.14 -8.21 -23.18
CA SER A 92 -23.09 -9.05 -22.48
C SER A 92 -24.52 -8.73 -22.91
N MET B 14 -10.52 3.08 -21.66
CA MET B 14 -11.45 3.44 -22.76
C MET B 14 -12.26 4.69 -22.42
N MET B 15 -12.96 4.65 -21.29
CA MET B 15 -13.76 5.79 -20.85
C MET B 15 -13.03 6.62 -19.80
N SER B 16 -11.75 6.86 -20.04
CA SER B 16 -10.91 7.64 -19.12
C SER B 16 -10.78 6.93 -17.77
N ALA B 17 -9.76 6.09 -17.64
CA ALA B 17 -9.51 5.36 -16.41
C ALA B 17 -9.30 6.30 -15.23
N SER B 18 -10.28 6.34 -14.33
CA SER B 18 -10.20 7.19 -13.16
C SER B 18 -9.29 6.61 -12.08
N LYS B 19 -8.85 7.45 -11.15
CA LYS B 19 -7.96 7.04 -10.07
C LYS B 19 -8.50 5.84 -9.30
N GLU B 20 -9.76 5.94 -8.88
CA GLU B 20 -10.41 4.88 -8.11
C GLU B 20 -10.55 3.59 -8.93
N GLU B 21 -10.78 3.75 -10.22
CA GLU B 21 -10.94 2.60 -11.11
C GLU B 21 -9.61 1.87 -11.28
N ILE B 22 -8.53 2.63 -11.37
CA ILE B 22 -7.20 2.06 -11.50
C ILE B 22 -6.82 1.39 -10.18
N ALA B 23 -7.12 2.06 -9.07
CA ALA B 23 -6.83 1.54 -7.74
C ALA B 23 -7.56 0.23 -7.49
N ALA B 24 -8.76 0.11 -8.06
CA ALA B 24 -9.57 -1.10 -7.91
C ALA B 24 -8.83 -2.31 -8.46
N LEU B 25 -8.14 -2.12 -9.59
CA LEU B 25 -7.39 -3.20 -10.20
C LEU B 25 -6.12 -3.49 -9.39
N ILE B 26 -5.58 -2.44 -8.78
CA ILE B 26 -4.38 -2.57 -7.96
C ILE B 26 -4.67 -3.47 -6.76
N VAL B 27 -5.74 -3.15 -6.02
CA VAL B 27 -6.11 -3.95 -4.85
C VAL B 27 -6.58 -5.35 -5.29
N ASN B 28 -7.22 -5.42 -6.45
CA ASN B 28 -7.69 -6.69 -6.99
C ASN B 28 -6.50 -7.61 -7.23
N TYR B 29 -5.41 -7.03 -7.74
CA TYR B 29 -4.20 -7.77 -8.01
C TYR B 29 -3.64 -8.36 -6.72
N PHE B 30 -3.52 -7.53 -5.68
CA PHE B 30 -3.02 -7.98 -4.40
C PHE B 30 -3.94 -9.02 -3.78
N SER B 31 -5.25 -8.80 -3.91
CA SER B 31 -6.24 -9.73 -3.37
C SER B 31 -6.11 -11.09 -4.07
N SER B 32 -5.83 -11.05 -5.37
CA SER B 32 -5.68 -12.27 -6.14
C SER B 32 -4.40 -13.01 -5.74
N ILE B 33 -3.47 -12.28 -5.11
CA ILE B 33 -2.22 -12.87 -4.66
C ILE B 33 -2.39 -13.52 -3.30
N VAL B 34 -3.08 -12.84 -2.40
CA VAL B 34 -3.29 -13.34 -1.04
C VAL B 34 -4.27 -14.52 -0.98
N GLU B 35 -5.27 -14.51 -1.87
CA GLU B 35 -6.27 -15.59 -1.88
C GLU B 35 -5.65 -16.96 -2.17
N LYS B 36 -4.74 -17.01 -3.12
CA LYS B 36 -4.08 -18.27 -3.45
C LYS B 36 -2.68 -18.34 -2.84
N LYS B 37 -2.41 -17.37 -1.96
CA LYS B 37 -1.13 -17.27 -1.26
C LYS B 37 0.08 -17.40 -2.18
N GLU B 38 0.28 -16.39 -3.01
CA GLU B 38 1.42 -16.36 -3.93
C GLU B 38 2.62 -15.72 -3.24
N ILE B 39 2.35 -15.11 -2.10
CA ILE B 39 3.37 -14.43 -1.32
C ILE B 39 3.47 -15.05 0.07
N SER B 40 4.56 -14.78 0.76
CA SER B 40 4.78 -15.30 2.09
C SER B 40 3.90 -14.56 3.12
N GLU B 41 3.72 -15.18 4.29
CA GLU B 41 2.90 -14.60 5.34
C GLU B 41 3.40 -13.22 5.78
N ASP B 42 4.69 -12.98 5.62
CA ASP B 42 5.28 -11.69 5.97
C ASP B 42 4.71 -10.60 5.09
N GLY B 43 4.94 -10.71 3.79
CA GLY B 43 4.42 -9.74 2.84
C GLY B 43 2.91 -9.67 2.85
N ALA B 44 2.28 -10.81 3.14
CA ALA B 44 0.82 -10.88 3.20
C ALA B 44 0.29 -9.97 4.31
N ASP B 45 1.00 -9.94 5.43
CA ASP B 45 0.62 -9.10 6.56
C ASP B 45 0.73 -7.64 6.16
N SER B 46 1.80 -7.31 5.46
CA SER B 46 2.04 -5.96 5.00
C SER B 46 0.96 -5.52 4.01
N LEU B 47 0.67 -6.38 3.03
CA LEU B 47 -0.34 -6.09 2.03
C LEU B 47 -1.74 -5.98 2.65
N ASN B 48 -1.95 -6.76 3.71
CA ASN B 48 -3.23 -6.77 4.42
C ASN B 48 -3.62 -5.36 4.87
N VAL B 49 -2.68 -4.66 5.49
CA VAL B 49 -2.92 -3.31 5.96
C VAL B 49 -2.72 -2.28 4.84
N ALA B 50 -1.74 -2.54 3.97
CA ALA B 50 -1.42 -1.64 2.85
C ALA B 50 -2.61 -1.47 1.92
N MET B 51 -3.34 -2.55 1.65
CA MET B 51 -4.50 -2.49 0.76
C MET B 51 -5.56 -1.57 1.32
N ASP B 52 -5.74 -1.62 2.63
CA ASP B 52 -6.75 -0.79 3.30
C ASP B 52 -6.38 0.69 3.20
N CYS B 53 -5.08 0.97 3.17
CA CYS B 53 -4.59 2.34 3.08
C CYS B 53 -4.97 2.95 1.74
N ILE B 54 -4.99 2.12 0.71
CA ILE B 54 -5.33 2.58 -0.63
C ILE B 54 -6.81 2.97 -0.72
N SER B 55 -7.67 2.14 -0.16
CA SER B 55 -9.11 2.38 -0.18
C SER B 55 -9.50 3.73 0.43
N GLU B 56 -9.01 3.98 1.64
CA GLU B 56 -9.31 5.21 2.36
C GLU B 56 -8.68 6.44 1.70
N ALA B 57 -7.51 6.24 1.09
CA ALA B 57 -6.81 7.34 0.44
C ALA B 57 -7.51 7.79 -0.85
N PHE B 58 -7.77 6.83 -1.74
CA PHE B 58 -8.43 7.14 -3.00
C PHE B 58 -9.90 7.49 -2.81
N GLY B 59 -10.56 6.79 -1.90
CA GLY B 59 -11.95 7.06 -1.64
C GLY B 59 -12.86 5.99 -2.18
N PHE B 60 -12.67 4.77 -1.71
CA PHE B 60 -13.49 3.64 -2.13
C PHE B 60 -13.46 2.56 -1.05
N GLU B 61 -14.51 1.77 -0.97
CA GLU B 61 -14.58 0.70 0.01
C GLU B 61 -13.73 -0.49 -0.40
N ARG B 62 -12.94 -0.98 0.54
CA ARG B 62 -12.06 -2.11 0.31
C ARG B 62 -12.87 -3.40 0.18
N GLU B 63 -13.98 -3.48 0.91
CA GLU B 63 -14.82 -4.66 0.87
C GLU B 63 -15.91 -4.53 -0.20
N ALA B 64 -15.88 -3.43 -0.94
CA ALA B 64 -16.85 -3.20 -1.99
C ALA B 64 -16.14 -2.99 -3.33
N VAL B 65 -14.96 -3.58 -3.47
CA VAL B 65 -14.17 -3.45 -4.68
C VAL B 65 -14.86 -4.14 -5.86
N SER B 66 -15.64 -5.18 -5.55
CA SER B 66 -16.36 -5.92 -6.57
C SER B 66 -17.38 -5.01 -7.27
N GLY B 67 -17.96 -4.10 -6.51
CA GLY B 67 -18.94 -3.18 -7.07
C GLY B 67 -18.28 -2.18 -8.00
N ILE B 68 -17.02 -1.84 -7.73
CA ILE B 68 -16.29 -0.90 -8.55
C ILE B 68 -15.94 -1.54 -9.89
N LEU B 69 -15.44 -2.77 -9.83
CA LEU B 69 -15.08 -3.50 -11.04
C LEU B 69 -16.33 -3.76 -11.88
N GLY B 70 -17.44 -4.03 -11.21
CA GLY B 70 -18.68 -4.28 -11.91
C GLY B 70 -19.29 -3.01 -12.48
N LYS B 71 -18.86 -1.88 -11.97
CA LYS B 71 -19.35 -0.58 -12.42
C LYS B 71 -18.50 -0.07 -13.58
N SER B 72 -17.19 -0.13 -13.42
CA SER B 72 -16.25 0.34 -14.43
C SER B 72 -16.17 -0.61 -15.63
N GLU B 73 -15.37 -0.21 -16.62
CA GLU B 73 -15.19 -1.01 -17.83
C GLU B 73 -14.31 -2.22 -17.57
N PHE B 74 -13.45 -2.11 -16.56
CA PHE B 74 -12.55 -3.19 -16.22
C PHE B 74 -13.19 -4.17 -15.24
N LYS B 75 -13.72 -5.26 -15.78
CA LYS B 75 -14.36 -6.29 -14.97
C LYS B 75 -13.88 -7.67 -15.40
N GLY B 76 -13.65 -8.54 -14.43
CA GLY B 76 -13.16 -9.88 -14.72
C GLY B 76 -11.67 -9.90 -15.00
N GLN B 77 -11.22 -8.98 -15.84
CA GLN B 77 -9.81 -8.87 -16.19
C GLN B 77 -9.02 -8.35 -15.01
N HIS B 78 -7.95 -9.04 -14.66
CA HIS B 78 -7.11 -8.64 -13.54
C HIS B 78 -6.06 -7.66 -14.04
N LEU B 79 -5.44 -6.92 -13.12
CA LEU B 79 -4.42 -5.94 -13.49
C LEU B 79 -3.27 -6.60 -14.25
N ALA B 80 -2.90 -7.80 -13.83
CA ALA B 80 -1.81 -8.54 -14.46
C ALA B 80 -2.17 -8.95 -15.88
N ASP B 81 -3.42 -9.37 -16.09
CA ASP B 81 -3.89 -9.80 -17.39
C ASP B 81 -3.78 -8.66 -18.40
N ILE B 82 -4.32 -7.51 -18.03
CA ILE B 82 -4.29 -6.33 -18.89
C ILE B 82 -2.86 -5.88 -19.16
N LEU B 83 -2.07 -5.77 -18.10
CA LEU B 83 -0.68 -5.34 -18.21
C LEU B 83 0.15 -6.30 -19.07
N ASN B 84 -0.22 -7.57 -19.07
CA ASN B 84 0.49 -8.56 -19.87
C ASN B 84 0.09 -8.45 -21.33
N SER B 85 -1.20 -8.24 -21.56
CA SER B 85 -1.72 -8.12 -22.92
C SER B 85 -1.19 -6.85 -23.59
N ALA B 86 -1.09 -5.79 -22.79
CA ALA B 86 -0.59 -4.51 -23.28
C ALA B 86 0.86 -4.63 -23.73
N SER B 87 1.09 -4.50 -25.02
CA SER B 87 2.41 -4.61 -25.59
C SER B 87 2.99 -3.22 -25.87
N ARG B 88 3.85 -2.76 -24.97
CA ARG B 88 4.49 -1.46 -25.13
C ARG B 88 5.90 -1.63 -25.65
N VAL B 89 6.18 -1.00 -26.78
CA VAL B 89 7.50 -1.08 -27.38
C VAL B 89 8.10 0.32 -27.50
N PRO B 90 8.90 0.72 -26.50
CA PRO B 90 9.54 2.04 -26.49
C PRO B 90 10.65 2.11 -27.54
N GLU B 91 10.44 2.95 -28.55
CA GLU B 91 11.41 3.13 -29.61
C GLU B 91 12.70 3.73 -29.04
N SER B 92 13.74 2.91 -28.96
CA SER B 92 15.01 3.36 -28.43
C SER B 92 16.06 3.40 -29.54
N ASN C 2 -11.90 7.84 31.32
CA ASN C 2 -10.75 8.71 31.61
C ASN C 2 -9.54 8.27 30.80
N ALA C 3 -8.38 8.21 31.45
CA ALA C 3 -7.17 7.79 30.78
C ALA C 3 -7.15 6.28 30.63
N ALA C 4 -6.95 5.81 29.40
CA ALA C 4 -6.91 4.37 29.13
C ALA C 4 -7.06 4.10 27.65
N VAL C 5 -6.02 4.42 26.89
CA VAL C 5 -6.03 4.19 25.46
C VAL C 5 -5.40 2.84 25.14
N HIS C 6 -6.24 1.83 24.97
CA HIS C 6 -5.78 0.48 24.68
C HIS C 6 -5.31 0.37 23.24
N LEU C 7 -4.02 0.15 23.06
CA LEU C 7 -3.44 0.02 21.74
C LEU C 7 -2.78 -1.34 21.56
N THR C 8 -3.00 -1.95 20.39
CA THR C 8 -2.42 -3.24 20.08
C THR C 8 -1.29 -3.05 19.06
N LEU C 9 -0.07 -3.31 19.48
CA LEU C 9 1.08 -3.15 18.61
C LEU C 9 1.42 -4.46 17.91
N LYS C 10 1.45 -4.41 16.58
CA LYS C 10 1.76 -5.59 15.78
C LYS C 10 2.68 -5.25 14.61
N LYS C 11 3.80 -5.94 14.52
CA LYS C 11 4.73 -5.71 13.43
C LYS C 11 4.41 -6.65 12.28
N ILE C 12 4.08 -6.07 11.13
CA ILE C 12 3.73 -6.86 9.95
C ILE C 12 4.91 -7.60 9.36
N GLN C 13 6.06 -6.95 9.32
CA GLN C 13 7.27 -7.57 8.77
C GLN C 13 8.01 -8.35 9.85
N ALA C 14 8.78 -9.35 9.42
CA ALA C 14 9.54 -10.18 10.35
C ALA C 14 10.67 -9.39 10.99
N PRO C 15 10.94 -9.63 12.30
CA PRO C 15 10.18 -10.60 13.10
C PRO C 15 8.84 -10.04 13.54
N LYS C 16 7.82 -10.88 13.55
CA LYS C 16 6.49 -10.46 13.93
C LYS C 16 6.28 -10.57 15.44
N PHE C 17 5.68 -9.55 16.02
CA PHE C 17 5.39 -9.52 17.45
C PHE C 17 4.09 -8.78 17.70
N SER C 18 3.35 -9.21 18.72
CA SER C 18 2.09 -8.59 19.07
C SER C 18 2.05 -8.32 20.57
N ILE C 19 1.95 -7.05 20.94
CA ILE C 19 1.88 -6.65 22.35
C ILE C 19 0.82 -5.58 22.54
N GLU C 20 0.17 -5.60 23.69
CA GLU C 20 -0.88 -4.62 23.97
C GLU C 20 -0.59 -3.84 25.24
N HIS C 21 -0.93 -2.56 25.25
CA HIS C 21 -0.72 -1.71 26.41
C HIS C 21 -1.66 -0.53 26.36
N ASP C 22 -2.18 -0.14 27.51
CA ASP C 22 -3.08 1.00 27.61
C ASP C 22 -2.29 2.23 27.96
N PHE C 23 -2.23 3.18 27.05
CA PHE C 23 -1.47 4.42 27.27
C PHE C 23 -2.40 5.56 27.67
N SER C 24 -1.85 6.74 27.87
CA SER C 24 -2.63 7.90 28.27
C SER C 24 -2.93 8.79 27.06
N PRO C 25 -4.09 9.48 27.04
CA PRO C 25 -4.47 10.37 25.93
C PRO C 25 -3.53 11.56 25.80
N SER C 26 -2.79 11.82 26.87
CA SER C 26 -1.85 12.92 26.92
C SER C 26 -0.47 12.49 26.41
N ASP C 27 -0.37 11.24 25.98
CA ASP C 27 0.89 10.71 25.47
C ASP C 27 0.94 10.81 23.95
N THR C 28 2.15 10.82 23.41
CA THR C 28 2.33 10.91 21.97
C THR C 28 2.87 9.61 21.41
N ILE C 29 3.08 9.56 20.10
CA ILE C 29 3.59 8.36 19.45
C ILE C 29 5.01 8.07 19.92
N LEU C 30 5.72 9.12 20.32
CA LEU C 30 7.09 8.98 20.80
C LEU C 30 7.15 8.06 22.01
N GLN C 31 6.16 8.16 22.88
CA GLN C 31 6.10 7.33 24.09
C GLN C 31 5.98 5.86 23.71
N ILE C 32 5.19 5.59 22.68
CA ILE C 32 4.98 4.23 22.21
C ILE C 32 6.28 3.65 21.66
N LYS C 33 7.00 4.47 20.90
CA LYS C 33 8.27 4.04 20.31
C LYS C 33 9.28 3.72 21.40
N GLN C 34 9.37 4.58 22.40
CA GLN C 34 10.28 4.38 23.52
C GLN C 34 9.90 3.12 24.29
N HIS C 35 8.60 2.88 24.40
CA HIS C 35 8.09 1.71 25.11
C HIS C 35 8.53 0.43 24.40
N LEU C 36 8.56 0.47 23.07
CA LEU C 36 8.96 -0.69 22.27
C LEU C 36 10.40 -1.09 22.55
N ILE C 37 11.23 -0.10 22.86
CA ILE C 37 12.63 -0.35 23.17
C ILE C 37 12.76 -1.14 24.47
N SER C 38 12.01 -0.73 25.49
CA SER C 38 12.01 -1.40 26.78
C SER C 38 11.48 -2.82 26.65
N GLU C 39 10.57 -3.03 25.72
CA GLU C 39 9.98 -4.35 25.48
C GLU C 39 10.95 -5.24 24.70
N GLU C 40 12.12 -4.69 24.38
CA GLU C 40 13.15 -5.41 23.64
C GLU C 40 12.67 -5.79 22.25
N LYS C 41 11.97 -4.87 21.58
CA LYS C 41 11.45 -5.11 20.25
C LYS C 41 11.84 -4.01 19.29
N ALA C 42 12.74 -3.13 19.73
CA ALA C 42 13.20 -2.02 18.91
C ALA C 42 14.56 -1.51 19.38
N SER C 43 15.22 -0.73 18.55
CA SER C 43 16.53 -0.20 18.89
C SER C 43 16.51 1.34 18.91
N HIS C 44 16.49 1.95 17.74
CA HIS C 44 16.46 3.41 17.65
C HIS C 44 15.06 3.91 17.35
N ILE C 45 14.76 5.13 17.77
CA ILE C 45 13.45 5.73 17.58
C ILE C 45 13.15 5.97 16.09
N SER C 46 14.18 6.39 15.36
CA SER C 46 14.04 6.67 13.94
C SER C 46 13.78 5.40 13.12
N GLU C 47 14.10 4.24 13.70
CA GLU C 47 13.90 2.98 13.01
C GLU C 47 12.47 2.50 13.16
N ILE C 48 11.77 3.08 14.12
CA ILE C 48 10.38 2.69 14.38
C ILE C 48 9.40 3.50 13.55
N LYS C 49 8.86 2.87 12.53
CA LYS C 49 7.90 3.51 11.64
C LYS C 49 6.49 3.04 12.00
N LEU C 50 5.81 3.81 12.82
CA LEU C 50 4.46 3.47 13.23
C LEU C 50 3.43 4.12 12.32
N LEU C 51 2.32 3.45 12.11
CA LEU C 51 1.27 3.95 11.24
C LEU C 51 -0.08 3.36 11.63
N LEU C 52 -1.14 4.02 11.20
CA LEU C 52 -2.49 3.56 11.47
C LEU C 52 -3.40 3.92 10.31
N LYS C 53 -3.92 2.90 9.63
CA LYS C 53 -4.83 3.09 8.49
C LYS C 53 -4.13 3.84 7.36
N GLY C 54 -2.82 3.65 7.25
CA GLY C 54 -2.06 4.31 6.21
C GLY C 54 -1.43 5.59 6.70
N LYS C 55 -2.10 6.24 7.63
CA LYS C 55 -1.61 7.49 8.18
C LYS C 55 -0.40 7.22 9.06
N VAL C 56 0.75 7.73 8.65
CA VAL C 56 1.98 7.55 9.41
C VAL C 56 1.85 8.26 10.75
N LEU C 57 2.10 7.53 11.82
CA LEU C 57 2.00 8.09 13.15
C LEU C 57 3.25 8.88 13.50
N HIS C 58 3.21 10.17 13.21
CA HIS C 58 4.33 11.06 13.47
C HIS C 58 4.47 11.24 14.98
N ASP C 59 5.71 11.36 15.45
CA ASP C 59 6.01 11.52 16.87
C ASP C 59 5.17 12.60 17.55
N ASN C 60 5.06 13.75 16.89
CA ASN C 60 4.30 14.87 17.42
C ASN C 60 2.80 14.73 17.19
N LEU C 61 2.25 13.61 17.64
CA LEU C 61 0.83 13.34 17.49
C LEU C 61 0.29 12.70 18.76
N PHE C 62 -0.78 13.26 19.29
CA PHE C 62 -1.38 12.75 20.51
C PHE C 62 -2.28 11.55 20.21
N LEU C 63 -2.38 10.65 21.18
CA LEU C 63 -3.18 9.44 21.03
C LEU C 63 -4.66 9.77 20.88
N SER C 64 -5.05 10.97 21.24
CA SER C 64 -6.43 11.42 21.15
C SER C 64 -6.85 11.59 19.69
N ASP C 65 -5.86 11.71 18.80
CA ASP C 65 -6.13 11.88 17.37
C ASP C 65 -6.05 10.54 16.64
N LEU C 66 -5.86 9.47 17.39
CA LEU C 66 -5.77 8.15 16.80
C LEU C 66 -7.16 7.64 16.44
N LYS C 67 -7.36 7.31 15.17
CA LYS C 67 -8.64 6.82 14.69
C LYS C 67 -8.77 5.31 14.97
N VAL C 68 -8.43 4.91 16.19
CA VAL C 68 -8.50 3.51 16.58
C VAL C 68 -9.89 3.12 17.06
N THR C 69 -10.51 2.23 16.31
CA THR C 69 -11.83 1.73 16.63
C THR C 69 -11.71 0.26 17.04
N PRO C 70 -12.73 -0.30 17.71
CA PRO C 70 -12.70 -1.71 18.14
C PRO C 70 -12.43 -2.68 16.98
N ALA C 71 -12.87 -2.32 15.78
CA ALA C 71 -12.68 -3.15 14.60
C ALA C 71 -11.23 -3.14 14.14
N ASN C 72 -10.47 -2.12 14.53
CA ASN C 72 -9.08 -2.01 14.13
C ASN C 72 -8.27 -1.16 15.11
N SER C 73 -7.98 -1.73 16.27
CA SER C 73 -7.22 -1.03 17.30
C SER C 73 -5.73 -1.42 17.22
N THR C 74 -5.38 -2.10 16.13
CA THR C 74 -4.02 -2.54 15.92
C THR C 74 -3.17 -1.49 15.21
N ILE C 75 -2.06 -1.14 15.83
CA ILE C 75 -1.13 -0.17 15.28
C ILE C 75 -0.07 -0.92 14.48
N THR C 76 0.10 -0.52 13.23
CA THR C 76 1.06 -1.16 12.36
C THR C 76 2.48 -0.75 12.72
N VAL C 77 3.25 -1.70 13.24
CA VAL C 77 4.63 -1.44 13.63
C VAL C 77 5.57 -1.91 12.53
N MET C 78 6.48 -1.03 12.13
CA MET C 78 7.45 -1.36 11.09
C MET C 78 8.83 -0.86 11.49
N ILE C 79 9.85 -1.64 11.16
CA ILE C 79 11.22 -1.26 11.48
C ILE C 79 12.01 -1.06 10.19
N LYS C 80 12.47 0.16 9.98
CA LYS C 80 13.24 0.48 8.79
C LYS C 80 14.54 1.17 9.18
N PRO C 81 15.68 0.55 8.84
CA PRO C 81 17.01 1.09 9.16
C PRO C 81 17.26 2.44 8.50
N ASN C 82 17.70 3.40 9.31
CA ASN C 82 18.00 4.77 8.85
C ASN C 82 16.74 5.52 8.45
#